data_1WPA
# 
_entry.id   1WPA 
# 
_audit_conform.dict_name       mmcif_pdbx.dic 
_audit_conform.dict_version    5.388 
_audit_conform.dict_location   http://mmcif.pdb.org/dictionaries/ascii/mmcif_pdbx.dic 
# 
loop_
_database_2.database_id 
_database_2.database_code 
_database_2.pdbx_database_accession 
_database_2.pdbx_DOI 
PDB   1WPA         pdb_00001wpa 10.2210/pdb1wpa/pdb 
RCSB  RCSB023843   ?            ?                   
WWPDB D_1000023843 ?            ?                   
# 
loop_
_pdbx_audit_revision_history.ordinal 
_pdbx_audit_revision_history.data_content_type 
_pdbx_audit_revision_history.major_revision 
_pdbx_audit_revision_history.minor_revision 
_pdbx_audit_revision_history.revision_date 
1 'Structure model' 1 0 2005-09-06 
2 'Structure model' 1 1 2008-04-30 
3 'Structure model' 1 2 2011-07-13 
4 'Structure model' 1 3 2014-09-17 
5 'Structure model' 1 4 2024-03-13 
# 
_pdbx_audit_revision_details.ordinal             1 
_pdbx_audit_revision_details.revision_ordinal    1 
_pdbx_audit_revision_details.data_content_type   'Structure model' 
_pdbx_audit_revision_details.provider            repository 
_pdbx_audit_revision_details.type                'Initial release' 
_pdbx_audit_revision_details.description         ? 
_pdbx_audit_revision_details.details             ? 
# 
loop_
_pdbx_audit_revision_group.ordinal 
_pdbx_audit_revision_group.revision_ordinal 
_pdbx_audit_revision_group.data_content_type 
_pdbx_audit_revision_group.group 
1 2 'Structure model' 'Version format compliance' 
2 3 'Structure model' 'Version format compliance' 
3 4 'Structure model' 'Database references'       
4 5 'Structure model' 'Data collection'           
5 5 'Structure model' 'Database references'       
# 
loop_
_pdbx_audit_revision_category.ordinal 
_pdbx_audit_revision_category.revision_ordinal 
_pdbx_audit_revision_category.data_content_type 
_pdbx_audit_revision_category.category 
1 5 'Structure model' chem_comp_atom     
2 5 'Structure model' chem_comp_bond     
3 5 'Structure model' database_2         
4 5 'Structure model' struct_ref_seq_dif 
# 
loop_
_pdbx_audit_revision_item.ordinal 
_pdbx_audit_revision_item.revision_ordinal 
_pdbx_audit_revision_item.data_content_type 
_pdbx_audit_revision_item.item 
1 5 'Structure model' '_database_2.pdbx_DOI'                
2 5 'Structure model' '_database_2.pdbx_database_accession' 
3 5 'Structure model' '_struct_ref_seq_dif.details'         
# 
_pdbx_database_status.status_code                     REL 
_pdbx_database_status.entry_id                        1WPA 
_pdbx_database_status.recvd_initial_deposition_date   2004-09-01 
_pdbx_database_status.deposit_site                    PDBJ 
_pdbx_database_status.process_site                    PDBJ 
_pdbx_database_status.status_code_sf                  REL 
_pdbx_database_status.status_code_mr                  ? 
_pdbx_database_status.SG_entry                        ? 
_pdbx_database_status.status_code_cs                  ? 
_pdbx_database_status.pdb_format_compatible           Y 
_pdbx_database_status.status_code_nmr_data            ? 
_pdbx_database_status.methods_development_category    ? 
# 
loop_
_audit_author.name 
_audit_author.pdbx_ordinal 
'Li, Y.'         1 
'Lavie, A.'      2 
'Fanning, A.S.'  3 
'Anderson, J.M.' 4 
# 
_citation.id                        primary 
_citation.title                     
'Structure of the conserved cytoplasmic C-terminal domain of occludin: identification of the ZO-1 binding surface.' 
_citation.journal_abbrev            J.Mol.Biol. 
_citation.journal_volume            352 
_citation.page_first                151 
_citation.page_last                 164 
_citation.year                      2005 
_citation.journal_id_ASTM           JMOBAK 
_citation.country                   UK 
_citation.journal_id_ISSN           0022-2836 
_citation.journal_id_CSD            0070 
_citation.book_publisher            ? 
_citation.pdbx_database_id_PubMed   16081103 
_citation.pdbx_database_id_DOI      10.1016/j.jmb.2005.07.017 
# 
loop_
_citation_author.citation_id 
_citation_author.name 
_citation_author.ordinal 
_citation_author.identifier_ORCID 
primary 'Li, Y.'         1 ? 
primary 'Fanning, A.S.'  2 ? 
primary 'Anderson, J.M.' 3 ? 
primary 'Lavie, A.'      4 ? 
# 
loop_
_entity.id 
_entity.type 
_entity.src_method 
_entity.pdbx_description 
_entity.formula_weight 
_entity.pdbx_number_of_molecules 
_entity.pdbx_ec 
_entity.pdbx_mutation 
_entity.pdbx_fragment 
_entity.details 
1 polymer man Occludin 13695.207 1   ? ? 'residues 413-522' ? 
2 water   nat water    18.015    106 ? ? ?                  ? 
# 
_entity_poly.entity_id                      1 
_entity_poly.type                           'polypeptide(L)' 
_entity_poly.nstd_linkage                   no 
_entity_poly.nstd_monomer                   no 
_entity_poly.pdbx_seq_one_letter_code       
;GSHMEEDWIREYPPITSDQQRQLYKRNFDTGLQEYKSLQSELDEINKELSRLDKELDDYREESEEYMAAADEYNRLKQVK
GSADYKSKKNHCKQLKSKLSHIKKMVGDYDRQKT
;
_entity_poly.pdbx_seq_one_letter_code_can   
;GSHMEEDWIREYPPITSDQQRQLYKRNFDTGLQEYKSLQSELDEINKELSRLDKELDDYREESEEYMAAADEYNRLKQVK
GSADYKSKKNHCKQLKSKLSHIKKMVGDYDRQKT
;
_entity_poly.pdbx_strand_id                 A 
_entity_poly.pdbx_target_identifier         ? 
# 
_pdbx_entity_nonpoly.entity_id   2 
_pdbx_entity_nonpoly.name        water 
_pdbx_entity_nonpoly.comp_id     HOH 
# 
loop_
_entity_poly_seq.entity_id 
_entity_poly_seq.num 
_entity_poly_seq.mon_id 
_entity_poly_seq.hetero 
1 1   GLY n 
1 2   SER n 
1 3   HIS n 
1 4   MET n 
1 5   GLU n 
1 6   GLU n 
1 7   ASP n 
1 8   TRP n 
1 9   ILE n 
1 10  ARG n 
1 11  GLU n 
1 12  TYR n 
1 13  PRO n 
1 14  PRO n 
1 15  ILE n 
1 16  THR n 
1 17  SER n 
1 18  ASP n 
1 19  GLN n 
1 20  GLN n 
1 21  ARG n 
1 22  GLN n 
1 23  LEU n 
1 24  TYR n 
1 25  LYS n 
1 26  ARG n 
1 27  ASN n 
1 28  PHE n 
1 29  ASP n 
1 30  THR n 
1 31  GLY n 
1 32  LEU n 
1 33  GLN n 
1 34  GLU n 
1 35  TYR n 
1 36  LYS n 
1 37  SER n 
1 38  LEU n 
1 39  GLN n 
1 40  SER n 
1 41  GLU n 
1 42  LEU n 
1 43  ASP n 
1 44  GLU n 
1 45  ILE n 
1 46  ASN n 
1 47  LYS n 
1 48  GLU n 
1 49  LEU n 
1 50  SER n 
1 51  ARG n 
1 52  LEU n 
1 53  ASP n 
1 54  LYS n 
1 55  GLU n 
1 56  LEU n 
1 57  ASP n 
1 58  ASP n 
1 59  TYR n 
1 60  ARG n 
1 61  GLU n 
1 62  GLU n 
1 63  SER n 
1 64  GLU n 
1 65  GLU n 
1 66  TYR n 
1 67  MET n 
1 68  ALA n 
1 69  ALA n 
1 70  ALA n 
1 71  ASP n 
1 72  GLU n 
1 73  TYR n 
1 74  ASN n 
1 75  ARG n 
1 76  LEU n 
1 77  LYS n 
1 78  GLN n 
1 79  VAL n 
1 80  LYS n 
1 81  GLY n 
1 82  SER n 
1 83  ALA n 
1 84  ASP n 
1 85  TYR n 
1 86  LYS n 
1 87  SER n 
1 88  LYS n 
1 89  LYS n 
1 90  ASN n 
1 91  HIS n 
1 92  CYS n 
1 93  LYS n 
1 94  GLN n 
1 95  LEU n 
1 96  LYS n 
1 97  SER n 
1 98  LYS n 
1 99  LEU n 
1 100 SER n 
1 101 HIS n 
1 102 ILE n 
1 103 LYS n 
1 104 LYS n 
1 105 MET n 
1 106 VAL n 
1 107 GLY n 
1 108 ASP n 
1 109 TYR n 
1 110 ASP n 
1 111 ARG n 
1 112 GLN n 
1 113 LYS n 
1 114 THR n 
# 
_entity_src_gen.entity_id                          1 
_entity_src_gen.pdbx_src_id                        1 
_entity_src_gen.pdbx_alt_source_flag               sample 
_entity_src_gen.pdbx_seq_type                      ? 
_entity_src_gen.pdbx_beg_seq_num                   ? 
_entity_src_gen.pdbx_end_seq_num                   ? 
_entity_src_gen.gene_src_common_name               human 
_entity_src_gen.gene_src_genus                     Homo 
_entity_src_gen.pdbx_gene_src_gene                 ? 
_entity_src_gen.gene_src_species                   ? 
_entity_src_gen.gene_src_strain                    ? 
_entity_src_gen.gene_src_tissue                    ? 
_entity_src_gen.gene_src_tissue_fraction           ? 
_entity_src_gen.gene_src_details                   ? 
_entity_src_gen.pdbx_gene_src_fragment             ? 
_entity_src_gen.pdbx_gene_src_scientific_name      'Homo sapiens' 
_entity_src_gen.pdbx_gene_src_ncbi_taxonomy_id     9606 
_entity_src_gen.pdbx_gene_src_variant              ? 
_entity_src_gen.pdbx_gene_src_cell_line            ? 
_entity_src_gen.pdbx_gene_src_atcc                 ? 
_entity_src_gen.pdbx_gene_src_organ                ? 
_entity_src_gen.pdbx_gene_src_organelle            ? 
_entity_src_gen.pdbx_gene_src_cell                 ? 
_entity_src_gen.pdbx_gene_src_cellular_location    ? 
_entity_src_gen.host_org_common_name               ? 
_entity_src_gen.pdbx_host_org_scientific_name      'Escherichia coli BL21(DE3)' 
_entity_src_gen.pdbx_host_org_ncbi_taxonomy_id     469008 
_entity_src_gen.host_org_genus                     Escherichia 
_entity_src_gen.pdbx_host_org_gene                 ? 
_entity_src_gen.pdbx_host_org_organ                ? 
_entity_src_gen.host_org_species                   'Escherichia coli' 
_entity_src_gen.pdbx_host_org_tissue               ? 
_entity_src_gen.pdbx_host_org_tissue_fraction      ? 
_entity_src_gen.pdbx_host_org_strain               'BL21(DE3)' 
_entity_src_gen.pdbx_host_org_variant              ? 
_entity_src_gen.pdbx_host_org_cell_line            ? 
_entity_src_gen.pdbx_host_org_atcc                 ? 
_entity_src_gen.pdbx_host_org_culture_collection   ? 
_entity_src_gen.pdbx_host_org_cell                 ? 
_entity_src_gen.pdbx_host_org_organelle            ? 
_entity_src_gen.pdbx_host_org_cellular_location    ? 
_entity_src_gen.pdbx_host_org_vector_type          plasmid 
_entity_src_gen.pdbx_host_org_vector               ? 
_entity_src_gen.host_org_details                   ? 
_entity_src_gen.expression_system_id               ? 
_entity_src_gen.plasmid_name                       pGEX4T 
_entity_src_gen.plasmid_details                    ? 
_entity_src_gen.pdbx_description                   ? 
# 
loop_
_chem_comp.id 
_chem_comp.type 
_chem_comp.mon_nstd_flag 
_chem_comp.name 
_chem_comp.pdbx_synonyms 
_chem_comp.formula 
_chem_comp.formula_weight 
ALA 'L-peptide linking' y ALANINE         ? 'C3 H7 N O2'     89.093  
ARG 'L-peptide linking' y ARGININE        ? 'C6 H15 N4 O2 1' 175.209 
ASN 'L-peptide linking' y ASPARAGINE      ? 'C4 H8 N2 O3'    132.118 
ASP 'L-peptide linking' y 'ASPARTIC ACID' ? 'C4 H7 N O4'     133.103 
CYS 'L-peptide linking' y CYSTEINE        ? 'C3 H7 N O2 S'   121.158 
GLN 'L-peptide linking' y GLUTAMINE       ? 'C5 H10 N2 O3'   146.144 
GLU 'L-peptide linking' y 'GLUTAMIC ACID' ? 'C5 H9 N O4'     147.129 
GLY 'peptide linking'   y GLYCINE         ? 'C2 H5 N O2'     75.067  
HIS 'L-peptide linking' y HISTIDINE       ? 'C6 H10 N3 O2 1' 156.162 
HOH non-polymer         . WATER           ? 'H2 O'           18.015  
ILE 'L-peptide linking' y ISOLEUCINE      ? 'C6 H13 N O2'    131.173 
LEU 'L-peptide linking' y LEUCINE         ? 'C6 H13 N O2'    131.173 
LYS 'L-peptide linking' y LYSINE          ? 'C6 H15 N2 O2 1' 147.195 
MET 'L-peptide linking' y METHIONINE      ? 'C5 H11 N O2 S'  149.211 
PHE 'L-peptide linking' y PHENYLALANINE   ? 'C9 H11 N O2'    165.189 
PRO 'L-peptide linking' y PROLINE         ? 'C5 H9 N O2'     115.130 
SER 'L-peptide linking' y SERINE          ? 'C3 H7 N O3'     105.093 
THR 'L-peptide linking' y THREONINE       ? 'C4 H9 N O3'     119.119 
TRP 'L-peptide linking' y TRYPTOPHAN      ? 'C11 H12 N2 O2'  204.225 
TYR 'L-peptide linking' y TYROSINE        ? 'C9 H11 N O3'    181.189 
VAL 'L-peptide linking' y VALINE          ? 'C5 H11 N O2'    117.146 
# 
loop_
_pdbx_poly_seq_scheme.asym_id 
_pdbx_poly_seq_scheme.entity_id 
_pdbx_poly_seq_scheme.seq_id 
_pdbx_poly_seq_scheme.mon_id 
_pdbx_poly_seq_scheme.ndb_seq_num 
_pdbx_poly_seq_scheme.pdb_seq_num 
_pdbx_poly_seq_scheme.auth_seq_num 
_pdbx_poly_seq_scheme.pdb_mon_id 
_pdbx_poly_seq_scheme.auth_mon_id 
_pdbx_poly_seq_scheme.pdb_strand_id 
_pdbx_poly_seq_scheme.pdb_ins_code 
_pdbx_poly_seq_scheme.hetero 
A 1 1   GLY 1   409 ?   ?   ?   A . n 
A 1 2   SER 2   410 ?   ?   ?   A . n 
A 1 3   HIS 3   411 ?   ?   ?   A . n 
A 1 4   MET 4   412 ?   ?   ?   A . n 
A 1 5   GLU 5   413 ?   ?   ?   A . n 
A 1 6   GLU 6   414 ?   ?   ?   A . n 
A 1 7   ASP 7   415 ?   ?   ?   A . n 
A 1 8   TRP 8   416 416 TRP TRP A . n 
A 1 9   ILE 9   417 417 ILE ILE A . n 
A 1 10  ARG 10  418 418 ARG ARG A . n 
A 1 11  GLU 11  419 419 GLU GLU A . n 
A 1 12  TYR 12  420 420 TYR TYR A . n 
A 1 13  PRO 13  421 421 PRO PRO A . n 
A 1 14  PRO 14  422 422 PRO PRO A . n 
A 1 15  ILE 15  423 423 ILE ILE A . n 
A 1 16  THR 16  424 424 THR THR A . n 
A 1 17  SER 17  425 425 SER SER A . n 
A 1 18  ASP 18  426 426 ASP ASP A . n 
A 1 19  GLN 19  427 427 GLN GLN A . n 
A 1 20  GLN 20  428 428 GLN GLN A . n 
A 1 21  ARG 21  429 429 ARG ARG A . n 
A 1 22  GLN 22  430 430 GLN GLN A . n 
A 1 23  LEU 23  431 431 LEU LEU A . n 
A 1 24  TYR 24  432 432 TYR TYR A . n 
A 1 25  LYS 25  433 433 LYS LYS A . n 
A 1 26  ARG 26  434 434 ARG ARG A . n 
A 1 27  ASN 27  435 435 ASN ASN A . n 
A 1 28  PHE 28  436 436 PHE PHE A . n 
A 1 29  ASP 29  437 437 ASP ASP A . n 
A 1 30  THR 30  438 438 THR THR A . n 
A 1 31  GLY 31  439 439 GLY GLY A . n 
A 1 32  LEU 32  440 440 LEU LEU A . n 
A 1 33  GLN 33  441 441 GLN GLN A . n 
A 1 34  GLU 34  442 442 GLU GLU A . n 
A 1 35  TYR 35  443 443 TYR TYR A . n 
A 1 36  LYS 36  444 444 LYS LYS A . n 
A 1 37  SER 37  445 445 SER SER A . n 
A 1 38  LEU 38  446 446 LEU LEU A . n 
A 1 39  GLN 39  447 447 GLN GLN A . n 
A 1 40  SER 40  448 448 SER SER A . n 
A 1 41  GLU 41  449 449 GLU GLU A . n 
A 1 42  LEU 42  450 450 LEU LEU A . n 
A 1 43  ASP 43  451 451 ASP ASP A . n 
A 1 44  GLU 44  452 452 GLU GLU A . n 
A 1 45  ILE 45  453 453 ILE ILE A . n 
A 1 46  ASN 46  454 454 ASN ASN A . n 
A 1 47  LYS 47  455 455 LYS LYS A . n 
A 1 48  GLU 48  456 456 GLU GLU A . n 
A 1 49  LEU 49  457 457 LEU LEU A . n 
A 1 50  SER 50  458 458 SER SER A . n 
A 1 51  ARG 51  459 459 ARG ARG A . n 
A 1 52  LEU 52  460 460 LEU LEU A . n 
A 1 53  ASP 53  461 461 ASP ASP A . n 
A 1 54  LYS 54  462 462 LYS LYS A . n 
A 1 55  GLU 55  463 463 GLU GLU A . n 
A 1 56  LEU 56  464 464 LEU LEU A . n 
A 1 57  ASP 57  465 465 ASP ASP A . n 
A 1 58  ASP 58  466 466 ASP ASP A . n 
A 1 59  TYR 59  467 467 TYR TYR A . n 
A 1 60  ARG 60  468 468 ARG ARG A . n 
A 1 61  GLU 61  469 469 GLU GLU A . n 
A 1 62  GLU 62  470 470 GLU GLU A . n 
A 1 63  SER 63  471 471 SER SER A . n 
A 1 64  GLU 64  472 472 GLU GLU A . n 
A 1 65  GLU 65  473 473 GLU GLU A . n 
A 1 66  TYR 66  474 474 TYR TYR A . n 
A 1 67  MET 67  475 475 MET MET A . n 
A 1 68  ALA 68  476 476 ALA ALA A . n 
A 1 69  ALA 69  477 477 ALA ALA A . n 
A 1 70  ALA 70  478 478 ALA ALA A . n 
A 1 71  ASP 71  479 479 ASP ASP A . n 
A 1 72  GLU 72  480 480 GLU GLU A . n 
A 1 73  TYR 73  481 481 TYR TYR A . n 
A 1 74  ASN 74  482 482 ASN ASN A . n 
A 1 75  ARG 75  483 483 ARG ARG A . n 
A 1 76  LEU 76  484 484 LEU LEU A . n 
A 1 77  LYS 77  485 485 LYS LYS A . n 
A 1 78  GLN 78  486 486 GLN GLN A . n 
A 1 79  VAL 79  487 487 VAL VAL A . n 
A 1 80  LYS 80  488 488 LYS LYS A . n 
A 1 81  GLY 81  489 489 GLY GLY A . n 
A 1 82  SER 82  490 490 SER SER A . n 
A 1 83  ALA 83  491 491 ALA ALA A . n 
A 1 84  ASP 84  492 492 ASP ASP A . n 
A 1 85  TYR 85  493 493 TYR TYR A . n 
A 1 86  LYS 86  494 494 LYS LYS A . n 
A 1 87  SER 87  495 495 SER SER A . n 
A 1 88  LYS 88  496 496 LYS LYS A . n 
A 1 89  LYS 89  497 497 LYS LYS A . n 
A 1 90  ASN 90  498 498 ASN ASN A . n 
A 1 91  HIS 91  499 499 HIS HIS A . n 
A 1 92  CYS 92  500 500 CYS CYS A . n 
A 1 93  LYS 93  501 501 LYS LYS A . n 
A 1 94  GLN 94  502 502 GLN GLN A . n 
A 1 95  LEU 95  503 503 LEU LEU A . n 
A 1 96  LYS 96  504 504 LYS LYS A . n 
A 1 97  SER 97  505 505 SER SER A . n 
A 1 98  LYS 98  506 506 LYS LYS A . n 
A 1 99  LEU 99  507 507 LEU LEU A . n 
A 1 100 SER 100 508 508 SER SER A . n 
A 1 101 HIS 101 509 509 HIS HIS A . n 
A 1 102 ILE 102 510 510 ILE ILE A . n 
A 1 103 LYS 103 511 511 LYS LYS A . n 
A 1 104 LYS 104 512 512 LYS LYS A . n 
A 1 105 MET 105 513 513 MET MET A . n 
A 1 106 VAL 106 514 514 VAL VAL A . n 
A 1 107 GLY 107 515 515 GLY GLY A . n 
A 1 108 ASP 108 516 516 ASP ASP A . n 
A 1 109 TYR 109 517 517 TYR TYR A . n 
A 1 110 ASP 110 518 518 ASP ASP A . n 
A 1 111 ARG 111 519 519 ARG ARG A . n 
A 1 112 GLN 112 520 520 GLN GLN A . n 
A 1 113 LYS 113 521 521 LYS LYS A . n 
A 1 114 THR 114 522 522 THR THR A . n 
# 
loop_
_pdbx_nonpoly_scheme.asym_id 
_pdbx_nonpoly_scheme.entity_id 
_pdbx_nonpoly_scheme.mon_id 
_pdbx_nonpoly_scheme.ndb_seq_num 
_pdbx_nonpoly_scheme.pdb_seq_num 
_pdbx_nonpoly_scheme.auth_seq_num 
_pdbx_nonpoly_scheme.pdb_mon_id 
_pdbx_nonpoly_scheme.auth_mon_id 
_pdbx_nonpoly_scheme.pdb_strand_id 
_pdbx_nonpoly_scheme.pdb_ins_code 
B 2 HOH 1   1   1   HOH WAT A . 
B 2 HOH 2   2   2   HOH WAT A . 
B 2 HOH 3   3   3   HOH WAT A . 
B 2 HOH 4   4   4   HOH WAT A . 
B 2 HOH 5   5   5   HOH WAT A . 
B 2 HOH 6   6   6   HOH WAT A . 
B 2 HOH 7   7   7   HOH WAT A . 
B 2 HOH 8   8   8   HOH WAT A . 
B 2 HOH 9   9   9   HOH WAT A . 
B 2 HOH 10  10  10  HOH WAT A . 
B 2 HOH 11  11  11  HOH WAT A . 
B 2 HOH 12  12  12  HOH WAT A . 
B 2 HOH 13  13  13  HOH WAT A . 
B 2 HOH 14  14  14  HOH WAT A . 
B 2 HOH 15  15  15  HOH WAT A . 
B 2 HOH 16  16  16  HOH WAT A . 
B 2 HOH 17  17  17  HOH WAT A . 
B 2 HOH 18  18  18  HOH WAT A . 
B 2 HOH 19  19  19  HOH WAT A . 
B 2 HOH 20  20  20  HOH WAT A . 
B 2 HOH 21  21  21  HOH WAT A . 
B 2 HOH 22  22  22  HOH WAT A . 
B 2 HOH 23  23  23  HOH WAT A . 
B 2 HOH 24  24  24  HOH WAT A . 
B 2 HOH 25  25  25  HOH WAT A . 
B 2 HOH 26  26  26  HOH WAT A . 
B 2 HOH 27  27  27  HOH WAT A . 
B 2 HOH 28  28  28  HOH WAT A . 
B 2 HOH 29  29  29  HOH WAT A . 
B 2 HOH 30  30  30  HOH WAT A . 
B 2 HOH 31  31  31  HOH WAT A . 
B 2 HOH 32  32  32  HOH WAT A . 
B 2 HOH 33  33  33  HOH WAT A . 
B 2 HOH 34  34  34  HOH WAT A . 
B 2 HOH 35  35  35  HOH WAT A . 
B 2 HOH 36  36  36  HOH WAT A . 
B 2 HOH 37  37  37  HOH WAT A . 
B 2 HOH 38  38  38  HOH WAT A . 
B 2 HOH 39  39  39  HOH WAT A . 
B 2 HOH 40  40  40  HOH WAT A . 
B 2 HOH 41  41  41  HOH WAT A . 
B 2 HOH 42  42  42  HOH WAT A . 
B 2 HOH 43  43  43  HOH WAT A . 
B 2 HOH 44  44  44  HOH WAT A . 
B 2 HOH 45  45  45  HOH WAT A . 
B 2 HOH 46  46  46  HOH WAT A . 
B 2 HOH 47  47  47  HOH WAT A . 
B 2 HOH 48  48  48  HOH WAT A . 
B 2 HOH 49  49  49  HOH WAT A . 
B 2 HOH 50  50  50  HOH WAT A . 
B 2 HOH 51  51  51  HOH WAT A . 
B 2 HOH 52  52  52  HOH WAT A . 
B 2 HOH 53  53  53  HOH WAT A . 
B 2 HOH 54  54  54  HOH WAT A . 
B 2 HOH 55  55  55  HOH WAT A . 
B 2 HOH 56  56  56  HOH WAT A . 
B 2 HOH 57  57  57  HOH WAT A . 
B 2 HOH 58  58  58  HOH WAT A . 
B 2 HOH 59  59  59  HOH WAT A . 
B 2 HOH 60  60  60  HOH WAT A . 
B 2 HOH 61  61  61  HOH WAT A . 
B 2 HOH 62  62  62  HOH WAT A . 
B 2 HOH 63  63  63  HOH WAT A . 
B 2 HOH 64  64  64  HOH WAT A . 
B 2 HOH 65  65  65  HOH WAT A . 
B 2 HOH 66  66  66  HOH WAT A . 
B 2 HOH 67  67  67  HOH WAT A . 
B 2 HOH 68  68  68  HOH WAT A . 
B 2 HOH 69  69  69  HOH WAT A . 
B 2 HOH 70  70  70  HOH WAT A . 
B 2 HOH 71  71  71  HOH WAT A . 
B 2 HOH 72  72  72  HOH WAT A . 
B 2 HOH 73  73  73  HOH WAT A . 
B 2 HOH 74  74  74  HOH WAT A . 
B 2 HOH 75  75  75  HOH WAT A . 
B 2 HOH 76  76  76  HOH WAT A . 
B 2 HOH 77  77  77  HOH WAT A . 
B 2 HOH 78  78  78  HOH WAT A . 
B 2 HOH 79  79  79  HOH WAT A . 
B 2 HOH 80  80  80  HOH WAT A . 
B 2 HOH 81  81  81  HOH WAT A . 
B 2 HOH 82  82  82  HOH WAT A . 
B 2 HOH 83  83  83  HOH WAT A . 
B 2 HOH 84  84  84  HOH WAT A . 
B 2 HOH 85  85  85  HOH WAT A . 
B 2 HOH 86  86  86  HOH WAT A . 
B 2 HOH 87  87  87  HOH WAT A . 
B 2 HOH 88  88  88  HOH WAT A . 
B 2 HOH 89  89  89  HOH WAT A . 
B 2 HOH 90  90  90  HOH WAT A . 
B 2 HOH 91  91  91  HOH WAT A . 
B 2 HOH 92  92  92  HOH WAT A . 
B 2 HOH 93  93  93  HOH WAT A . 
B 2 HOH 94  94  94  HOH WAT A . 
B 2 HOH 95  95  95  HOH WAT A . 
B 2 HOH 96  96  96  HOH WAT A . 
B 2 HOH 97  97  97  HOH WAT A . 
B 2 HOH 98  98  98  HOH WAT A . 
B 2 HOH 99  99  99  HOH WAT A . 
B 2 HOH 100 100 100 HOH WAT A . 
B 2 HOH 101 101 101 HOH WAT A . 
B 2 HOH 102 102 102 HOH WAT A . 
B 2 HOH 103 103 103 HOH WAT A . 
B 2 HOH 104 104 104 HOH WAT A . 
B 2 HOH 105 105 105 HOH WAT A . 
B 2 HOH 106 106 106 HOH WAT A . 
# 
_software.name             CNS 
_software.classification   refinement 
_software.version          . 
_software.citation_id      ? 
_software.pdbx_ordinal     1 
# 
_cell.entry_id           1WPA 
_cell.length_a           33.020 
_cell.length_b           35.310 
_cell.length_c           107.820 
_cell.angle_alpha        90.00 
_cell.angle_beta         90.00 
_cell.angle_gamma        90.00 
_cell.Z_PDB              4 
_cell.pdbx_unique_axis   ? 
# 
_symmetry.entry_id                         1WPA 
_symmetry.space_group_name_H-M             'P 21 21 21' 
_symmetry.pdbx_full_space_group_name_H-M   ? 
_symmetry.cell_setting                     ? 
_symmetry.Int_Tables_number                19 
_symmetry.space_group_name_Hall            ? 
# 
_exptl.entry_id          1WPA 
_exptl.method            'X-RAY DIFFRACTION' 
_exptl.crystals_number   1 
# 
_exptl_crystal.id                    1 
_exptl_crystal.density_meas          ? 
_exptl_crystal.density_Matthews      2.63 
_exptl_crystal.density_percent_sol   53 
_exptl_crystal.description           ? 
_exptl_crystal.F_000                 ? 
_exptl_crystal.preparation           ? 
# 
_exptl_crystal_grow.crystal_id      1 
_exptl_crystal_grow.method          EVAPORATION 
_exptl_crystal_grow.temp            293 
_exptl_crystal_grow.temp_details    ? 
_exptl_crystal_grow.pH              5.6 
_exptl_crystal_grow.pdbx_details    'ammonium sulfate, pH 5.6, EVAPORATION, temperature 293K' 
_exptl_crystal_grow.pdbx_pH_range   . 
# 
loop_
_diffrn.id 
_diffrn.ambient_temp 
_diffrn.ambient_temp_details 
_diffrn.crystal_id 
1 100 ? 1 
2 ?   ? 1 
# 
_diffrn_detector.diffrn_id              1 
_diffrn_detector.detector               CCD 
_diffrn_detector.type                   'ADSC QUANTUM 4' 
_diffrn_detector.pdbx_collection_date   2002-03-22 
_diffrn_detector.details                ? 
# 
_diffrn_radiation.diffrn_id                        1 
_diffrn_radiation.wavelength_id                    1 
_diffrn_radiation.pdbx_monochromatic_or_laue_m_l   M 
_diffrn_radiation.monochromator                    GRAPHITE 
_diffrn_radiation.pdbx_diffrn_protocol             'SINGLE WAVELENGTH' 
_diffrn_radiation.pdbx_scattering_type             x-ray 
# 
_diffrn_radiation_wavelength.id           1 
_diffrn_radiation_wavelength.wavelength   1.0 
_diffrn_radiation_wavelength.wt           1.0 
# 
_diffrn_source.diffrn_id                   1 
_diffrn_source.source                      SYNCHROTRON 
_diffrn_source.type                        'APS BEAMLINE 14-BM-D' 
_diffrn_source.pdbx_synchrotron_site       APS 
_diffrn_source.pdbx_synchrotron_beamline   14-BM-D 
_diffrn_source.pdbx_wavelength             ? 
_diffrn_source.pdbx_wavelength_list        1.0 
# 
_reflns.entry_id                     1WPA 
_reflns.observed_criterion_sigma_F   0.0 
_reflns.observed_criterion_sigma_I   -3.0 
_reflns.d_resolution_high            1.5 
_reflns.d_resolution_low             20.0 
_reflns.number_all                   21026 
_reflns.number_obs                   20588 
_reflns.percent_possible_obs         97.9 
_reflns.pdbx_Rmerge_I_obs            ? 
_reflns.pdbx_Rsym_value              ? 
_reflns.pdbx_netI_over_sigmaI        ? 
_reflns.B_iso_Wilson_estimate        ? 
_reflns.pdbx_redundancy              ? 
_reflns.R_free_details               ? 
_reflns.limit_h_max                  ? 
_reflns.limit_h_min                  ? 
_reflns.limit_k_max                  ? 
_reflns.limit_k_min                  ? 
_reflns.limit_l_max                  ? 
_reflns.limit_l_min                  ? 
_reflns.observed_criterion_F_max     ? 
_reflns.observed_criterion_F_min     ? 
_reflns.pdbx_chi_squared             ? 
_reflns.pdbx_scaling_rejects         ? 
_reflns.pdbx_ordinal                 1 
_reflns.pdbx_diffrn_id               1 
# 
_reflns_shell.d_res_high             1.50 
_reflns_shell.d_res_low              1.58 
_reflns_shell.percent_possible_all   90.6 
_reflns_shell.Rmerge_I_obs           ? 
_reflns_shell.pdbx_Rsym_value        ? 
_reflns_shell.meanI_over_sigI_obs    ? 
_reflns_shell.pdbx_redundancy        ? 
_reflns_shell.percent_possible_obs   ? 
_reflns_shell.number_unique_all      ? 
_reflns_shell.number_measured_all    ? 
_reflns_shell.number_measured_obs    ? 
_reflns_shell.number_unique_obs      ? 
_reflns_shell.pdbx_chi_squared       ? 
_reflns_shell.pdbx_ordinal           1 
_reflns_shell.pdbx_diffrn_id         1 
# 
_refine.entry_id                                 1WPA 
_refine.ls_d_res_high                            1.5 
_refine.ls_d_res_low                             20.0 
_refine.pdbx_ls_sigma_F                          0.0 
_refine.pdbx_ls_sigma_I                          ? 
_refine.ls_number_reflns_all                     20942 
_refine.ls_number_reflns_obs                     20564 
_refine.ls_number_reflns_R_free                  1064 
_refine.ls_percent_reflns_obs                    ? 
_refine.ls_R_factor_all                          0.243 
_refine.ls_R_factor_obs                          0.24 
_refine.ls_R_factor_R_work                       0.237 
_refine.ls_R_factor_R_free                       0.258 
_refine.ls_redundancy_reflns_obs                 ? 
_refine.pdbx_data_cutoff_high_absF               ? 
_refine.pdbx_data_cutoff_low_absF                ? 
_refine.ls_number_parameters                     ? 
_refine.ls_number_restraints                     ? 
_refine.ls_percent_reflns_R_free                 ? 
_refine.ls_R_factor_R_free_error                 ? 
_refine.ls_R_factor_R_free_error_details         ? 
_refine.pdbx_method_to_determine_struct          'MOLECULAR REPLACEMENT' 
_refine.pdbx_starting_model                      ? 
_refine.pdbx_ls_cross_valid_method               ? 
_refine.pdbx_R_Free_selection_details            random 
_refine.pdbx_stereochem_target_val_spec_case     ? 
_refine.pdbx_stereochemistry_target_values       'Engh & Huber' 
_refine.solvent_model_details                    ? 
_refine.solvent_model_param_bsol                 ? 
_refine.solvent_model_param_ksol                 ? 
_refine.occupancy_max                            ? 
_refine.occupancy_min                            ? 
_refine.pdbx_isotropic_thermal_model             ? 
_refine.B_iso_mean                               ? 
_refine.aniso_B[1][1]                            ? 
_refine.aniso_B[1][2]                            ? 
_refine.aniso_B[1][3]                            ? 
_refine.aniso_B[2][2]                            ? 
_refine.aniso_B[2][3]                            ? 
_refine.aniso_B[3][3]                            ? 
_refine.details                                  ? 
_refine.B_iso_min                                ? 
_refine.B_iso_max                                ? 
_refine.correlation_coeff_Fo_to_Fc               ? 
_refine.correlation_coeff_Fo_to_Fc_free          ? 
_refine.pdbx_solvent_vdw_probe_radii             ? 
_refine.pdbx_solvent_ion_probe_radii             ? 
_refine.pdbx_solvent_shrinkage_radii             ? 
_refine.overall_SU_R_Cruickshank_DPI             ? 
_refine.overall_SU_R_free                        ? 
_refine.overall_SU_B                             ? 
_refine.overall_SU_ML                            ? 
_refine.pdbx_overall_ESU_R                       ? 
_refine.pdbx_overall_ESU_R_Free                  ? 
_refine.pdbx_data_cutoff_high_rms_absF           ? 
_refine.ls_wR_factor_R_free                      ? 
_refine.ls_wR_factor_R_work                      ? 
_refine.overall_FOM_free_R_set                   ? 
_refine.overall_FOM_work_R_set                   ? 
_refine.pdbx_refine_id                           'X-RAY DIFFRACTION' 
_refine.pdbx_diffrn_id                           1 
_refine.pdbx_TLS_residual_ADP_flag               ? 
_refine.pdbx_overall_phase_error                 ? 
_refine.pdbx_overall_SU_R_free_Cruickshank_DPI   ? 
_refine.pdbx_overall_SU_R_Blow_DPI               ? 
_refine.pdbx_overall_SU_R_free_Blow_DPI          ? 
# 
_refine_hist.pdbx_refine_id                   'X-RAY DIFFRACTION' 
_refine_hist.cycle_id                         LAST 
_refine_hist.pdbx_number_atoms_protein        906 
_refine_hist.pdbx_number_atoms_nucleic_acid   0 
_refine_hist.pdbx_number_atoms_ligand         0 
_refine_hist.number_atoms_solvent             106 
_refine_hist.number_atoms_total               1012 
_refine_hist.d_res_high                       1.5 
_refine_hist.d_res_low                        20.0 
# 
_struct.entry_id                  1WPA 
_struct.title                     '1.5 Angstrom crystal structure of human occludin fragment 413-522' 
_struct.pdbx_model_details        ? 
_struct.pdbx_CASP_flag            ? 
_struct.pdbx_model_type_details   ? 
# 
_struct_keywords.entry_id        1WPA 
_struct_keywords.pdbx_keywords   'CELL ADHESION' 
_struct_keywords.text            'occludin, coiled-coil, ZO-1 binding, transmembrane protein, CELL ADHESION' 
# 
loop_
_struct_asym.id 
_struct_asym.pdbx_blank_PDB_chainid_flag 
_struct_asym.pdbx_modified 
_struct_asym.entity_id 
_struct_asym.details 
A N N 1 ? 
B N N 2 ? 
# 
_struct_ref.id                         1 
_struct_ref.db_name                    UNP 
_struct_ref.db_code                    OCLN_HUMAN 
_struct_ref.pdbx_db_accession          Q16625 
_struct_ref.entity_id                  1 
_struct_ref.pdbx_seq_one_letter_code   
;EEDWIREYPPITSDQQRQLYKRNFDTGLQEYKSLQSELDEINKELSRLDKELDDYREESEEYMAAADEYNRLKQVKGSAD
YKSKKNHCKQLKSKLSHIKKMVGDYDRQKT
;
_struct_ref.pdbx_align_begin           413 
_struct_ref.pdbx_db_isoform            ? 
# 
_struct_ref_seq.align_id                      1 
_struct_ref_seq.ref_id                        1 
_struct_ref_seq.pdbx_PDB_id_code              1WPA 
_struct_ref_seq.pdbx_strand_id                A 
_struct_ref_seq.seq_align_beg                 5 
_struct_ref_seq.pdbx_seq_align_beg_ins_code   ? 
_struct_ref_seq.seq_align_end                 114 
_struct_ref_seq.pdbx_seq_align_end_ins_code   ? 
_struct_ref_seq.pdbx_db_accession             Q16625 
_struct_ref_seq.db_align_beg                  413 
_struct_ref_seq.pdbx_db_align_beg_ins_code    ? 
_struct_ref_seq.db_align_end                  522 
_struct_ref_seq.pdbx_db_align_end_ins_code    ? 
_struct_ref_seq.pdbx_auth_seq_align_beg       413 
_struct_ref_seq.pdbx_auth_seq_align_end       522 
# 
loop_
_struct_ref_seq_dif.align_id 
_struct_ref_seq_dif.pdbx_pdb_id_code 
_struct_ref_seq_dif.mon_id 
_struct_ref_seq_dif.pdbx_pdb_strand_id 
_struct_ref_seq_dif.seq_num 
_struct_ref_seq_dif.pdbx_pdb_ins_code 
_struct_ref_seq_dif.pdbx_seq_db_name 
_struct_ref_seq_dif.pdbx_seq_db_accession_code 
_struct_ref_seq_dif.db_mon_id 
_struct_ref_seq_dif.pdbx_seq_db_seq_num 
_struct_ref_seq_dif.details 
_struct_ref_seq_dif.pdbx_auth_seq_num 
_struct_ref_seq_dif.pdbx_ordinal 
1 1WPA GLY A 1 ? UNP Q16625 ? ? 'cloning artifact' 409 1 
1 1WPA SER A 2 ? UNP Q16625 ? ? 'cloning artifact' 410 2 
1 1WPA HIS A 3 ? UNP Q16625 ? ? 'cloning artifact' 411 3 
1 1WPA MET A 4 ? UNP Q16625 ? ? 'cloning artifact' 412 4 
# 
_pdbx_struct_assembly.id                   1 
_pdbx_struct_assembly.details              author_defined_assembly 
_pdbx_struct_assembly.method_details       ? 
_pdbx_struct_assembly.oligomeric_details   monomeric 
_pdbx_struct_assembly.oligomeric_count     1 
# 
_pdbx_struct_assembly_gen.assembly_id       1 
_pdbx_struct_assembly_gen.oper_expression   1 
_pdbx_struct_assembly_gen.asym_id_list      A,B 
# 
_pdbx_struct_oper_list.id                   1 
_pdbx_struct_oper_list.type                 'identity operation' 
_pdbx_struct_oper_list.name                 1_555 
_pdbx_struct_oper_list.symmetry_operation   x,y,z 
_pdbx_struct_oper_list.matrix[1][1]         1.0000000000 
_pdbx_struct_oper_list.matrix[1][2]         0.0000000000 
_pdbx_struct_oper_list.matrix[1][3]         0.0000000000 
_pdbx_struct_oper_list.vector[1]            0.0000000000 
_pdbx_struct_oper_list.matrix[2][1]         0.0000000000 
_pdbx_struct_oper_list.matrix[2][2]         1.0000000000 
_pdbx_struct_oper_list.matrix[2][3]         0.0000000000 
_pdbx_struct_oper_list.vector[2]            0.0000000000 
_pdbx_struct_oper_list.matrix[3][1]         0.0000000000 
_pdbx_struct_oper_list.matrix[3][2]         0.0000000000 
_pdbx_struct_oper_list.matrix[3][3]         1.0000000000 
_pdbx_struct_oper_list.vector[3]            0.0000000000 
# 
_struct_biol.id   1 
# 
loop_
_struct_conf.conf_type_id 
_struct_conf.id 
_struct_conf.pdbx_PDB_helix_id 
_struct_conf.beg_label_comp_id 
_struct_conf.beg_label_asym_id 
_struct_conf.beg_label_seq_id 
_struct_conf.pdbx_beg_PDB_ins_code 
_struct_conf.end_label_comp_id 
_struct_conf.end_label_asym_id 
_struct_conf.end_label_seq_id 
_struct_conf.pdbx_end_PDB_ins_code 
_struct_conf.beg_auth_comp_id 
_struct_conf.beg_auth_asym_id 
_struct_conf.beg_auth_seq_id 
_struct_conf.end_auth_comp_id 
_struct_conf.end_auth_asym_id 
_struct_conf.end_auth_seq_id 
_struct_conf.pdbx_PDB_helix_class 
_struct_conf.details 
_struct_conf.pdbx_PDB_helix_length 
HELX_P HELX_P1 1 SER A 17 ? TYR A 59  ? SER A 425 TYR A 467 1 ? 43 
HELX_P HELX_P2 2 SER A 63 ? GLY A 81  ? SER A 471 GLY A 489 1 ? 19 
HELX_P HELX_P3 3 SER A 82 ? THR A 114 ? SER A 490 THR A 522 1 ? 33 
# 
_struct_conf_type.id          HELX_P 
_struct_conf_type.criteria    ? 
_struct_conf_type.reference   ? 
# 
_pdbx_validate_symm_contact.id                1 
_pdbx_validate_symm_contact.PDB_model_num     1 
_pdbx_validate_symm_contact.auth_atom_id_1    NE2 
_pdbx_validate_symm_contact.auth_asym_id_1    A 
_pdbx_validate_symm_contact.auth_comp_id_1    GLN 
_pdbx_validate_symm_contact.auth_seq_id_1     427 
_pdbx_validate_symm_contact.PDB_ins_code_1    ? 
_pdbx_validate_symm_contact.label_alt_id_1    ? 
_pdbx_validate_symm_contact.site_symmetry_1   1_555 
_pdbx_validate_symm_contact.auth_atom_id_2    OE1 
_pdbx_validate_symm_contact.auth_asym_id_2    A 
_pdbx_validate_symm_contact.auth_comp_id_2    GLU 
_pdbx_validate_symm_contact.auth_seq_id_2     472 
_pdbx_validate_symm_contact.PDB_ins_code_2    ? 
_pdbx_validate_symm_contact.label_alt_id_2    ? 
_pdbx_validate_symm_contact.site_symmetry_2   4_565 
_pdbx_validate_symm_contact.dist              2.19 
# 
loop_
_pdbx_unobs_or_zero_occ_residues.id 
_pdbx_unobs_or_zero_occ_residues.PDB_model_num 
_pdbx_unobs_or_zero_occ_residues.polymer_flag 
_pdbx_unobs_or_zero_occ_residues.occupancy_flag 
_pdbx_unobs_or_zero_occ_residues.auth_asym_id 
_pdbx_unobs_or_zero_occ_residues.auth_comp_id 
_pdbx_unobs_or_zero_occ_residues.auth_seq_id 
_pdbx_unobs_or_zero_occ_residues.PDB_ins_code 
_pdbx_unobs_or_zero_occ_residues.label_asym_id 
_pdbx_unobs_or_zero_occ_residues.label_comp_id 
_pdbx_unobs_or_zero_occ_residues.label_seq_id 
1 1 Y 1 A GLY 409 ? A GLY 1 
2 1 Y 1 A SER 410 ? A SER 2 
3 1 Y 1 A HIS 411 ? A HIS 3 
4 1 Y 1 A MET 412 ? A MET 4 
5 1 Y 1 A GLU 413 ? A GLU 5 
6 1 Y 1 A GLU 414 ? A GLU 6 
7 1 Y 1 A ASP 415 ? A ASP 7 
# 
loop_
_chem_comp_atom.comp_id 
_chem_comp_atom.atom_id 
_chem_comp_atom.type_symbol 
_chem_comp_atom.pdbx_aromatic_flag 
_chem_comp_atom.pdbx_stereo_config 
_chem_comp_atom.pdbx_ordinal 
ALA N    N N N 1   
ALA CA   C N S 2   
ALA C    C N N 3   
ALA O    O N N 4   
ALA CB   C N N 5   
ALA OXT  O N N 6   
ALA H    H N N 7   
ALA H2   H N N 8   
ALA HA   H N N 9   
ALA HB1  H N N 10  
ALA HB2  H N N 11  
ALA HB3  H N N 12  
ALA HXT  H N N 13  
ARG N    N N N 14  
ARG CA   C N S 15  
ARG C    C N N 16  
ARG O    O N N 17  
ARG CB   C N N 18  
ARG CG   C N N 19  
ARG CD   C N N 20  
ARG NE   N N N 21  
ARG CZ   C N N 22  
ARG NH1  N N N 23  
ARG NH2  N N N 24  
ARG OXT  O N N 25  
ARG H    H N N 26  
ARG H2   H N N 27  
ARG HA   H N N 28  
ARG HB2  H N N 29  
ARG HB3  H N N 30  
ARG HG2  H N N 31  
ARG HG3  H N N 32  
ARG HD2  H N N 33  
ARG HD3  H N N 34  
ARG HE   H N N 35  
ARG HH11 H N N 36  
ARG HH12 H N N 37  
ARG HH21 H N N 38  
ARG HH22 H N N 39  
ARG HXT  H N N 40  
ASN N    N N N 41  
ASN CA   C N S 42  
ASN C    C N N 43  
ASN O    O N N 44  
ASN CB   C N N 45  
ASN CG   C N N 46  
ASN OD1  O N N 47  
ASN ND2  N N N 48  
ASN OXT  O N N 49  
ASN H    H N N 50  
ASN H2   H N N 51  
ASN HA   H N N 52  
ASN HB2  H N N 53  
ASN HB3  H N N 54  
ASN HD21 H N N 55  
ASN HD22 H N N 56  
ASN HXT  H N N 57  
ASP N    N N N 58  
ASP CA   C N S 59  
ASP C    C N N 60  
ASP O    O N N 61  
ASP CB   C N N 62  
ASP CG   C N N 63  
ASP OD1  O N N 64  
ASP OD2  O N N 65  
ASP OXT  O N N 66  
ASP H    H N N 67  
ASP H2   H N N 68  
ASP HA   H N N 69  
ASP HB2  H N N 70  
ASP HB3  H N N 71  
ASP HD2  H N N 72  
ASP HXT  H N N 73  
CYS N    N N N 74  
CYS CA   C N R 75  
CYS C    C N N 76  
CYS O    O N N 77  
CYS CB   C N N 78  
CYS SG   S N N 79  
CYS OXT  O N N 80  
CYS H    H N N 81  
CYS H2   H N N 82  
CYS HA   H N N 83  
CYS HB2  H N N 84  
CYS HB3  H N N 85  
CYS HG   H N N 86  
CYS HXT  H N N 87  
GLN N    N N N 88  
GLN CA   C N S 89  
GLN C    C N N 90  
GLN O    O N N 91  
GLN CB   C N N 92  
GLN CG   C N N 93  
GLN CD   C N N 94  
GLN OE1  O N N 95  
GLN NE2  N N N 96  
GLN OXT  O N N 97  
GLN H    H N N 98  
GLN H2   H N N 99  
GLN HA   H N N 100 
GLN HB2  H N N 101 
GLN HB3  H N N 102 
GLN HG2  H N N 103 
GLN HG3  H N N 104 
GLN HE21 H N N 105 
GLN HE22 H N N 106 
GLN HXT  H N N 107 
GLU N    N N N 108 
GLU CA   C N S 109 
GLU C    C N N 110 
GLU O    O N N 111 
GLU CB   C N N 112 
GLU CG   C N N 113 
GLU CD   C N N 114 
GLU OE1  O N N 115 
GLU OE2  O N N 116 
GLU OXT  O N N 117 
GLU H    H N N 118 
GLU H2   H N N 119 
GLU HA   H N N 120 
GLU HB2  H N N 121 
GLU HB3  H N N 122 
GLU HG2  H N N 123 
GLU HG3  H N N 124 
GLU HE2  H N N 125 
GLU HXT  H N N 126 
GLY N    N N N 127 
GLY CA   C N N 128 
GLY C    C N N 129 
GLY O    O N N 130 
GLY OXT  O N N 131 
GLY H    H N N 132 
GLY H2   H N N 133 
GLY HA2  H N N 134 
GLY HA3  H N N 135 
GLY HXT  H N N 136 
HIS N    N N N 137 
HIS CA   C N S 138 
HIS C    C N N 139 
HIS O    O N N 140 
HIS CB   C N N 141 
HIS CG   C Y N 142 
HIS ND1  N Y N 143 
HIS CD2  C Y N 144 
HIS CE1  C Y N 145 
HIS NE2  N Y N 146 
HIS OXT  O N N 147 
HIS H    H N N 148 
HIS H2   H N N 149 
HIS HA   H N N 150 
HIS HB2  H N N 151 
HIS HB3  H N N 152 
HIS HD1  H N N 153 
HIS HD2  H N N 154 
HIS HE1  H N N 155 
HIS HE2  H N N 156 
HIS HXT  H N N 157 
HOH O    O N N 158 
HOH H1   H N N 159 
HOH H2   H N N 160 
ILE N    N N N 161 
ILE CA   C N S 162 
ILE C    C N N 163 
ILE O    O N N 164 
ILE CB   C N S 165 
ILE CG1  C N N 166 
ILE CG2  C N N 167 
ILE CD1  C N N 168 
ILE OXT  O N N 169 
ILE H    H N N 170 
ILE H2   H N N 171 
ILE HA   H N N 172 
ILE HB   H N N 173 
ILE HG12 H N N 174 
ILE HG13 H N N 175 
ILE HG21 H N N 176 
ILE HG22 H N N 177 
ILE HG23 H N N 178 
ILE HD11 H N N 179 
ILE HD12 H N N 180 
ILE HD13 H N N 181 
ILE HXT  H N N 182 
LEU N    N N N 183 
LEU CA   C N S 184 
LEU C    C N N 185 
LEU O    O N N 186 
LEU CB   C N N 187 
LEU CG   C N N 188 
LEU CD1  C N N 189 
LEU CD2  C N N 190 
LEU OXT  O N N 191 
LEU H    H N N 192 
LEU H2   H N N 193 
LEU HA   H N N 194 
LEU HB2  H N N 195 
LEU HB3  H N N 196 
LEU HG   H N N 197 
LEU HD11 H N N 198 
LEU HD12 H N N 199 
LEU HD13 H N N 200 
LEU HD21 H N N 201 
LEU HD22 H N N 202 
LEU HD23 H N N 203 
LEU HXT  H N N 204 
LYS N    N N N 205 
LYS CA   C N S 206 
LYS C    C N N 207 
LYS O    O N N 208 
LYS CB   C N N 209 
LYS CG   C N N 210 
LYS CD   C N N 211 
LYS CE   C N N 212 
LYS NZ   N N N 213 
LYS OXT  O N N 214 
LYS H    H N N 215 
LYS H2   H N N 216 
LYS HA   H N N 217 
LYS HB2  H N N 218 
LYS HB3  H N N 219 
LYS HG2  H N N 220 
LYS HG3  H N N 221 
LYS HD2  H N N 222 
LYS HD3  H N N 223 
LYS HE2  H N N 224 
LYS HE3  H N N 225 
LYS HZ1  H N N 226 
LYS HZ2  H N N 227 
LYS HZ3  H N N 228 
LYS HXT  H N N 229 
MET N    N N N 230 
MET CA   C N S 231 
MET C    C N N 232 
MET O    O N N 233 
MET CB   C N N 234 
MET CG   C N N 235 
MET SD   S N N 236 
MET CE   C N N 237 
MET OXT  O N N 238 
MET H    H N N 239 
MET H2   H N N 240 
MET HA   H N N 241 
MET HB2  H N N 242 
MET HB3  H N N 243 
MET HG2  H N N 244 
MET HG3  H N N 245 
MET HE1  H N N 246 
MET HE2  H N N 247 
MET HE3  H N N 248 
MET HXT  H N N 249 
PHE N    N N N 250 
PHE CA   C N S 251 
PHE C    C N N 252 
PHE O    O N N 253 
PHE CB   C N N 254 
PHE CG   C Y N 255 
PHE CD1  C Y N 256 
PHE CD2  C Y N 257 
PHE CE1  C Y N 258 
PHE CE2  C Y N 259 
PHE CZ   C Y N 260 
PHE OXT  O N N 261 
PHE H    H N N 262 
PHE H2   H N N 263 
PHE HA   H N N 264 
PHE HB2  H N N 265 
PHE HB3  H N N 266 
PHE HD1  H N N 267 
PHE HD2  H N N 268 
PHE HE1  H N N 269 
PHE HE2  H N N 270 
PHE HZ   H N N 271 
PHE HXT  H N N 272 
PRO N    N N N 273 
PRO CA   C N S 274 
PRO C    C N N 275 
PRO O    O N N 276 
PRO CB   C N N 277 
PRO CG   C N N 278 
PRO CD   C N N 279 
PRO OXT  O N N 280 
PRO H    H N N 281 
PRO HA   H N N 282 
PRO HB2  H N N 283 
PRO HB3  H N N 284 
PRO HG2  H N N 285 
PRO HG3  H N N 286 
PRO HD2  H N N 287 
PRO HD3  H N N 288 
PRO HXT  H N N 289 
SER N    N N N 290 
SER CA   C N S 291 
SER C    C N N 292 
SER O    O N N 293 
SER CB   C N N 294 
SER OG   O N N 295 
SER OXT  O N N 296 
SER H    H N N 297 
SER H2   H N N 298 
SER HA   H N N 299 
SER HB2  H N N 300 
SER HB3  H N N 301 
SER HG   H N N 302 
SER HXT  H N N 303 
THR N    N N N 304 
THR CA   C N S 305 
THR C    C N N 306 
THR O    O N N 307 
THR CB   C N R 308 
THR OG1  O N N 309 
THR CG2  C N N 310 
THR OXT  O N N 311 
THR H    H N N 312 
THR H2   H N N 313 
THR HA   H N N 314 
THR HB   H N N 315 
THR HG1  H N N 316 
THR HG21 H N N 317 
THR HG22 H N N 318 
THR HG23 H N N 319 
THR HXT  H N N 320 
TRP N    N N N 321 
TRP CA   C N S 322 
TRP C    C N N 323 
TRP O    O N N 324 
TRP CB   C N N 325 
TRP CG   C Y N 326 
TRP CD1  C Y N 327 
TRP CD2  C Y N 328 
TRP NE1  N Y N 329 
TRP CE2  C Y N 330 
TRP CE3  C Y N 331 
TRP CZ2  C Y N 332 
TRP CZ3  C Y N 333 
TRP CH2  C Y N 334 
TRP OXT  O N N 335 
TRP H    H N N 336 
TRP H2   H N N 337 
TRP HA   H N N 338 
TRP HB2  H N N 339 
TRP HB3  H N N 340 
TRP HD1  H N N 341 
TRP HE1  H N N 342 
TRP HE3  H N N 343 
TRP HZ2  H N N 344 
TRP HZ3  H N N 345 
TRP HH2  H N N 346 
TRP HXT  H N N 347 
TYR N    N N N 348 
TYR CA   C N S 349 
TYR C    C N N 350 
TYR O    O N N 351 
TYR CB   C N N 352 
TYR CG   C Y N 353 
TYR CD1  C Y N 354 
TYR CD2  C Y N 355 
TYR CE1  C Y N 356 
TYR CE2  C Y N 357 
TYR CZ   C Y N 358 
TYR OH   O N N 359 
TYR OXT  O N N 360 
TYR H    H N N 361 
TYR H2   H N N 362 
TYR HA   H N N 363 
TYR HB2  H N N 364 
TYR HB3  H N N 365 
TYR HD1  H N N 366 
TYR HD2  H N N 367 
TYR HE1  H N N 368 
TYR HE2  H N N 369 
TYR HH   H N N 370 
TYR HXT  H N N 371 
VAL N    N N N 372 
VAL CA   C N S 373 
VAL C    C N N 374 
VAL O    O N N 375 
VAL CB   C N N 376 
VAL CG1  C N N 377 
VAL CG2  C N N 378 
VAL OXT  O N N 379 
VAL H    H N N 380 
VAL H2   H N N 381 
VAL HA   H N N 382 
VAL HB   H N N 383 
VAL HG11 H N N 384 
VAL HG12 H N N 385 
VAL HG13 H N N 386 
VAL HG21 H N N 387 
VAL HG22 H N N 388 
VAL HG23 H N N 389 
VAL HXT  H N N 390 
# 
loop_
_chem_comp_bond.comp_id 
_chem_comp_bond.atom_id_1 
_chem_comp_bond.atom_id_2 
_chem_comp_bond.value_order 
_chem_comp_bond.pdbx_aromatic_flag 
_chem_comp_bond.pdbx_stereo_config 
_chem_comp_bond.pdbx_ordinal 
ALA N   CA   sing N N 1   
ALA N   H    sing N N 2   
ALA N   H2   sing N N 3   
ALA CA  C    sing N N 4   
ALA CA  CB   sing N N 5   
ALA CA  HA   sing N N 6   
ALA C   O    doub N N 7   
ALA C   OXT  sing N N 8   
ALA CB  HB1  sing N N 9   
ALA CB  HB2  sing N N 10  
ALA CB  HB3  sing N N 11  
ALA OXT HXT  sing N N 12  
ARG N   CA   sing N N 13  
ARG N   H    sing N N 14  
ARG N   H2   sing N N 15  
ARG CA  C    sing N N 16  
ARG CA  CB   sing N N 17  
ARG CA  HA   sing N N 18  
ARG C   O    doub N N 19  
ARG C   OXT  sing N N 20  
ARG CB  CG   sing N N 21  
ARG CB  HB2  sing N N 22  
ARG CB  HB3  sing N N 23  
ARG CG  CD   sing N N 24  
ARG CG  HG2  sing N N 25  
ARG CG  HG3  sing N N 26  
ARG CD  NE   sing N N 27  
ARG CD  HD2  sing N N 28  
ARG CD  HD3  sing N N 29  
ARG NE  CZ   sing N N 30  
ARG NE  HE   sing N N 31  
ARG CZ  NH1  sing N N 32  
ARG CZ  NH2  doub N N 33  
ARG NH1 HH11 sing N N 34  
ARG NH1 HH12 sing N N 35  
ARG NH2 HH21 sing N N 36  
ARG NH2 HH22 sing N N 37  
ARG OXT HXT  sing N N 38  
ASN N   CA   sing N N 39  
ASN N   H    sing N N 40  
ASN N   H2   sing N N 41  
ASN CA  C    sing N N 42  
ASN CA  CB   sing N N 43  
ASN CA  HA   sing N N 44  
ASN C   O    doub N N 45  
ASN C   OXT  sing N N 46  
ASN CB  CG   sing N N 47  
ASN CB  HB2  sing N N 48  
ASN CB  HB3  sing N N 49  
ASN CG  OD1  doub N N 50  
ASN CG  ND2  sing N N 51  
ASN ND2 HD21 sing N N 52  
ASN ND2 HD22 sing N N 53  
ASN OXT HXT  sing N N 54  
ASP N   CA   sing N N 55  
ASP N   H    sing N N 56  
ASP N   H2   sing N N 57  
ASP CA  C    sing N N 58  
ASP CA  CB   sing N N 59  
ASP CA  HA   sing N N 60  
ASP C   O    doub N N 61  
ASP C   OXT  sing N N 62  
ASP CB  CG   sing N N 63  
ASP CB  HB2  sing N N 64  
ASP CB  HB3  sing N N 65  
ASP CG  OD1  doub N N 66  
ASP CG  OD2  sing N N 67  
ASP OD2 HD2  sing N N 68  
ASP OXT HXT  sing N N 69  
CYS N   CA   sing N N 70  
CYS N   H    sing N N 71  
CYS N   H2   sing N N 72  
CYS CA  C    sing N N 73  
CYS CA  CB   sing N N 74  
CYS CA  HA   sing N N 75  
CYS C   O    doub N N 76  
CYS C   OXT  sing N N 77  
CYS CB  SG   sing N N 78  
CYS CB  HB2  sing N N 79  
CYS CB  HB3  sing N N 80  
CYS SG  HG   sing N N 81  
CYS OXT HXT  sing N N 82  
GLN N   CA   sing N N 83  
GLN N   H    sing N N 84  
GLN N   H2   sing N N 85  
GLN CA  C    sing N N 86  
GLN CA  CB   sing N N 87  
GLN CA  HA   sing N N 88  
GLN C   O    doub N N 89  
GLN C   OXT  sing N N 90  
GLN CB  CG   sing N N 91  
GLN CB  HB2  sing N N 92  
GLN CB  HB3  sing N N 93  
GLN CG  CD   sing N N 94  
GLN CG  HG2  sing N N 95  
GLN CG  HG3  sing N N 96  
GLN CD  OE1  doub N N 97  
GLN CD  NE2  sing N N 98  
GLN NE2 HE21 sing N N 99  
GLN NE2 HE22 sing N N 100 
GLN OXT HXT  sing N N 101 
GLU N   CA   sing N N 102 
GLU N   H    sing N N 103 
GLU N   H2   sing N N 104 
GLU CA  C    sing N N 105 
GLU CA  CB   sing N N 106 
GLU CA  HA   sing N N 107 
GLU C   O    doub N N 108 
GLU C   OXT  sing N N 109 
GLU CB  CG   sing N N 110 
GLU CB  HB2  sing N N 111 
GLU CB  HB3  sing N N 112 
GLU CG  CD   sing N N 113 
GLU CG  HG2  sing N N 114 
GLU CG  HG3  sing N N 115 
GLU CD  OE1  doub N N 116 
GLU CD  OE2  sing N N 117 
GLU OE2 HE2  sing N N 118 
GLU OXT HXT  sing N N 119 
GLY N   CA   sing N N 120 
GLY N   H    sing N N 121 
GLY N   H2   sing N N 122 
GLY CA  C    sing N N 123 
GLY CA  HA2  sing N N 124 
GLY CA  HA3  sing N N 125 
GLY C   O    doub N N 126 
GLY C   OXT  sing N N 127 
GLY OXT HXT  sing N N 128 
HIS N   CA   sing N N 129 
HIS N   H    sing N N 130 
HIS N   H2   sing N N 131 
HIS CA  C    sing N N 132 
HIS CA  CB   sing N N 133 
HIS CA  HA   sing N N 134 
HIS C   O    doub N N 135 
HIS C   OXT  sing N N 136 
HIS CB  CG   sing N N 137 
HIS CB  HB2  sing N N 138 
HIS CB  HB3  sing N N 139 
HIS CG  ND1  sing Y N 140 
HIS CG  CD2  doub Y N 141 
HIS ND1 CE1  doub Y N 142 
HIS ND1 HD1  sing N N 143 
HIS CD2 NE2  sing Y N 144 
HIS CD2 HD2  sing N N 145 
HIS CE1 NE2  sing Y N 146 
HIS CE1 HE1  sing N N 147 
HIS NE2 HE2  sing N N 148 
HIS OXT HXT  sing N N 149 
HOH O   H1   sing N N 150 
HOH O   H2   sing N N 151 
ILE N   CA   sing N N 152 
ILE N   H    sing N N 153 
ILE N   H2   sing N N 154 
ILE CA  C    sing N N 155 
ILE CA  CB   sing N N 156 
ILE CA  HA   sing N N 157 
ILE C   O    doub N N 158 
ILE C   OXT  sing N N 159 
ILE CB  CG1  sing N N 160 
ILE CB  CG2  sing N N 161 
ILE CB  HB   sing N N 162 
ILE CG1 CD1  sing N N 163 
ILE CG1 HG12 sing N N 164 
ILE CG1 HG13 sing N N 165 
ILE CG2 HG21 sing N N 166 
ILE CG2 HG22 sing N N 167 
ILE CG2 HG23 sing N N 168 
ILE CD1 HD11 sing N N 169 
ILE CD1 HD12 sing N N 170 
ILE CD1 HD13 sing N N 171 
ILE OXT HXT  sing N N 172 
LEU N   CA   sing N N 173 
LEU N   H    sing N N 174 
LEU N   H2   sing N N 175 
LEU CA  C    sing N N 176 
LEU CA  CB   sing N N 177 
LEU CA  HA   sing N N 178 
LEU C   O    doub N N 179 
LEU C   OXT  sing N N 180 
LEU CB  CG   sing N N 181 
LEU CB  HB2  sing N N 182 
LEU CB  HB3  sing N N 183 
LEU CG  CD1  sing N N 184 
LEU CG  CD2  sing N N 185 
LEU CG  HG   sing N N 186 
LEU CD1 HD11 sing N N 187 
LEU CD1 HD12 sing N N 188 
LEU CD1 HD13 sing N N 189 
LEU CD2 HD21 sing N N 190 
LEU CD2 HD22 sing N N 191 
LEU CD2 HD23 sing N N 192 
LEU OXT HXT  sing N N 193 
LYS N   CA   sing N N 194 
LYS N   H    sing N N 195 
LYS N   H2   sing N N 196 
LYS CA  C    sing N N 197 
LYS CA  CB   sing N N 198 
LYS CA  HA   sing N N 199 
LYS C   O    doub N N 200 
LYS C   OXT  sing N N 201 
LYS CB  CG   sing N N 202 
LYS CB  HB2  sing N N 203 
LYS CB  HB3  sing N N 204 
LYS CG  CD   sing N N 205 
LYS CG  HG2  sing N N 206 
LYS CG  HG3  sing N N 207 
LYS CD  CE   sing N N 208 
LYS CD  HD2  sing N N 209 
LYS CD  HD3  sing N N 210 
LYS CE  NZ   sing N N 211 
LYS CE  HE2  sing N N 212 
LYS CE  HE3  sing N N 213 
LYS NZ  HZ1  sing N N 214 
LYS NZ  HZ2  sing N N 215 
LYS NZ  HZ3  sing N N 216 
LYS OXT HXT  sing N N 217 
MET N   CA   sing N N 218 
MET N   H    sing N N 219 
MET N   H2   sing N N 220 
MET CA  C    sing N N 221 
MET CA  CB   sing N N 222 
MET CA  HA   sing N N 223 
MET C   O    doub N N 224 
MET C   OXT  sing N N 225 
MET CB  CG   sing N N 226 
MET CB  HB2  sing N N 227 
MET CB  HB3  sing N N 228 
MET CG  SD   sing N N 229 
MET CG  HG2  sing N N 230 
MET CG  HG3  sing N N 231 
MET SD  CE   sing N N 232 
MET CE  HE1  sing N N 233 
MET CE  HE2  sing N N 234 
MET CE  HE3  sing N N 235 
MET OXT HXT  sing N N 236 
PHE N   CA   sing N N 237 
PHE N   H    sing N N 238 
PHE N   H2   sing N N 239 
PHE CA  C    sing N N 240 
PHE CA  CB   sing N N 241 
PHE CA  HA   sing N N 242 
PHE C   O    doub N N 243 
PHE C   OXT  sing N N 244 
PHE CB  CG   sing N N 245 
PHE CB  HB2  sing N N 246 
PHE CB  HB3  sing N N 247 
PHE CG  CD1  doub Y N 248 
PHE CG  CD2  sing Y N 249 
PHE CD1 CE1  sing Y N 250 
PHE CD1 HD1  sing N N 251 
PHE CD2 CE2  doub Y N 252 
PHE CD2 HD2  sing N N 253 
PHE CE1 CZ   doub Y N 254 
PHE CE1 HE1  sing N N 255 
PHE CE2 CZ   sing Y N 256 
PHE CE2 HE2  sing N N 257 
PHE CZ  HZ   sing N N 258 
PHE OXT HXT  sing N N 259 
PRO N   CA   sing N N 260 
PRO N   CD   sing N N 261 
PRO N   H    sing N N 262 
PRO CA  C    sing N N 263 
PRO CA  CB   sing N N 264 
PRO CA  HA   sing N N 265 
PRO C   O    doub N N 266 
PRO C   OXT  sing N N 267 
PRO CB  CG   sing N N 268 
PRO CB  HB2  sing N N 269 
PRO CB  HB3  sing N N 270 
PRO CG  CD   sing N N 271 
PRO CG  HG2  sing N N 272 
PRO CG  HG3  sing N N 273 
PRO CD  HD2  sing N N 274 
PRO CD  HD3  sing N N 275 
PRO OXT HXT  sing N N 276 
SER N   CA   sing N N 277 
SER N   H    sing N N 278 
SER N   H2   sing N N 279 
SER CA  C    sing N N 280 
SER CA  CB   sing N N 281 
SER CA  HA   sing N N 282 
SER C   O    doub N N 283 
SER C   OXT  sing N N 284 
SER CB  OG   sing N N 285 
SER CB  HB2  sing N N 286 
SER CB  HB3  sing N N 287 
SER OG  HG   sing N N 288 
SER OXT HXT  sing N N 289 
THR N   CA   sing N N 290 
THR N   H    sing N N 291 
THR N   H2   sing N N 292 
THR CA  C    sing N N 293 
THR CA  CB   sing N N 294 
THR CA  HA   sing N N 295 
THR C   O    doub N N 296 
THR C   OXT  sing N N 297 
THR CB  OG1  sing N N 298 
THR CB  CG2  sing N N 299 
THR CB  HB   sing N N 300 
THR OG1 HG1  sing N N 301 
THR CG2 HG21 sing N N 302 
THR CG2 HG22 sing N N 303 
THR CG2 HG23 sing N N 304 
THR OXT HXT  sing N N 305 
TRP N   CA   sing N N 306 
TRP N   H    sing N N 307 
TRP N   H2   sing N N 308 
TRP CA  C    sing N N 309 
TRP CA  CB   sing N N 310 
TRP CA  HA   sing N N 311 
TRP C   O    doub N N 312 
TRP C   OXT  sing N N 313 
TRP CB  CG   sing N N 314 
TRP CB  HB2  sing N N 315 
TRP CB  HB3  sing N N 316 
TRP CG  CD1  doub Y N 317 
TRP CG  CD2  sing Y N 318 
TRP CD1 NE1  sing Y N 319 
TRP CD1 HD1  sing N N 320 
TRP CD2 CE2  doub Y N 321 
TRP CD2 CE3  sing Y N 322 
TRP NE1 CE2  sing Y N 323 
TRP NE1 HE1  sing N N 324 
TRP CE2 CZ2  sing Y N 325 
TRP CE3 CZ3  doub Y N 326 
TRP CE3 HE3  sing N N 327 
TRP CZ2 CH2  doub Y N 328 
TRP CZ2 HZ2  sing N N 329 
TRP CZ3 CH2  sing Y N 330 
TRP CZ3 HZ3  sing N N 331 
TRP CH2 HH2  sing N N 332 
TRP OXT HXT  sing N N 333 
TYR N   CA   sing N N 334 
TYR N   H    sing N N 335 
TYR N   H2   sing N N 336 
TYR CA  C    sing N N 337 
TYR CA  CB   sing N N 338 
TYR CA  HA   sing N N 339 
TYR C   O    doub N N 340 
TYR C   OXT  sing N N 341 
TYR CB  CG   sing N N 342 
TYR CB  HB2  sing N N 343 
TYR CB  HB3  sing N N 344 
TYR CG  CD1  doub Y N 345 
TYR CG  CD2  sing Y N 346 
TYR CD1 CE1  sing Y N 347 
TYR CD1 HD1  sing N N 348 
TYR CD2 CE2  doub Y N 349 
TYR CD2 HD2  sing N N 350 
TYR CE1 CZ   doub Y N 351 
TYR CE1 HE1  sing N N 352 
TYR CE2 CZ   sing Y N 353 
TYR CE2 HE2  sing N N 354 
TYR CZ  OH   sing N N 355 
TYR OH  HH   sing N N 356 
TYR OXT HXT  sing N N 357 
VAL N   CA   sing N N 358 
VAL N   H    sing N N 359 
VAL N   H2   sing N N 360 
VAL CA  C    sing N N 361 
VAL CA  CB   sing N N 362 
VAL CA  HA   sing N N 363 
VAL C   O    doub N N 364 
VAL C   OXT  sing N N 365 
VAL CB  CG1  sing N N 366 
VAL CB  CG2  sing N N 367 
VAL CB  HB   sing N N 368 
VAL CG1 HG11 sing N N 369 
VAL CG1 HG12 sing N N 370 
VAL CG1 HG13 sing N N 371 
VAL CG2 HG21 sing N N 372 
VAL CG2 HG22 sing N N 373 
VAL CG2 HG23 sing N N 374 
VAL OXT HXT  sing N N 375 
# 
_atom_sites.entry_id                    1WPA 
_atom_sites.fract_transf_matrix[1][1]   0.01726461 
_atom_sites.fract_transf_matrix[1][2]   0.01107437 
_atom_sites.fract_transf_matrix[1][3]   0.02228167 
_atom_sites.fract_transf_matrix[2][1]   0.00648275 
_atom_sites.fract_transf_matrix[2][2]   0.02235508 
_atom_sites.fract_transf_matrix[2][3]   -0.01613392 
_atom_sites.fract_transf_matrix[3][1]   -0.00731857 
_atom_sites.fract_transf_matrix[3][2]   0.00457415 
_atom_sites.fract_transf_matrix[3][3]   0.00339725 
_atom_sites.fract_transf_vector[1]      0.122263 
_atom_sites.fract_transf_vector[2]      0.582160 
_atom_sites.fract_transf_vector[3]      -0.006348 
# 
loop_
_atom_type.symbol 
C 
N 
O 
S 
# 
loop_
_atom_site.group_PDB 
_atom_site.id 
_atom_site.type_symbol 
_atom_site.label_atom_id 
_atom_site.label_alt_id 
_atom_site.label_comp_id 
_atom_site.label_asym_id 
_atom_site.label_entity_id 
_atom_site.label_seq_id 
_atom_site.pdbx_PDB_ins_code 
_atom_site.Cartn_x 
_atom_site.Cartn_y 
_atom_site.Cartn_z 
_atom_site.occupancy 
_atom_site.B_iso_or_equiv 
_atom_site.pdbx_formal_charge 
_atom_site.auth_seq_id 
_atom_site.auth_comp_id 
_atom_site.auth_asym_id 
_atom_site.auth_atom_id 
_atom_site.pdbx_PDB_model_num 
ATOM   1    N N   . TRP A 1 8   ? -2.500  8.299   16.838  1.00 27.50 ? 416 TRP A N   1 
ATOM   2    C CA  . TRP A 1 8   ? -3.641  8.793   15.991  1.00 25.79 ? 416 TRP A CA  1 
ATOM   3    C C   . TRP A 1 8   ? -4.786  9.306   16.845  1.00 25.85 ? 416 TRP A C   1 
ATOM   4    O O   . TRP A 1 8   ? -5.678  9.999   16.334  1.00 25.52 ? 416 TRP A O   1 
ATOM   5    C CB  . TRP A 1 8   ? -4.212  7.685   15.114  1.00 27.24 ? 416 TRP A CB  1 
ATOM   6    C CG  . TRP A 1 8   ? -3.209  7.098   14.202  1.00 27.28 ? 416 TRP A CG  1 
ATOM   7    C CD1 . TRP A 1 8   ? -2.845  5.797   14.126  1.00 28.58 ? 416 TRP A CD1 1 
ATOM   8    C CD2 . TRP A 1 8   ? -2.410  7.808   13.272  1.00 28.24 ? 416 TRP A CD2 1 
ATOM   9    N NE1 . TRP A 1 8   ? -1.844  5.642   13.192  1.00 29.59 ? 416 TRP A NE1 1 
ATOM   10   C CE2 . TRP A 1 8   ? -1.558  6.868   12.654  1.00 29.18 ? 416 TRP A CE2 1 
ATOM   11   C CE3 . TRP A 1 8   ? -2.327  9.153   12.892  1.00 29.62 ? 416 TRP A CE3 1 
ATOM   12   C CZ2 . TRP A 1 8   ? -0.629  7.238   11.676  1.00 30.23 ? 416 TRP A CZ2 1 
ATOM   13   C CZ3 . TRP A 1 8   ? -1.418  9.517   11.928  1.00 31.96 ? 416 TRP A CZ3 1 
ATOM   14   C CH2 . TRP A 1 8   ? -0.575  8.560   11.330  1.00 29.67 ? 416 TRP A CH2 1 
ATOM   15   N N   . ILE A 1 9   ? -4.805  8.943   18.118  1.00 24.94 ? 417 ILE A N   1 
ATOM   16   C CA  . ILE A 1 9   ? -5.907  9.411   18.946  1.00 24.70 ? 417 ILE A CA  1 
ATOM   17   C C   . ILE A 1 9   ? -5.858  10.928  19.202  1.00 24.16 ? 417 ILE A C   1 
ATOM   18   O O   . ILE A 1 9   ? -6.898  11.580  19.383  1.00 23.14 ? 417 ILE A O   1 
ATOM   19   C CB  . ILE A 1 9   ? -5.986  8.597   20.262  1.00 24.98 ? 417 ILE A CB  1 
ATOM   20   C CG1 . ILE A 1 9   ? -7.371  8.755   20.877  1.00 26.21 ? 417 ILE A CG1 1 
ATOM   21   C CG2 . ILE A 1 9   ? -4.900  9.036   21.228  1.00 27.14 ? 417 ILE A CG2 1 
ATOM   22   C CD1 . ILE A 1 9   ? -7.679  7.684   21.904  1.00 27.74 ? 417 ILE A CD1 1 
ATOM   23   N N   . ARG A 1 10  ? -4.673  11.527  19.188  1.00 24.72 ? 418 ARG A N   1 
ATOM   24   C CA  . ARG A 1 10  ? -4.606  12.980  19.383  1.00 25.04 ? 418 ARG A CA  1 
ATOM   25   C C   . ARG A 1 10  ? -5.241  13.727  18.196  1.00 24.36 ? 418 ARG A C   1 
ATOM   26   O O   . ARG A 1 10  ? -5.844  14.799  18.362  1.00 24.49 ? 418 ARG A O   1 
ATOM   27   C CB  . ARG A 1 10  ? -3.151  13.427  19.543  1.00 28.12 ? 418 ARG A CB  1 
ATOM   28   C CG  . ARG A 1 10  ? -2.297  12.446  20.340  1.00 33.61 ? 418 ARG A CG  1 
ATOM   29   C CD  . ARG A 1 10  ? -0.935  13.048  20.726  1.00 39.00 ? 418 ARG A CD  1 
ATOM   30   N NE  . ARG A 1 10  ? -1.016  13.920  21.897  1.00 43.16 ? 418 ARG A NE  1 
ATOM   31   C CZ  . ARG A 1 10  ? -0.042  14.041  22.802  1.00 44.62 ? 418 ARG A CZ  1 
ATOM   32   N NH1 . ARG A 1 10  ? 1.086   13.342  22.663  1.00 46.48 ? 418 ARG A NH1 1 
ATOM   33   N NH2 . ARG A 1 10  ? -0.200  14.836  23.863  1.00 46.52 ? 418 ARG A NH2 1 
ATOM   34   N N   . GLU A 1 11  ? -5.123  13.153  16.998  1.00 22.88 ? 419 GLU A N   1 
ATOM   35   C CA  . GLU A 1 11  ? -5.679  13.776  15.800  1.00 23.77 ? 419 GLU A CA  1 
ATOM   36   C C   . GLU A 1 11  ? -7.137  13.371  15.607  1.00 22.06 ? 419 GLU A C   1 
ATOM   37   O O   . GLU A 1 11  ? -7.959  14.181  15.222  1.00 23.62 ? 419 GLU A O   1 
ATOM   38   C CB  . GLU A 1 11  ? -4.866  13.361  14.565  1.00 26.49 ? 419 GLU A CB  1 
ATOM   39   C CG  . GLU A 1 11  ? -3.414  13.880  14.608  1.00 29.45 ? 419 GLU A CG  1 
ATOM   40   C CD  . GLU A 1 11  ? -2.566  13.278  13.512  1.00 31.18 ? 419 GLU A CD  1 
ATOM   41   O OE1 . GLU A 1 11  ? -3.124  13.095  12.423  1.00 34.01 ? 419 GLU A OE1 1 
ATOM   42   O OE2 . GLU A 1 11  ? -1.354  12.991  13.738  1.00 33.09 ? 419 GLU A OE2 1 
ATOM   43   N N   . TYR A 1 12  ? -7.456  12.118  15.930  1.00 19.90 ? 420 TYR A N   1 
ATOM   44   C CA  . TYR A 1 12  ? -8.794  11.557  15.720  1.00 18.91 ? 420 TYR A CA  1 
ATOM   45   C C   . TYR A 1 12  ? -9.320  10.886  16.998  1.00 17.81 ? 420 TYR A C   1 
ATOM   46   O O   . TYR A 1 12  ? -9.370  9.670   17.104  1.00 18.31 ? 420 TYR A O   1 
ATOM   47   C CB  . TYR A 1 12  ? -8.704  10.502  14.587  1.00 20.93 ? 420 TYR A CB  1 
ATOM   48   C CG  . TYR A 1 12  ? -8.444  11.083  13.237  1.00 24.09 ? 420 TYR A CG  1 
ATOM   49   C CD1 . TYR A 1 12  ? -9.501  11.638  12.511  1.00 24.77 ? 420 TYR A CD1 1 
ATOM   50   C CD2 . TYR A 1 12  ? -7.151  11.115  12.692  1.00 25.73 ? 420 TYR A CD2 1 
ATOM   51   C CE1 . TYR A 1 12  ? -9.317  12.213  11.283  1.00 27.60 ? 420 TYR A CE1 1 
ATOM   52   C CE2 . TYR A 1 12  ? -6.933  11.717  11.410  1.00 27.65 ? 420 TYR A CE2 1 
ATOM   53   C CZ  . TYR A 1 12  ? -8.046  12.265  10.718  1.00 28.19 ? 420 TYR A CZ  1 
ATOM   54   O OH  . TYR A 1 12  ? -7.951  12.908  9.476   1.00 31.23 ? 420 TYR A OH  1 
ATOM   55   N N   . PRO A 1 13  ? -9.715  11.688  17.988  1.00 16.00 ? 421 PRO A N   1 
ATOM   56   C CA  . PRO A 1 13  ? -10.225 11.136  19.247  1.00 16.46 ? 421 PRO A CA  1 
ATOM   57   C C   . PRO A 1 13  ? -11.630 10.549  19.146  1.00 16.64 ? 421 PRO A C   1 
ATOM   58   O O   . PRO A 1 13  ? -12.288 10.654  18.139  1.00 17.79 ? 421 PRO A O   1 
ATOM   59   C CB  . PRO A 1 13  ? -10.211 12.356  20.199  1.00 16.53 ? 421 PRO A CB  1 
ATOM   60   C CG  . PRO A 1 13  ? -10.413 13.542  19.262  1.00 16.71 ? 421 PRO A CG  1 
ATOM   61   C CD  . PRO A 1 13  ? -9.518  13.151  18.066  1.00 16.60 ? 421 PRO A CD  1 
ATOM   62   N N   . PRO A 1 14  ? -12.093 9.907   20.214  1.00 17.17 ? 422 PRO A N   1 
ATOM   63   C CA  . PRO A 1 14  ? -13.436 9.343   20.234  1.00 17.36 ? 422 PRO A CA  1 
ATOM   64   C C   . PRO A 1 14  ? -14.425 10.459  19.816  1.00 17.07 ? 422 PRO A C   1 
ATOM   65   O O   . PRO A 1 14  ? -14.340 11.590  20.295  1.00 18.26 ? 422 PRO A O   1 
ATOM   66   C CB  . PRO A 1 14  ? -13.597 8.920   21.693  1.00 18.59 ? 422 PRO A CB  1 
ATOM   67   C CG  . PRO A 1 14  ? -12.184 8.557   22.102  1.00 22.02 ? 422 PRO A CG  1 
ATOM   68   C CD  . PRO A 1 14  ? -11.328 9.602   21.442  1.00 18.90 ? 422 PRO A CD  1 
ATOM   69   N N   . ILE A 1 15  ? -15.384 10.091  18.982  1.00 15.60 ? 423 ILE A N   1 
ATOM   70   C CA  . ILE A 1 15  ? -16.367 11.001  18.390  1.00 16.13 ? 423 ILE A CA  1 
ATOM   71   C C   . ILE A 1 15  ? -17.505 11.386  19.304  1.00 16.60 ? 423 ILE A C   1 
ATOM   72   O O   . ILE A 1 15  ? -18.003 10.546  20.063  1.00 17.28 ? 423 ILE A O   1 
ATOM   73   C CB  . ILE A 1 15  ? -16.954 10.360  17.123  1.00 16.39 ? 423 ILE A CB  1 
ATOM   74   C CG1 . ILE A 1 15  ? -15.820 10.147  16.112  1.00 16.79 ? 423 ILE A CG1 1 
ATOM   75   C CG2 . ILE A 1 15  ? -17.973 11.294  16.470  1.00 18.26 ? 423 ILE A CG2 1 
ATOM   76   C CD1 . ILE A 1 15  ? -16.198 9.206   14.997  1.00 14.80 ? 423 ILE A CD1 1 
ATOM   77   N N   . THR A 1 16  ? -17.874 12.679  19.281  1.00 16.44 ? 424 THR A N   1 
ATOM   78   C CA  . THR A 1 16  ? -19.009 13.143  20.088  1.00 17.84 ? 424 THR A CA  1 
ATOM   79   C C   . THR A 1 16  ? -20.146 13.803  19.313  1.00 19.06 ? 424 THR A C   1 
ATOM   80   O O   . THR A 1 16  ? -21.035 14.405  19.951  1.00 19.08 ? 424 THR A O   1 
ATOM   81   C CB  . THR A 1 16  ? -18.575 14.113  21.189  1.00 18.62 ? 424 THR A CB  1 
ATOM   82   O OG1 . THR A 1 16  ? -17.858 15.215  20.615  1.00 22.28 ? 424 THR A OG1 1 
ATOM   83   C CG2 . THR A 1 16  ? -17.679 13.397  22.188  1.00 17.60 ? 424 THR A CG2 1 
ATOM   84   N N   . SER A 1 17  ? -20.141 13.729  17.974  1.00 17.94 ? 425 SER A N   1 
ATOM   85   C CA  . SER A 1 17  ? -21.234 14.282  17.174  1.00 17.97 ? 425 SER A CA  1 
ATOM   86   C C   . SER A 1 17  ? -21.312 13.667  15.783  1.00 18.47 ? 425 SER A C   1 
ATOM   87   O O   . SER A 1 17  ? -20.308 13.164  15.264  1.00 17.57 ? 425 SER A O   1 
ATOM   88   C CB  . SER A 1 17  ? -21.111 15.813  17.033  1.00 19.72 ? 425 SER A CB  1 
ATOM   89   O OG  . SER A 1 17  ? -20.110 16.175  16.059  1.00 20.06 ? 425 SER A OG  1 
ATOM   90   N N   . ASP A 1 18  ? -22.501 13.718  15.164  1.00 19.07 ? 426 ASP A N   1 
ATOM   91   C CA  . ASP A 1 18  ? -22.664 13.197  13.809  1.00 20.97 ? 426 ASP A CA  1 
ATOM   92   C C   . ASP A 1 18  ? -21.784 13.974  12.834  1.00 18.99 ? 426 ASP A C   1 
ATOM   93   O O   . ASP A 1 18  ? -21.230 13.402  11.914  1.00 18.70 ? 426 ASP A O   1 
ATOM   94   C CB  . ASP A 1 18  ? -24.126 13.345  13.330  1.00 22.96 ? 426 ASP A CB  1 
ATOM   95   C CG  . ASP A 1 18  ? -25.080 12.411  14.036  1.00 27.62 ? 426 ASP A CG  1 
ATOM   96   O OD1 . ASP A 1 18  ? -24.636 11.469  14.723  1.00 28.72 ? 426 ASP A OD1 1 
ATOM   97   O OD2 . ASP A 1 18  ? -26.312 12.620  13.881  1.00 29.91 ? 426 ASP A OD2 1 
ATOM   98   N N   . GLN A 1 19  ? -21.663 15.286  13.003  1.00 20.02 ? 427 GLN A N   1 
ATOM   99   C CA  . GLN A 1 19  ? -20.846 16.042  12.046  1.00 18.99 ? 427 GLN A CA  1 
ATOM   100  C C   . GLN A 1 19  ? -19.355 15.675  12.141  1.00 17.45 ? 427 GLN A C   1 
ATOM   101  O O   . GLN A 1 19  ? -18.646 15.636  11.134  1.00 17.19 ? 427 GLN A O   1 
ATOM   102  C CB  . GLN A 1 19  ? -21.049 17.534  12.273  1.00 22.20 ? 427 GLN A CB  1 
ATOM   103  C CG  . GLN A 1 19  ? -22.505 17.961  12.020  1.00 26.58 ? 427 GLN A CG  1 
ATOM   104  C CD  . GLN A 1 19  ? -23.483 17.549  13.149  1.00 30.94 ? 427 GLN A CD  1 
ATOM   105  O OE1 . GLN A 1 19  ? -23.092 17.286  14.311  1.00 26.80 ? 427 GLN A OE1 1 
ATOM   106  N NE2 . GLN A 1 19  ? -24.777 17.516  12.801  1.00 33.05 ? 427 GLN A NE2 1 
ATOM   107  N N   . GLN A 1 20  ? -18.893 15.392  13.353  1.00 16.48 ? 428 GLN A N   1 
ATOM   108  C CA  . GLN A 1 20  ? -17.498 14.978  13.532  1.00 16.31 ? 428 GLN A CA  1 
ATOM   109  C C   . GLN A 1 20  ? -17.360 13.588  12.866  1.00 17.39 ? 428 GLN A C   1 
ATOM   110  O O   . GLN A 1 20  ? -16.339 13.305  12.211  1.00 16.11 ? 428 GLN A O   1 
ATOM   111  C CB  . GLN A 1 20  ? -17.184 14.921  15.028  1.00 16.10 ? 428 GLN A CB  1 
ATOM   112  C CG  . GLN A 1 20  ? -15.788 14.386  15.374  1.00 16.45 ? 428 GLN A CG  1 
ATOM   113  C CD  . GLN A 1 20  ? -15.567 14.378  16.849  1.00 15.94 ? 428 GLN A CD  1 
ATOM   114  O OE1 . GLN A 1 20  ? -16.515 14.496  17.627  1.00 16.61 ? 428 GLN A OE1 1 
ATOM   115  N NE2 . GLN A 1 20  ? -14.307 14.210  17.271  1.00 16.91 ? 428 GLN A NE2 1 
ATOM   116  N N   . ARG A 1 21  ? -18.356 12.719  13.054  1.00 16.75 ? 429 ARG A N   1 
ATOM   117  C CA  . ARG A 1 21  ? -18.319 11.395  12.410  1.00 18.14 ? 429 ARG A CA  1 
ATOM   118  C C   . ARG A 1 21  ? -18.219 11.553  10.892  1.00 20.11 ? 429 ARG A C   1 
ATOM   119  O O   . ARG A 1 21  ? -17.445 10.848  10.224  1.00 19.76 ? 429 ARG A O   1 
ATOM   120  C CB  . ARG A 1 21  ? -19.588 10.572  12.742  1.00 20.35 ? 429 ARG A CB  1 
ATOM   121  C CG  . ARG A 1 21  ? -19.626 9.232   11.965  1.00 23.26 ? 429 ARG A CG  1 
ATOM   122  C CD  . ARG A 1 21  ? -21.006 8.593   11.987  1.00 28.64 ? 429 ARG A CD  1 
ATOM   123  N NE  . ARG A 1 21  ? -21.988 9.367   11.245  1.00 33.01 ? 429 ARG A NE  1 
ATOM   124  C CZ  . ARG A 1 21  ? -23.293 9.392   11.516  1.00 36.47 ? 429 ARG A CZ  1 
ATOM   125  N NH1 . ARG A 1 21  ? -23.777 8.678   12.531  1.00 37.88 ? 429 ARG A NH1 1 
ATOM   126  N NH2 . ARG A 1 21  ? -24.117 10.141  10.762  1.00 38.33 ? 429 ARG A NH2 1 
ATOM   127  N N   . GLN A 1 22  ? -19.008 12.464  10.309  1.00 20.15 ? 430 GLN A N   1 
ATOM   128  C CA  . GLN A 1 22  ? -18.977 12.647  8.853   1.00 20.23 ? 430 GLN A CA  1 
ATOM   129  C C   . GLN A 1 22  ? -17.619 13.165  8.375   1.00 18.94 ? 430 GLN A C   1 
ATOM   130  O O   . GLN A 1 22  ? -17.113 12.753  7.324   1.00 18.96 ? 430 GLN A O   1 
ATOM   131  C CB  . GLN A 1 22  ? -20.113 13.587  8.422   1.00 21.36 ? 430 GLN A CB  1 
ATOM   132  C CG  . GLN A 1 22  ? -21.514 12.983  8.621   1.00 25.12 ? 430 GLN A CG  1 
ATOM   133  C CD  . GLN A 1 22  ? -21.589 11.596  8.017   1.00 27.87 ? 430 GLN A CD  1 
ATOM   134  O OE1 . GLN A 1 22  ? -21.701 10.628  8.728   1.00 29.67 ? 430 GLN A OE1 1 
ATOM   135  N NE2 . GLN A 1 22  ? -21.499 11.510  6.695   1.00 31.16 ? 430 GLN A NE2 1 
ATOM   136  N N   . LEU A 1 23  ? -17.006 14.046  9.175   1.00 17.64 ? 431 LEU A N   1 
ATOM   137  C CA  . LEU A 1 23  ? -15.683 14.592  8.875   1.00 17.81 ? 431 LEU A CA  1 
ATOM   138  C C   . LEU A 1 23  ? -14.655 13.444  8.912   1.00 17.71 ? 431 LEU A C   1 
ATOM   139  O O   . LEU A 1 23  ? -13.805 13.340  8.028   1.00 18.20 ? 431 LEU A O   1 
ATOM   140  C CB  . LEU A 1 23  ? -15.311 15.648  9.913   1.00 17.52 ? 431 LEU A CB  1 
ATOM   141  C CG  . LEU A 1 23  ? -13.955 16.332  9.653   1.00 19.15 ? 431 LEU A CG  1 
ATOM   142  C CD1 . LEU A 1 23  ? -13.908 17.632  10.437  1.00 20.30 ? 431 LEU A CD1 1 
ATOM   143  C CD2 . LEU A 1 23  ? -12.806 15.452  10.094  1.00 21.94 ? 431 LEU A CD2 1 
ATOM   144  N N   . TYR A 1 24  ? -14.751 12.560  9.906   1.00 16.68 ? 432 TYR A N   1 
ATOM   145  C CA  . TYR A 1 24  ? -13.804 11.425  9.964   1.00 16.78 ? 432 TYR A CA  1 
ATOM   146  C C   . TYR A 1 24  ? -13.995 10.533  8.727   1.00 18.25 ? 432 TYR A C   1 
ATOM   147  O O   . TYR A 1 24  ? -13.026 10.015  8.161   1.00 18.80 ? 432 TYR A O   1 
ATOM   148  C CB  . TYR A 1 24  ? -14.063 10.572  11.235  1.00 16.99 ? 432 TYR A CB  1 
ATOM   149  C CG  . TYR A 1 24  ? -13.400 11.060  12.522  1.00 16.77 ? 432 TYR A CG  1 
ATOM   150  C CD1 . TYR A 1 24  ? -13.217 12.434  12.773  1.00 17.67 ? 432 TYR A CD1 1 
ATOM   151  C CD2 . TYR A 1 24  ? -13.060 10.152  13.540  1.00 16.83 ? 432 TYR A CD2 1 
ATOM   152  C CE1 . TYR A 1 24  ? -12.744 12.890  13.984  1.00 16.85 ? 432 TYR A CE1 1 
ATOM   153  C CE2 . TYR A 1 24  ? -12.569 10.619  14.772  1.00 17.48 ? 432 TYR A CE2 1 
ATOM   154  C CZ  . TYR A 1 24  ? -12.429 11.970  14.979  1.00 15.69 ? 432 TYR A CZ  1 
ATOM   155  O OH  . TYR A 1 24  ? -12.038 12.498  16.182  1.00 16.98 ? 432 TYR A OH  1 
ATOM   156  N N   . LYS A 1 25  ? -15.253 10.324  8.327   1.00 18.61 ? 433 LYS A N   1 
ATOM   157  C CA  . LYS A 1 25  ? -15.522 9.507   7.141   1.00 20.99 ? 433 LYS A CA  1 
ATOM   158  C C   . LYS A 1 25  ? -14.899 10.161  5.908   1.00 20.19 ? 433 LYS A C   1 
ATOM   159  O O   . LYS A 1 25  ? -14.312 9.478   5.067   1.00 20.39 ? 433 LYS A O   1 
ATOM   160  C CB  . LYS A 1 25  ? -17.018 9.369   6.903   1.00 22.40 ? 433 LYS A CB  1 
ATOM   161  C CG  . LYS A 1 25  ? -17.352 8.420   5.771   1.00 30.29 ? 433 LYS A CG  1 
ATOM   162  C CD  . LYS A 1 25  ? -16.669 7.042   5.956   1.00 36.09 ? 433 LYS A CD  1 
ATOM   163  C CE  . LYS A 1 25  ? -17.303 6.006   5.011   1.00 38.01 ? 433 LYS A CE  1 
ATOM   164  N NZ  . LYS A 1 25  ? -18.788 6.058   5.209   1.00 41.07 ? 433 LYS A NZ  1 
ATOM   165  N N   . ARG A 1 26  ? -15.036 11.478  5.766   1.00 19.72 ? 434 ARG A N   1 
ATOM   166  C CA  . ARG A 1 26  ? -14.421 12.134  4.615   1.00 20.56 ? 434 ARG A CA  1 
ATOM   167  C C   . ARG A 1 26  ? -12.901 11.957  4.652   1.00 20.38 ? 434 ARG A C   1 
ATOM   168  O O   . ARG A 1 26  ? -12.280 11.700  3.618   1.00 21.97 ? 434 ARG A O   1 
ATOM   169  C CB  . ARG A 1 26  ? -14.737 13.638  4.586   1.00 21.24 ? 434 ARG A CB  1 
ATOM   170  C CG  . ARG A 1 26  ? -16.172 13.927  4.183   1.00 23.82 ? 434 ARG A CG  1 
ATOM   171  C CD  . ARG A 1 26  ? -16.354 15.412  3.897   1.00 22.85 ? 434 ARG A CD  1 
ATOM   172  N NE  . ARG A 1 26  ? -16.191 16.306  5.039   1.00 25.74 ? 434 ARG A NE  1 
ATOM   173  C CZ  . ARG A 1 26  ? -17.125 16.539  5.963   1.00 27.69 ? 434 ARG A CZ  1 
ATOM   174  N NH1 . ARG A 1 26  ? -18.313 15.953  5.907   1.00 28.71 ? 434 ARG A NH1 1 
ATOM   175  N NH2 . ARG A 1 26  ? -16.861 17.366  6.949   1.00 30.49 ? 434 ARG A NH2 1 
ATOM   176  N N   . ASN A 1 27  ? -12.289 12.120  5.820   1.00 20.19 ? 435 ASN A N   1 
ATOM   177  C CA  . ASN A 1 27  ? -10.836 11.965  5.882   1.00 20.61 ? 435 ASN A CA  1 
ATOM   178  C C   . ASN A 1 27  ? -10.449 10.511  5.615   1.00 19.08 ? 435 ASN A C   1 
ATOM   179  O O   . ASN A 1 27  ? -9.406  10.256  4.987   1.00 19.61 ? 435 ASN A O   1 
ATOM   180  C CB  . ASN A 1 27  ? -10.320 12.441  7.232   1.00 21.26 ? 435 ASN A CB  1 
ATOM   181  C CG  . ASN A 1 27  ? -10.423 13.935  7.362   1.00 25.62 ? 435 ASN A CG  1 
ATOM   182  O OD1 . ASN A 1 27  ? -11.167 14.579  6.614   1.00 30.25 ? 435 ASN A OD1 1 
ATOM   183  N ND2 . ASN A 1 27  ? -9.688  14.504  8.314   1.00 28.89 ? 435 ASN A ND2 1 
ATOM   184  N N   . PHE A 1 28  ? -11.278 9.577   6.061   1.00 18.28 ? 436 PHE A N   1 
ATOM   185  C CA  . PHE A 1 28  ? -11.003 8.163   5.812   1.00 18.72 ? 436 PHE A CA  1 
ATOM   186  C C   . PHE A 1 28  ? -11.001 7.937   4.305   1.00 18.60 ? 436 PHE A C   1 
ATOM   187  O O   . PHE A 1 28  ? -10.077 7.326   3.767   1.00 19.32 ? 436 PHE A O   1 
ATOM   188  C CB  . PHE A 1 28  ? -12.079 7.292   6.439   1.00 19.28 ? 436 PHE A CB  1 
ATOM   189  C CG  . PHE A 1 28  ? -11.896 5.812   6.162   1.00 20.23 ? 436 PHE A CG  1 
ATOM   190  C CD1 . PHE A 1 28  ? -11.217 4.983   7.066   1.00 19.94 ? 436 PHE A CD1 1 
ATOM   191  C CD2 . PHE A 1 28  ? -12.428 5.251   5.011   1.00 21.92 ? 436 PHE A CD2 1 
ATOM   192  C CE1 . PHE A 1 28  ? -11.090 3.618   6.832   1.00 19.80 ? 436 PHE A CE1 1 
ATOM   193  C CE2 . PHE A 1 28  ? -12.310 3.896   4.766   1.00 21.07 ? 436 PHE A CE2 1 
ATOM   194  C CZ  . PHE A 1 28  ? -11.650 3.067   5.663   1.00 21.02 ? 436 PHE A CZ  1 
ATOM   195  N N   . ASP A 1 29  ? -12.033 8.418   3.606   1.00 19.69 ? 437 ASP A N   1 
ATOM   196  C CA  . ASP A 1 29  ? -12.079 8.215   2.150   1.00 22.06 ? 437 ASP A CA  1 
ATOM   197  C C   . ASP A 1 29  ? -10.874 8.802   1.418   1.00 21.44 ? 437 ASP A C   1 
ATOM   198  O O   . ASP A 1 29  ? -10.306 8.167   0.485   1.00 20.56 ? 437 ASP A O   1 
ATOM   199  C CB  . ASP A 1 29  ? -13.394 8.777   1.592   1.00 23.34 ? 437 ASP A CB  1 
ATOM   200  C CG  . ASP A 1 29  ? -14.619 8.097   2.210   1.00 29.29 ? 437 ASP A CG  1 
ATOM   201  O OD1 . ASP A 1 29  ? -14.489 6.965   2.754   1.00 32.68 ? 437 ASP A OD1 1 
ATOM   202  O OD2 . ASP A 1 29  ? -15.742 8.678   2.160   1.00 32.56 ? 437 ASP A OD2 1 
ATOM   203  N N   . THR A 1 30  ? -10.447 9.998   1.822   1.00 20.37 ? 438 THR A N   1 
ATOM   204  C CA  . THR A 1 30  ? -9.300  10.626  1.177   1.00 20.57 ? 438 THR A CA  1 
ATOM   205  C C   . THR A 1 30  ? -8.024  9.805   1.412   1.00 20.61 ? 438 THR A C   1 
ATOM   206  O O   . THR A 1 30  ? -7.230  9.597   0.488   1.00 19.80 ? 438 THR A O   1 
ATOM   207  C CB  . THR A 1 30  ? -9.119  12.079  1.703   1.00 22.59 ? 438 THR A CB  1 
ATOM   208  O OG1 . THR A 1 30  ? -10.305 12.828  1.378   1.00 23.85 ? 438 THR A OG1 1 
ATOM   209  C CG2 . THR A 1 30  ? -7.908  12.718  1.076   1.00 22.43 ? 438 THR A CG2 1 
ATOM   210  N N   . GLY A 1 31  ? -7.861  9.303   2.629   1.00 19.14 ? 439 GLY A N   1 
ATOM   211  C CA  . GLY A 1 31  ? -6.694  8.495   2.952   1.00 18.94 ? 439 GLY A CA  1 
ATOM   212  C C   . GLY A 1 31  ? -6.757  7.155   2.229   1.00 18.60 ? 439 GLY A C   1 
ATOM   213  O O   . GLY A 1 31  ? -5.715  6.646   1.803   1.00 19.14 ? 439 GLY A O   1 
ATOM   214  N N   . LEU A 1 32  ? -7.962  6.592   2.099   1.00 18.21 ? 440 LEU A N   1 
ATOM   215  C CA  . LEU A 1 32  ? -8.084  5.278   1.416   1.00 18.35 ? 440 LEU A CA  1 
ATOM   216  C C   . LEU A 1 32  ? -7.679  5.424   -0.037  1.00 18.19 ? 440 LEU A C   1 
ATOM   217  O O   . LEU A 1 32  ? -7.053  4.500   -0.632  1.00 18.12 ? 440 LEU A O   1 
ATOM   218  C CB  . LEU A 1 32  ? -9.532  4.761   1.495   1.00 18.29 ? 440 LEU A CB  1 
ATOM   219  C CG  . LEU A 1 32  ? -9.727  3.328   0.928   1.00 20.39 ? 440 LEU A CG  1 
ATOM   220  C CD1 . LEU A 1 32  ? -8.907  2.297   1.661   1.00 21.91 ? 440 LEU A CD1 1 
ATOM   221  C CD2 . LEU A 1 32  ? -11.188 2.997   1.029   1.00 22.12 ? 440 LEU A CD2 1 
ATOM   222  N N   . GLN A 1 33  ? -8.027  6.551   -0.653  1.00 17.93 ? 441 GLN A N   1 
ATOM   223  C CA  . GLN A 1 33  ? -7.652  6.768   -2.049  1.00 18.84 ? 441 GLN A CA  1 
ATOM   224  C C   . GLN A 1 33  ? -6.128  6.795   -2.167  1.00 20.39 ? 441 GLN A C   1 
ATOM   225  O O   . GLN A 1 33  ? -5.537  6.164   -3.056  1.00 19.62 ? 441 GLN A O   1 
ATOM   226  C CB  . GLN A 1 33  ? -8.239  8.071   -2.569  1.00 20.22 ? 441 GLN A CB  1 
ATOM   227  C CG  . GLN A 1 33  ? -7.944  8.358   -4.044  1.00 24.99 ? 441 GLN A CG  1 
ATOM   228  C CD  . GLN A 1 33  ? -8.285  9.781   -4.427  1.00 28.14 ? 441 GLN A CD  1 
ATOM   229  O OE1 . GLN A 1 33  ? -9.267  10.365  -3.918  1.00 30.82 ? 441 GLN A OE1 1 
ATOM   230  N NE2 . GLN A 1 33  ? -7.505  10.348  -5.342  1.00 28.98 ? 441 GLN A NE2 1 
ATOM   231  N N   . GLU A 1 34  ? -5.483  7.525   -1.274  1.00 18.59 ? 442 GLU A N   1 
ATOM   232  C CA  . GLU A 1 34  ? -4.021  7.616   -1.291  1.00 19.86 ? 442 GLU A CA  1 
ATOM   233  C C   . GLU A 1 34  ? -3.380  6.255   -1.076  1.00 20.90 ? 442 GLU A C   1 
ATOM   234  O O   . GLU A 1 34  ? -2.416  5.901   -1.779  1.00 20.80 ? 442 GLU A O   1 
ATOM   235  C CB  . GLU A 1 34  ? -3.533  8.596   -0.193  1.00 22.31 ? 442 GLU A CB  1 
ATOM   236  C CG  . GLU A 1 34  ? -1.996  8.698   -0.156  1.00 27.54 ? 442 GLU A CG  1 
ATOM   237  C CD  . GLU A 1 34  ? -1.447  9.746   0.820   1.00 32.27 ? 442 GLU A CD  1 
ATOM   238  O OE1 . GLU A 1 34  ? -2.101  10.066  1.842   1.00 35.15 ? 442 GLU A OE1 1 
ATOM   239  O OE2 . GLU A 1 34  ? -0.323  10.228  0.549   1.00 35.23 ? 442 GLU A OE2 1 
ATOM   240  N N   . TYR A 1 35  ? -3.918  5.487   -0.126  1.00 19.48 ? 443 TYR A N   1 
ATOM   241  C CA  . TYR A 1 35  ? -3.425  4.156   0.206   1.00 19.57 ? 443 TYR A CA  1 
ATOM   242  C C   . TYR A 1 35  ? -3.539  3.217   -0.985  1.00 19.69 ? 443 TYR A C   1 
ATOM   243  O O   . TYR A 1 35  ? -2.585  2.522   -1.331  1.00 21.03 ? 443 TYR A O   1 
ATOM   244  C CB  . TYR A 1 35  ? -4.213  3.584   1.388   1.00 22.89 ? 443 TYR A CB  1 
ATOM   245  C CG  . TYR A 1 35  ? -3.803  2.187   1.767   1.00 25.37 ? 443 TYR A CG  1 
ATOM   246  C CD1 . TYR A 1 35  ? -2.609  1.943   2.451   1.00 27.54 ? 443 TYR A CD1 1 
ATOM   247  C CD2 . TYR A 1 35  ? -4.608  1.105   1.435   1.00 29.15 ? 443 TYR A CD2 1 
ATOM   248  C CE1 . TYR A 1 35  ? -2.240  0.648   2.802   1.00 29.95 ? 443 TYR A CE1 1 
ATOM   249  C CE2 . TYR A 1 35  ? -4.242  -0.193  1.770   1.00 30.79 ? 443 TYR A CE2 1 
ATOM   250  C CZ  . TYR A 1 35  ? -3.068  -0.410  2.453   1.00 32.30 ? 443 TYR A CZ  1 
ATOM   251  O OH  . TYR A 1 35  ? -2.737  -1.702  2.823   1.00 35.96 ? 443 TYR A OH  1 
ATOM   252  N N   . LYS A 1 36  ? -4.699  3.220   -1.625  1.00 18.66 ? 444 LYS A N   1 
ATOM   253  C CA  . LYS A 1 36  ? -4.888  2.320   -2.777  1.00 19.23 ? 444 LYS A CA  1 
ATOM   254  C C   . LYS A 1 36  ? -3.979  2.692   -3.912  1.00 20.14 ? 444 LYS A C   1 
ATOM   255  O O   . LYS A 1 36  ? -3.481  1.793   -4.619  1.00 20.61 ? 444 LYS A O   1 
ATOM   256  C CB  . LYS A 1 36  ? -6.328  2.374   -3.253  1.00 18.93 ? 444 LYS A CB  1 
ATOM   257  C CG  . LYS A 1 36  ? -7.286  1.636   -2.387  1.00 23.15 ? 444 LYS A CG  1 
ATOM   258  C CD  . LYS A 1 36  ? -8.704  1.925   -2.869  1.00 25.24 ? 444 LYS A CD  1 
ATOM   259  C CE  . LYS A 1 36  ? -9.736  1.114   -2.133  1.00 29.18 ? 444 LYS A CE  1 
ATOM   260  N NZ  . LYS A 1 36  ? -9.609  -0.327  -2.494  1.00 32.64 ? 444 LYS A NZ  1 
ATOM   261  N N   . SER A 1 37  ? -3.758  3.985   -4.137  1.00 19.52 ? 445 SER A N   1 
ATOM   262  C CA  . SER A 1 37  ? -2.907  4.413   -5.236  1.00 21.23 ? 445 SER A CA  1 
ATOM   263  C C   . SER A 1 37  ? -1.486  4.039   -4.979  1.00 22.80 ? 445 SER A C   1 
ATOM   264  O O   . SER A 1 37  ? -0.803  3.529   -5.862  1.00 22.49 ? 445 SER A O   1 
ATOM   265  C CB  . SER A 1 37  ? -3.014  5.908   -5.469  1.00 21.26 ? 445 SER A CB  1 
ATOM   266  O OG  . SER A 1 37  ? -4.342  6.258   -5.878  1.00 23.28 ? 445 SER A OG  1 
ATOM   267  N N   . LEU A 1 38  ? -1.027  4.233   -3.758  1.00 22.52 ? 446 LEU A N   1 
ATOM   268  C CA  . LEU A 1 38  ? 0.373   3.873   -3.479  1.00 24.22 ? 446 LEU A CA  1 
ATOM   269  C C   . LEU A 1 38  ? 0.530   2.351   -3.494  1.00 23.84 ? 446 LEU A C   1 
ATOM   270  O O   . LEU A 1 38  ? 1.538   1.817   -3.999  1.00 24.54 ? 446 LEU A O   1 
ATOM   271  C CB  . LEU A 1 38  ? 0.822   4.453   -2.121  1.00 27.12 ? 446 LEU A CB  1 
ATOM   272  C CG  . LEU A 1 38  ? 0.899   5.976   -2.043  1.00 29.39 ? 446 LEU A CG  1 
ATOM   273  C CD1 . LEU A 1 38  ? 1.113   6.355   -0.583  1.00 30.58 ? 446 LEU A CD1 1 
ATOM   274  C CD2 . LEU A 1 38  ? 2.019   6.510   -2.893  1.00 31.92 ? 446 LEU A CD2 1 
ATOM   275  N N   . GLN A 1 39  ? -0.448  1.628   -2.964  1.00 23.59 ? 447 GLN A N   1 
ATOM   276  C CA  . GLN A 1 39  ? -0.336  0.179   -2.960  1.00 25.07 ? 447 GLN A CA  1 
ATOM   277  C C   . GLN A 1 39  ? -0.285  -0.332  -4.401  1.00 23.89 ? 447 GLN A C   1 
ATOM   278  O O   . GLN A 1 39  ? 0.439   -1.286  -4.668  1.00 24.08 ? 447 GLN A O   1 
ATOM   279  C CB  . GLN A 1 39  ? -1.495  -0.482  -2.229  1.00 28.29 ? 447 GLN A CB  1 
ATOM   280  C CG  . GLN A 1 39  ? -1.230  -1.946  -1.913  1.00 34.94 ? 447 GLN A CG  1 
ATOM   281  C CD  . GLN A 1 39  ? -0.011  -2.170  -0.997  1.00 37.77 ? 447 GLN A CD  1 
ATOM   282  O OE1 . GLN A 1 39  ? 0.085   -1.597  0.097   1.00 39.40 ? 447 GLN A OE1 1 
ATOM   283  N NE2 . GLN A 1 39  ? 0.921   -3.013  -1.446  1.00 39.45 ? 447 GLN A NE2 1 
ATOM   284  N N   . SER A 1 40  ? -1.003  0.319   -5.326  1.00 22.62 ? 448 SER A N   1 
ATOM   285  C CA  . SER A 1 40  ? -0.973  -0.154  -6.730  1.00 23.23 ? 448 SER A CA  1 
ATOM   286  C C   . SER A 1 40  ? 0.390   0.056   -7.358  1.00 24.70 ? 448 SER A C   1 
ATOM   287  O O   . SER A 1 40  ? 0.858   -0.770  -8.164  1.00 24.58 ? 448 SER A O   1 
ATOM   288  C CB  . SER A 1 40  ? -2.017  0.559   -7.577  1.00 25.17 ? 448 SER A CB  1 
ATOM   289  O OG  . SER A 1 40  ? -3.305  0.205   -7.142  1.00 32.22 ? 448 SER A OG  1 
ATOM   290  N N   . GLU A 1 41  ? 1.020   1.177   -7.024  1.00 25.55 ? 449 GLU A N   1 
ATOM   291  C CA  . GLU A 1 41  ? 2.351   1.472   -7.540  1.00 27.33 ? 449 GLU A CA  1 
ATOM   292  C C   . GLU A 1 41  ? 3.354   0.422   -6.996  1.00 27.38 ? 449 GLU A C   1 
ATOM   293  O O   . GLU A 1 41  ? 4.168   -0.148  -7.738  1.00 26.49 ? 449 GLU A O   1 
ATOM   294  C CB  . GLU A 1 41  ? 2.755   2.880   -7.113  1.00 28.80 ? 449 GLU A CB  1 
ATOM   295  C CG  . GLU A 1 41  ? 3.992   3.435   -7.804  1.00 34.91 ? 449 GLU A CG  1 
ATOM   296  C CD  . GLU A 1 41  ? 4.495   4.706   -7.142  1.00 37.97 ? 449 GLU A CD  1 
ATOM   297  O OE1 . GLU A 1 41  ? 3.673   5.595   -6.834  1.00 39.23 ? 449 GLU A OE1 1 
ATOM   298  O OE2 . GLU A 1 41  ? 5.728   4.798   -6.924  1.00 41.90 ? 449 GLU A OE2 1 
ATOM   299  N N   . LEU A 1 42  ? 3.285   0.128   -5.711  1.00 25.11 ? 450 LEU A N   1 
ATOM   300  C CA  . LEU A 1 42  ? 4.206   -0.841  -5.132  1.00 27.89 ? 450 LEU A CA  1 
ATOM   301  C C   . LEU A 1 42  ? 3.949   -2.211  -5.706  1.00 28.12 ? 450 LEU A C   1 
ATOM   302  O O   . LEU A 1 42  ? 4.895   -2.961  -5.908  1.00 29.23 ? 450 LEU A O   1 
ATOM   303  C CB  . LEU A 1 42  ? 4.064   -0.897  -3.592  1.00 28.08 ? 450 LEU A CB  1 
ATOM   304  C CG  . LEU A 1 42  ? 4.380   0.439   -2.910  1.00 29.87 ? 450 LEU A CG  1 
ATOM   305  C CD1 . LEU A 1 42  ? 4.131   0.312   -1.411  1.00 29.51 ? 450 LEU A CD1 1 
ATOM   306  C CD2 . LEU A 1 42  ? 5.844   0.851   -3.181  1.00 30.68 ? 450 LEU A CD2 1 
ATOM   307  N N   . ASP A 1 43  ? 2.679   -2.533  -5.979  1.00 27.66 ? 451 ASP A N   1 
ATOM   308  C CA  . ASP A 1 43  ? 2.295   -3.841  -6.517  1.00 29.71 ? 451 ASP A CA  1 
ATOM   309  C C   . ASP A 1 43  ? 2.782   -4.059  -7.938  1.00 29.83 ? 451 ASP A C   1 
ATOM   310  O O   . ASP A 1 43  ? 3.035   -5.202  -8.324  1.00 30.07 ? 451 ASP A O   1 
ATOM   311  C CB  . ASP A 1 43  ? 0.775   -4.033  -6.511  1.00 32.21 ? 451 ASP A CB  1 
ATOM   312  C CG  . ASP A 1 43  ? 0.196   -4.224  -5.115  1.00 35.64 ? 451 ASP A CG  1 
ATOM   313  O OD1 . ASP A 1 43  ? 0.943   -4.560  -4.172  1.00 37.29 ? 451 ASP A OD1 1 
ATOM   314  O OD2 . ASP A 1 43  ? -1.043  -4.053  -4.962  1.00 39.20 ? 451 ASP A OD2 1 
ATOM   315  N N   . GLU A 1 44  ? 2.920   -2.992  -8.713  1.00 29.59 ? 452 GLU A N   1 
ATOM   316  C CA  . GLU A 1 44  ? 3.348   -3.140  -10.112 1.00 30.53 ? 452 GLU A CA  1 
ATOM   317  C C   . GLU A 1 44  ? 4.706   -3.801  -10.172 1.00 28.97 ? 452 GLU A C   1 
ATOM   318  O O   . GLU A 1 44  ? 4.908   -4.726  -10.960 1.00 28.29 ? 452 GLU A O   1 
ATOM   319  C CB  . GLU A 1 44  ? 3.423   -1.785  -10.825 1.00 34.51 ? 452 GLU A CB  1 
ATOM   320  C CG  . GLU A 1 44  ? 4.653   -0.947  -10.444 1.00 39.28 ? 452 GLU A CG  1 
ATOM   321  C CD  . GLU A 1 44  ? 4.548   0.517   -10.836 1.00 42.12 ? 452 GLU A CD  1 
ATOM   322  O OE1 . GLU A 1 44  ? 3.543   1.184   -10.486 1.00 45.34 ? 452 GLU A OE1 1 
ATOM   323  O OE2 . GLU A 1 44  ? 5.487   1.001   -11.499 1.00 45.13 ? 452 GLU A OE2 1 
ATOM   324  N N   . ILE A 1 45  ? 5.644   -3.321  -9.361  1.00 26.23 ? 453 ILE A N   1 
ATOM   325  C CA  . ILE A 1 45  ? 6.988   -3.893  -9.331  1.00 25.68 ? 453 ILE A CA  1 
ATOM   326  C C   . ILE A 1 45  ? 6.940   -5.365  -8.940  1.00 23.51 ? 453 ILE A C   1 
ATOM   327  O O   . ILE A 1 45  ? 7.622   -6.199  -9.542  1.00 21.46 ? 453 ILE A O   1 
ATOM   328  C CB  . ILE A 1 45  ? 7.890   -3.163  -8.301  1.00 27.70 ? 453 ILE A CB  1 
ATOM   329  C CG1 . ILE A 1 45  ? 7.926   -1.667  -8.610  1.00 29.60 ? 453 ILE A CG1 1 
ATOM   330  C CG2 . ILE A 1 45  ? 9.282   -3.752  -8.342  1.00 27.94 ? 453 ILE A CG2 1 
ATOM   331  C CD1 . ILE A 1 45  ? 8.620   -1.366  -9.904  1.00 30.80 ? 453 ILE A CD1 1 
ATOM   332  N N   . ASN A 1 46  ? 6.169   -5.700  -7.914  1.00 21.79 ? 454 ASN A N   1 
ATOM   333  C CA  . ASN A 1 46  ? 6.100   -7.082  -7.489  1.00 22.00 ? 454 ASN A CA  1 
ATOM   334  C C   . ASN A 1 46  ? 5.467   -7.964  -8.572  1.00 21.81 ? 454 ASN A C   1 
ATOM   335  O O   . ASN A 1 46  ? 5.872   -9.109  -8.753  1.00 21.98 ? 454 ASN A O   1 
ATOM   336  C CB  . ASN A 1 46  ? 5.326   -7.214  -6.173  1.00 23.70 ? 454 ASN A CB  1 
ATOM   337  C CG  . ASN A 1 46  ? 6.143   -6.795  -4.981  1.00 25.66 ? 454 ASN A CG  1 
ATOM   338  O OD1 . ASN A 1 46  ? 7.380   -6.886  -4.984  1.00 28.68 ? 454 ASN A OD1 1 
ATOM   339  N ND2 . ASN A 1 46  ? 5.452   -6.319  -3.934  1.00 26.52 ? 454 ASN A ND2 1 
ATOM   340  N N   . LYS A 1 47  ? 4.489   -7.430  -9.294  1.00 22.13 ? 455 LYS A N   1 
ATOM   341  C CA  . LYS A 1 47  ? 3.868   -8.225  -10.356 1.00 22.71 ? 455 LYS A CA  1 
ATOM   342  C C   . LYS A 1 47  ? 4.886   -8.481  -11.457 1.00 21.68 ? 455 LYS A C   1 
ATOM   343  O O   . LYS A 1 47  ? 4.925   -9.599  -12.003 1.00 22.04 ? 455 LYS A O   1 
ATOM   344  C CB  . LYS A 1 47  ? 2.651   -7.505  -10.936 1.00 24.00 ? 455 LYS A CB  1 
ATOM   345  C CG  . LYS A 1 47  ? 1.436   -7.497  -10.019 1.00 29.70 ? 455 LYS A CG  1 
ATOM   346  C CD  . LYS A 1 47  ? 0.270   -6.767  -10.702 1.00 31.76 ? 455 LYS A CD  1 
ATOM   347  C CE  . LYS A 1 47  ? -0.833  -6.477  -9.714  1.00 34.23 ? 455 LYS A CE  1 
ATOM   348  N NZ  . LYS A 1 47  ? -1.106  -7.695  -8.890  1.00 36.97 ? 455 LYS A NZ  1 
ATOM   349  N N   . GLU A 1 48  ? 5.711   -7.482  -11.774 1.00 20.37 ? 456 GLU A N   1 
ATOM   350  C CA  . GLU A 1 48  ? 6.716   -7.660  -12.818 1.00 20.80 ? 456 GLU A CA  1 
ATOM   351  C C   . GLU A 1 48  ? 7.753   -8.664  -12.362 1.00 19.69 ? 456 GLU A C   1 
ATOM   352  O O   . GLU A 1 48  ? 8.195   -9.505  -13.158 1.00 19.34 ? 456 GLU A O   1 
ATOM   353  C CB  . GLU A 1 48  ? 7.381   -6.340  -13.204 1.00 23.46 ? 456 GLU A CB  1 
ATOM   354  C CG  . GLU A 1 48  ? 6.389   -5.356  -13.781 1.00 29.73 ? 456 GLU A CG  1 
ATOM   355  C CD  . GLU A 1 48  ? 6.962   -3.957  -13.866 1.00 33.61 ? 456 GLU A CD  1 
ATOM   356  O OE1 . GLU A 1 48  ? 7.467   -3.463  -12.830 1.00 36.64 ? 456 GLU A OE1 1 
ATOM   357  O OE2 . GLU A 1 48  ? 6.912   -3.345  -14.951 1.00 37.51 ? 456 GLU A OE2 1 
ATOM   358  N N   . LEU A 1 49  ? 8.156   -8.592  -11.096 1.00 19.10 ? 457 LEU A N   1 
ATOM   359  C CA  . LEU A 1 49  ? 9.155   -9.561  -10.584 1.00 19.48 ? 457 LEU A CA  1 
ATOM   360  C C   . LEU A 1 49  ? 8.630   -10.992 -10.645 1.00 20.19 ? 457 LEU A C   1 
ATOM   361  O O   . LEU A 1 49  ? 9.399   -11.922 -10.938 1.00 19.25 ? 457 LEU A O   1 
ATOM   362  C CB  . LEU A 1 49  ? 9.581   -9.235  -9.147  1.00 19.44 ? 457 LEU A CB  1 
ATOM   363  C CG  . LEU A 1 49  ? 10.514  -8.015  -9.021  1.00 19.61 ? 457 LEU A CG  1 
ATOM   364  C CD1 . LEU A 1 49  ? 10.575  -7.549  -7.559  1.00 20.93 ? 457 LEU A CD1 1 
ATOM   365  C CD2 . LEU A 1 49  ? 11.882  -8.395  -9.511  1.00 17.83 ? 457 LEU A CD2 1 
ATOM   366  N N   . SER A 1 50  ? 7.329   -11.175 -10.386 1.00 20.81 ? 458 SER A N   1 
ATOM   367  C CA  . SER A 1 50  ? 6.718   -12.507 -10.419 1.00 21.94 ? 458 SER A CA  1 
ATOM   368  C C   . SER A 1 50  ? 6.709   -13.057 -11.845 1.00 22.41 ? 458 SER A C   1 
ATOM   369  O O   . SER A 1 50  ? 6.996   -14.252 -12.063 1.00 22.65 ? 458 SER A O   1 
ATOM   370  C CB  . SER A 1 50  ? 5.283   -12.445 -9.904  1.00 23.00 ? 458 SER A CB  1 
ATOM   371  O OG  . SER A 1 50  ? 4.683   -13.714 -10.068 1.00 27.88 ? 458 SER A OG  1 
ATOM   372  N N   . ARG A 1 51  ? 6.393   -12.197 -12.817 1.00 20.97 ? 459 ARG A N   1 
ATOM   373  C CA  . ARG A 1 51  ? 6.381   -12.637 -14.214 1.00 21.03 ? 459 ARG A CA  1 
ATOM   374  C C   . ARG A 1 51  ? 7.793   -12.991 -14.670 1.00 21.05 ? 459 ARG A C   1 
ATOM   375  O O   . ARG A 1 51  ? 7.968   -13.918 -15.470 1.00 21.54 ? 459 ARG A O   1 
ATOM   376  C CB  . ARG A 1 51  ? 5.803   -11.567 -15.133 1.00 23.73 ? 459 ARG A CB  1 
ATOM   377  C CG  . ARG A 1 51  ? 4.293   -11.406 -14.946 1.00 26.40 ? 459 ARG A CG  1 
ATOM   378  C CD  . ARG A 1 51  ? 3.697   -10.539 -16.031 1.00 30.76 ? 459 ARG A CD  1 
ATOM   379  N NE  . ARG A 1 51  ? 2.382   -10.045 -15.628 1.00 35.33 ? 459 ARG A NE  1 
ATOM   380  C CZ  . ARG A 1 51  ? 2.175   -8.887  -15.000 1.00 35.83 ? 459 ARG A CZ  1 
ATOM   381  N NH1 . ARG A 1 51  ? 3.196   -8.091  -14.705 1.00 37.61 ? 459 ARG A NH1 1 
ATOM   382  N NH2 . ARG A 1 51  ? 0.937   -8.517  -14.676 1.00 38.18 ? 459 ARG A NH2 1 
ATOM   383  N N   . LEU A 1 52  ? 8.793   -12.272 -14.159 1.00 19.81 ? 460 LEU A N   1 
ATOM   384  C CA  . LEU A 1 52  ? 10.186  -12.531 -14.543 1.00 19.73 ? 460 LEU A CA  1 
ATOM   385  C C   . LEU A 1 52  ? 10.671  -13.814 -13.908 1.00 21.45 ? 460 LEU A C   1 
ATOM   386  O O   . LEU A 1 52  ? 11.515  -14.505 -14.494 1.00 20.56 ? 460 LEU A O   1 
ATOM   387  C CB  . LEU A 1 52  ? 11.094  -11.375 -14.122 1.00 19.05 ? 460 LEU A CB  1 
ATOM   388  C CG  . LEU A 1 52  ? 10.939  -10.119 -14.968 1.00 19.53 ? 460 LEU A CG  1 
ATOM   389  C CD1 . LEU A 1 52  ? 11.584  -8.931  -14.280 1.00 21.15 ? 460 LEU A CD1 1 
ATOM   390  C CD2 . LEU A 1 52  ? 11.562  -10.364 -16.343 1.00 22.04 ? 460 LEU A CD2 1 
ATOM   391  N N   . ASP A 1 53  ? 10.178  -14.126 -12.716 1.00 21.55 ? 461 ASP A N   1 
ATOM   392  C CA  . ASP A 1 53  ? 10.580  -15.385 -12.087 1.00 23.98 ? 461 ASP A CA  1 
ATOM   393  C C   . ASP A 1 53  ? 10.085  -16.526 -12.964 1.00 23.28 ? 461 ASP A C   1 
ATOM   394  O O   . ASP A 1 53  ? 10.798  -17.528 -13.184 1.00 22.97 ? 461 ASP A O   1 
ATOM   395  C CB  . ASP A 1 53  ? 9.998   -15.509 -10.676 1.00 25.36 ? 461 ASP A CB  1 
ATOM   396  C CG  . ASP A 1 53  ? 10.991  -15.110 -9.611  1.00 30.18 ? 461 ASP A CG  1 
ATOM   397  O OD1 . ASP A 1 53  ? 12.156  -15.556 -9.709  1.00 33.62 ? 461 ASP A OD1 1 
ATOM   398  O OD2 . ASP A 1 53  ? 10.625  -14.371 -8.681  1.00 33.66 ? 461 ASP A OD2 1 
ATOM   399  N N   . LYS A 1 54  ? 8.874   -16.406 -13.491 1.00 22.13 ? 462 LYS A N   1 
ATOM   400  C CA  . LYS A 1 54  ? 8.376   -17.467 -14.347 1.00 23.09 ? 462 LYS A CA  1 
ATOM   401  C C   . LYS A 1 54  ? 9.206   -17.553 -15.644 1.00 24.32 ? 462 LYS A C   1 
ATOM   402  O O   . LYS A 1 54  ? 9.431   -18.663 -16.184 1.00 25.66 ? 462 LYS A O   1 
ATOM   403  C CB  . LYS A 1 54  ? 6.884   -17.236 -14.656 1.00 24.17 ? 462 LYS A CB  1 
ATOM   404  C CG  . LYS A 1 54  ? 6.029   -17.275 -13.422 1.00 24.51 ? 462 LYS A CG  1 
ATOM   405  C CD  . LYS A 1 54  ? 4.540   -17.235 -13.756 1.00 26.28 ? 462 LYS A CD  1 
ATOM   406  C CE  . LYS A 1 54  ? 3.741   -17.291 -12.480 1.00 28.63 ? 462 LYS A CE  1 
ATOM   407  N NZ  . LYS A 1 54  ? 4.082   -16.157 -11.563 1.00 31.48 ? 462 LYS A NZ  1 
ATOM   408  N N   . GLU A 1 55  ? 9.657   -16.409 -16.165 1.00 22.64 ? 463 GLU A N   1 
ATOM   409  C CA  . GLU A 1 55  ? 10.474  -16.431 -17.381 1.00 23.58 ? 463 GLU A CA  1 
ATOM   410  C C   . GLU A 1 55  ? 11.817  -17.123 -17.129 1.00 22.93 ? 463 GLU A C   1 
ATOM   411  O O   . GLU A 1 55  ? 12.346  -17.784 -18.009 1.00 24.30 ? 463 GLU A O   1 
ATOM   412  C CB  . GLU A 1 55  ? 10.750  -15.030 -17.930 1.00 24.24 ? 463 GLU A CB  1 
ATOM   413  C CG  . GLU A 1 55  ? 9.521   -14.384 -18.626 1.00 28.98 ? 463 GLU A CG  1 
ATOM   414  C CD  . GLU A 1 55  ? 9.848   -13.084 -19.368 1.00 30.77 ? 463 GLU A CD  1 
ATOM   415  O OE1 . GLU A 1 55  ? 11.002  -12.861 -19.807 1.00 34.98 ? 463 GLU A OE1 1 
ATOM   416  O OE2 . GLU A 1 55  ? 8.931   -12.282 -19.589 1.00 35.51 ? 463 GLU A OE2 1 
ATOM   417  N N   . LEU A 1 56  ? 12.358  -16.948 -15.934 1.00 21.22 ? 464 LEU A N   1 
ATOM   418  C CA  . LEU A 1 56  ? 13.643  -17.544 -15.605 1.00 22.04 ? 464 LEU A CA  1 
ATOM   419  C C   . LEU A 1 56  ? 13.457  -19.068 -15.511 1.00 24.28 ? 464 LEU A C   1 
ATOM   420  O O   . LEU A 1 56  ? 14.393  -19.817 -15.806 1.00 25.26 ? 464 LEU A O   1 
ATOM   421  C CB  . LEU A 1 56  ? 14.177  -16.955 -14.286 1.00 21.18 ? 464 LEU A CB  1 
ATOM   422  C CG  . LEU A 1 56  ? 14.650  -15.477 -14.369 1.00 21.46 ? 464 LEU A CG  1 
ATOM   423  C CD1 . LEU A 1 56  ? 14.833  -14.864 -12.958 1.00 21.09 ? 464 LEU A CD1 1 
ATOM   424  C CD2 . LEU A 1 56  ? 15.946  -15.413 -15.117 1.00 21.49 ? 464 LEU A CD2 1 
ATOM   425  N N   . ASP A 1 57  ? 12.257  -19.521 -15.124 1.00 25.45 ? 465 ASP A N   1 
ATOM   426  C CA  . ASP A 1 57  ? 11.989  -20.968 -15.031 1.00 27.75 ? 465 ASP A CA  1 
ATOM   427  C C   . ASP A 1 57  ? 11.886  -21.516 -16.441 1.00 27.87 ? 465 ASP A C   1 
ATOM   428  O O   . ASP A 1 57  ? 12.352  -22.630 -16.737 1.00 25.85 ? 465 ASP A O   1 
ATOM   429  C CB  . ASP A 1 57  ? 10.634  -21.277 -14.378 1.00 31.16 ? 465 ASP A CB  1 
ATOM   430  C CG  . ASP A 1 57  ? 10.588  -20.986 -12.888 1.00 33.32 ? 465 ASP A CG  1 
ATOM   431  O OD1 . ASP A 1 57  ? 11.612  -21.109 -12.195 1.00 36.82 ? 465 ASP A OD1 1 
ATOM   432  O OD2 . ASP A 1 57  ? 9.480   -20.649 -12.409 1.00 37.76 ? 465 ASP A OD2 1 
ATOM   433  N N   . ASP A 1 58  ? 11.237  -20.739 -17.309 1.00 27.86 ? 466 ASP A N   1 
ATOM   434  C CA  . ASP A 1 58  ? 10.993  -21.131 -18.699 1.00 30.98 ? 466 ASP A CA  1 
ATOM   435  C C   . ASP A 1 58  ? 12.204  -21.257 -19.618 1.00 30.84 ? 466 ASP A C   1 
ATOM   436  O O   . ASP A 1 58  ? 12.417  -22.299 -20.256 1.00 30.94 ? 466 ASP A O   1 
ATOM   437  C CB  . ASP A 1 58  ? 10.031  -20.141 -19.394 1.00 34.33 ? 466 ASP A CB  1 
ATOM   438  C CG  . ASP A 1 58  ? 8.614   -20.222 -18.889 1.00 38.67 ? 466 ASP A CG  1 
ATOM   439  O OD1 . ASP A 1 58  ? 8.234   -21.267 -18.329 1.00 41.68 ? 466 ASP A OD1 1 
ATOM   440  O OD2 . ASP A 1 58  ? 7.864   -19.230 -19.077 1.00 41.47 ? 466 ASP A OD2 1 
ATOM   441  N N   . TYR A 1 59  ? 12.987  -20.188 -19.696 1.00 29.89 ? 467 TYR A N   1 
ATOM   442  C CA  . TYR A 1 59  ? 14.121  -20.101 -20.607 1.00 28.22 ? 467 TYR A CA  1 
ATOM   443  C C   . TYR A 1 59  ? 15.359  -20.878 -20.187 1.00 27.64 ? 467 TYR A C   1 
ATOM   444  O O   . TYR A 1 59  ? 15.596  -21.056 -18.998 1.00 26.54 ? 467 TYR A O   1 
ATOM   445  C CB  . TYR A 1 59  ? 14.526  -18.631 -20.807 1.00 29.62 ? 467 TYR A CB  1 
ATOM   446  C CG  . TYR A 1 59  ? 13.435  -17.748 -21.399 1.00 31.31 ? 467 TYR A CG  1 
ATOM   447  C CD1 . TYR A 1 59  ? 12.821  -18.092 -22.597 1.00 33.32 ? 467 TYR A CD1 1 
ATOM   448  C CD2 . TYR A 1 59  ? 13.067  -16.536 -20.787 1.00 31.86 ? 467 TYR A CD2 1 
ATOM   449  C CE1 . TYR A 1 59  ? 11.862  -17.258 -23.198 1.00 33.78 ? 467 TYR A CE1 1 
ATOM   450  C CE2 . TYR A 1 59  ? 12.101  -15.688 -21.386 1.00 32.52 ? 467 TYR A CE2 1 
ATOM   451  C CZ  . TYR A 1 59  ? 11.513  -16.063 -22.585 1.00 34.26 ? 467 TYR A CZ  1 
ATOM   452  O OH  . TYR A 1 59  ? 10.567  -15.268 -23.214 1.00 34.97 ? 467 TYR A OH  1 
ATOM   453  N N   . ARG A 1 60  ? 16.139  -21.318 -21.178 1.00 26.53 ? 468 ARG A N   1 
ATOM   454  C CA  . ARG A 1 60  ? 17.377  -22.038 -20.897 1.00 27.02 ? 468 ARG A CA  1 
ATOM   455  C C   . ARG A 1 60  ? 18.391  -21.048 -20.328 1.00 26.19 ? 468 ARG A C   1 
ATOM   456  O O   . ARG A 1 60  ? 18.551  -19.933 -20.827 1.00 24.37 ? 468 ARG A O   1 
ATOM   457  C CB  . ARG A 1 60  ? 17.999  -22.633 -22.157 1.00 30.30 ? 468 ARG A CB  1 
ATOM   458  C CG  . ARG A 1 60  ? 17.157  -23.585 -22.951 1.00 35.90 ? 468 ARG A CG  1 
ATOM   459  C CD  . ARG A 1 60  ? 17.853  -23.843 -24.276 1.00 40.25 ? 468 ARG A CD  1 
ATOM   460  N NE  . ARG A 1 60  ? 18.409  -22.589 -24.805 1.00 44.60 ? 468 ARG A NE  1 
ATOM   461  C CZ  . ARG A 1 60  ? 18.620  -22.327 -26.090 1.00 45.85 ? 468 ARG A CZ  1 
ATOM   462  N NH1 . ARG A 1 60  ? 18.326  -23.233 -27.021 1.00 47.99 ? 468 ARG A NH1 1 
ATOM   463  N NH2 . ARG A 1 60  ? 19.116  -21.152 -26.446 1.00 46.81 ? 468 ARG A NH2 1 
ATOM   464  N N   . GLU A 1 61  ? 19.131  -21.500 -19.328 1.00 24.86 ? 469 GLU A N   1 
ATOM   465  C CA  . GLU A 1 61  ? 20.137  -20.670 -18.680 1.00 24.15 ? 469 GLU A CA  1 
ATOM   466  C C   . GLU A 1 61  ? 21.175  -20.051 -19.597 1.00 25.52 ? 469 GLU A C   1 
ATOM   467  O O   . GLU A 1 61  ? 21.688  -18.962 -19.324 1.00 24.14 ? 469 GLU A O   1 
ATOM   468  C CB  . GLU A 1 61  ? 20.883  -21.487 -17.616 1.00 23.62 ? 469 GLU A CB  1 
ATOM   469  C CG  . GLU A 1 61  ? 20.107  -21.739 -16.321 1.00 23.00 ? 469 GLU A CG  1 
ATOM   470  C CD  . GLU A 1 61  ? 18.948  -22.719 -16.478 1.00 23.15 ? 469 GLU A CD  1 
ATOM   471  O OE1 . GLU A 1 61  ? 18.879  -23.430 -17.509 1.00 25.14 ? 469 GLU A OE1 1 
ATOM   472  O OE2 . GLU A 1 61  ? 18.134  -22.793 -15.554 1.00 23.98 ? 469 GLU A OE2 1 
ATOM   473  N N   . GLU A 1 62  ? 21.520  -20.755 -20.673 1.00 25.56 ? 470 GLU A N   1 
ATOM   474  C CA  . GLU A 1 62  ? 22.551  -20.242 -21.558 1.00 27.30 ? 470 GLU A CA  1 
ATOM   475  C C   . GLU A 1 62  ? 22.011  -19.287 -22.609 1.00 27.47 ? 470 GLU A C   1 
ATOM   476  O O   . GLU A 1 62  ? 22.795  -18.698 -23.354 1.00 27.73 ? 470 GLU A O   1 
ATOM   477  C CB  . GLU A 1 62  ? 23.268  -21.409 -22.263 1.00 29.16 ? 470 GLU A CB  1 
ATOM   478  C CG  . GLU A 1 62  ? 22.415  -22.107 -23.303 1.00 31.16 ? 470 GLU A CG  1 
ATOM   479  C CD  . GLU A 1 62  ? 21.640  -23.287 -22.760 1.00 33.66 ? 470 GLU A CD  1 
ATOM   480  O OE1 . GLU A 1 62  ? 21.368  -23.367 -21.531 1.00 33.06 ? 470 GLU A OE1 1 
ATOM   481  O OE2 . GLU A 1 62  ? 21.291  -24.160 -23.593 1.00 37.30 ? 470 GLU A OE2 1 
ATOM   482  N N   . SER A 1 63  ? 20.685  -19.113 -22.639 1.00 26.33 ? 471 SER A N   1 
ATOM   483  C CA  . SER A 1 63  ? 20.060  -18.276 -23.649 1.00 25.44 ? 471 SER A CA  1 
ATOM   484  C C   . SER A 1 63  ? 20.143  -16.779 -23.399 1.00 26.05 ? 471 SER A C   1 
ATOM   485  O O   . SER A 1 63  ? 20.297  -16.314 -22.271 1.00 24.35 ? 471 SER A O   1 
ATOM   486  C CB  . SER A 1 63  ? 18.584  -18.664 -23.845 1.00 24.64 ? 471 SER A CB  1 
ATOM   487  O OG  . SER A 1 63  ? 17.764  -18.292 -22.744 1.00 23.55 ? 471 SER A OG  1 
ATOM   488  N N   . GLU A 1 64  ? 20.018  -16.019 -24.479 1.00 26.66 ? 472 GLU A N   1 
ATOM   489  C CA  . GLU A 1 64  ? 20.057  -14.578 -24.350 1.00 27.48 ? 472 GLU A CA  1 
ATOM   490  C C   . GLU A 1 64  ? 18.761  -14.146 -23.649 1.00 25.36 ? 472 GLU A C   1 
ATOM   491  O O   . GLU A 1 64  ? 18.756  -13.115 -22.952 1.00 25.33 ? 472 GLU A O   1 
ATOM   492  C CB  . GLU A 1 64  ? 20.188  -13.954 -25.740 1.00 30.29 ? 472 GLU A CB  1 
ATOM   493  C CG  . GLU A 1 64  ? 21.576  -14.169 -26.390 1.00 35.21 ? 472 GLU A CG  1 
ATOM   494  C CD  . GLU A 1 64  ? 21.595  -13.930 -27.907 1.00 38.94 ? 472 GLU A CD  1 
ATOM   495  O OE1 . GLU A 1 64  ? 20.994  -12.935 -28.361 1.00 41.74 ? 472 GLU A OE1 1 
ATOM   496  O OE2 . GLU A 1 64  ? 22.216  -14.730 -28.655 1.00 42.63 ? 472 GLU A OE2 1 
ATOM   497  N N   . GLU A 1 65  ? 17.676  -14.903 -23.841 1.00 24.56 ? 473 GLU A N   1 
ATOM   498  C CA  . GLU A 1 65  ? 16.366  -14.601 -23.209 1.00 23.95 ? 473 GLU A CA  1 
ATOM   499  C C   . GLU A 1 65  ? 16.510  -14.676 -21.689 1.00 23.82 ? 473 GLU A C   1 
ATOM   500  O O   . GLU A 1 65  ? 15.970  -13.841 -20.957 1.00 21.47 ? 473 GLU A O   1 
ATOM   501  C CB  . GLU A 1 65  ? 15.266  -15.599 -23.643 1.00 26.02 ? 473 GLU A CB  1 
ATOM   502  C CG  . GLU A 1 65  ? 14.699  -15.486 -25.100 1.00 30.33 ? 473 GLU A CG  1 
ATOM   503  C CD  . GLU A 1 65  ? 15.709  -15.825 -26.196 1.00 32.97 ? 473 GLU A CD  1 
ATOM   504  O OE1 . GLU A 1 65  ? 16.602  -16.666 -25.953 1.00 33.60 ? 473 GLU A OE1 1 
ATOM   505  O OE2 . GLU A 1 65  ? 15.604  -15.244 -27.313 1.00 35.50 ? 473 GLU A OE2 1 
ATOM   506  N N   . TYR A 1 66  ? 17.230  -15.692 -21.195 1.00 21.84 ? 474 TYR A N   1 
ATOM   507  C CA  . TYR A 1 66  ? 17.438  -15.816 -19.751 1.00 19.80 ? 474 TYR A CA  1 
ATOM   508  C C   . TYR A 1 66  ? 18.270  -14.633 -19.223 1.00 19.92 ? 474 TYR A C   1 
ATOM   509  O O   . TYR A 1 66  ? 17.977  -14.081 -18.159 1.00 20.18 ? 474 TYR A O   1 
ATOM   510  C CB  . TYR A 1 66  ? 18.173  -17.144 -19.424 1.00 18.67 ? 474 TYR A CB  1 
ATOM   511  C CG  . TYR A 1 66  ? 18.259  -17.473 -17.942 1.00 16.59 ? 474 TYR A CG  1 
ATOM   512  C CD1 . TYR A 1 66  ? 17.398  -18.400 -17.367 1.00 17.80 ? 474 TYR A CD1 1 
ATOM   513  C CD2 . TYR A 1 66  ? 19.241  -16.879 -17.112 1.00 16.45 ? 474 TYR A CD2 1 
ATOM   514  C CE1 . TYR A 1 66  ? 17.495  -18.742 -16.007 1.00 18.27 ? 474 TYR A CE1 1 
ATOM   515  C CE2 . TYR A 1 66  ? 19.345  -17.213 -15.775 1.00 18.31 ? 474 TYR A CE2 1 
ATOM   516  C CZ  . TYR A 1 66  ? 18.475  -18.142 -15.222 1.00 17.43 ? 474 TYR A CZ  1 
ATOM   517  O OH  . TYR A 1 66  ? 18.557  -18.447 -13.883 1.00 20.29 ? 474 TYR A OH  1 
ATOM   518  N N   . MET A 1 67  ? 19.326  -14.242 -19.931 1.00 19.88 ? 475 MET A N   1 
ATOM   519  C CA  . MET A 1 67  ? 20.157  -13.153 -19.473 1.00 21.23 ? 475 MET A CA  1 
ATOM   520  C C   . MET A 1 67  ? 19.335  -11.863 -19.435 1.00 19.70 ? 475 MET A C   1 
ATOM   521  O O   . MET A 1 67  ? 19.474  -11.088 -18.490 1.00 21.65 ? 475 MET A O   1 
ATOM   522  C CB  . MET A 1 67  ? 21.371  -12.987 -20.399 1.00 24.61 ? 475 MET A CB  1 
ATOM   523  C CG  . MET A 1 67  ? 22.313  -11.854 -19.963 1.00 30.91 ? 475 MET A CG  1 
ATOM   524  S SD  . MET A 1 67  ? 23.283  -12.077 -18.414 1.00 38.95 ? 475 MET A SD  1 
ATOM   525  C CE  . MET A 1 67  ? 24.578  -13.093 -19.012 1.00 36.13 ? 475 MET A CE  1 
ATOM   526  N N   . ALA A 1 68  ? 18.437  -11.680 -20.402 1.00 19.52 ? 476 ALA A N   1 
ATOM   527  C CA  . ALA A 1 68  ? 17.614  -10.436 -20.436 1.00 18.27 ? 476 ALA A CA  1 
ATOM   528  C C   . ALA A 1 68  ? 16.688  -10.391 -19.232 1.00 18.60 ? 476 ALA A C   1 
ATOM   529  O O   . ALA A 1 68  ? 16.529  -9.323  -18.570 1.00 17.80 ? 476 ALA A O   1 
ATOM   530  C CB  . ALA A 1 68  ? 16.804  -10.363 -21.725 1.00 19.93 ? 476 ALA A CB  1 
ATOM   531  N N   . ALA A 1 69  ? 16.092  -11.534 -18.920 1.00 18.32 ? 477 ALA A N   1 
ATOM   532  C CA  . ALA A 1 69  ? 15.154  -11.604 -17.790 1.00 17.47 ? 477 ALA A CA  1 
ATOM   533  C C   . ALA A 1 69  ? 15.910  -11.375 -16.497 1.00 17.70 ? 477 ALA A C   1 
ATOM   534  O O   . ALA A 1 69  ? 15.443  -10.651 -15.615 1.00 17.51 ? 477 ALA A O   1 
ATOM   535  C CB  . ALA A 1 69  ? 14.452  -12.958 -17.774 1.00 18.27 ? 477 ALA A CB  1 
ATOM   536  N N   . ALA A 1 70  ? 17.066  -12.018 -16.335 1.00 16.98 ? 478 ALA A N   1 
ATOM   537  C CA  . ALA A 1 70  ? 17.886  -11.817 -15.139 1.00 16.91 ? 478 ALA A CA  1 
ATOM   538  C C   . ALA A 1 70  ? 18.322  -10.349 -14.967 1.00 17.53 ? 478 ALA A C   1 
ATOM   539  O O   . ALA A 1 70  ? 18.291  -9.814  -13.829 1.00 17.55 ? 478 ALA A O   1 
ATOM   540  C CB  . ALA A 1 70  ? 19.122  -12.739 -15.160 1.00 16.65 ? 478 ALA A CB  1 
ATOM   541  N N   . ASP A 1 71  ? 18.716  -9.695  -16.063 1.00 18.01 ? 479 ASP A N   1 
ATOM   542  C CA  . ASP A 1 71  ? 19.115  -8.286  -15.970 1.00 18.74 ? 479 ASP A CA  1 
ATOM   543  C C   . ASP A 1 71  ? 17.925  -7.436  -15.484 1.00 17.83 ? 479 ASP A C   1 
ATOM   544  O O   . ASP A 1 71  ? 18.099  -6.575  -14.617 1.00 18.58 ? 479 ASP A O   1 
ATOM   545  C CB  . ASP A 1 71  ? 19.584  -7.736  -17.337 1.00 18.70 ? 479 ASP A CB  1 
ATOM   546  C CG  . ASP A 1 71  ? 20.945  -8.238  -17.736 1.00 21.13 ? 479 ASP A CG  1 
ATOM   547  O OD1 . ASP A 1 71  ? 21.694  -8.762  -16.870 1.00 21.12 ? 479 ASP A OD1 1 
ATOM   548  O OD2 . ASP A 1 71  ? 21.278  -8.067  -18.930 1.00 21.94 ? 479 ASP A OD2 1 
ATOM   549  N N   . GLU A 1 72  ? 16.752  -7.673  -16.039 1.00 18.35 ? 480 GLU A N   1 
ATOM   550  C CA  . GLU A 1 72  ? 15.586  -6.875  -15.628 1.00 17.86 ? 480 GLU A CA  1 
ATOM   551  C C   . GLU A 1 72  ? 15.187  -7.213  -14.194 1.00 17.95 ? 480 GLU A C   1 
ATOM   552  O O   . GLU A 1 72  ? 14.813  -6.326  -13.412 1.00 17.07 ? 480 GLU A O   1 
ATOM   553  C CB  . GLU A 1 72  ? 14.433  -7.102  -16.579 1.00 17.64 ? 480 GLU A CB  1 
ATOM   554  C CG  . GLU A 1 72  ? 13.197  -6.244  -16.256 1.00 20.99 ? 480 GLU A CG  1 
ATOM   555  C CD  . GLU A 1 72  ? 13.397  -4.788  -16.531 1.00 22.94 ? 480 GLU A CD  1 
ATOM   556  O OE1 . GLU A 1 72  ? 14.245  -4.470  -17.388 1.00 22.70 ? 480 GLU A OE1 1 
ATOM   557  O OE2 . GLU A 1 72  ? 12.668  -3.953  -15.896 1.00 23.01 ? 480 GLU A OE2 1 
ATOM   558  N N   . TYR A 1 73  ? 15.242  -8.497  -13.829 1.00 18.26 ? 481 TYR A N   1 
ATOM   559  C CA  . TYR A 1 73  ? 14.914  -8.853  -12.454 1.00 17.70 ? 481 TYR A CA  1 
ATOM   560  C C   . TYR A 1 73  ? 15.803  -8.065  -11.489 1.00 17.75 ? 481 TYR A C   1 
ATOM   561  O O   . TYR A 1 73  ? 15.316  -7.494  -10.494 1.00 17.56 ? 481 TYR A O   1 
ATOM   562  C CB  . TYR A 1 73  ? 15.142  -10.361 -12.260 1.00 17.46 ? 481 TYR A CB  1 
ATOM   563  C CG  . TYR A 1 73  ? 14.574  -10.937 -10.992 1.00 18.20 ? 481 TYR A CG  1 
ATOM   564  C CD1 . TYR A 1 73  ? 13.283  -11.465 -10.967 1.00 18.72 ? 481 TYR A CD1 1 
ATOM   565  C CD2 . TYR A 1 73  ? 15.315  -10.948 -9.827  1.00 17.56 ? 481 TYR A CD2 1 
ATOM   566  C CE1 . TYR A 1 73  ? 12.764  -12.008 -9.810  1.00 18.94 ? 481 TYR A CE1 1 
ATOM   567  C CE2 . TYR A 1 73  ? 14.794  -11.480 -8.637  1.00 19.83 ? 481 TYR A CE2 1 
ATOM   568  C CZ  . TYR A 1 73  ? 13.531  -12.005 -8.645  1.00 19.91 ? 481 TYR A CZ  1 
ATOM   569  O OH  . TYR A 1 73  ? 13.015  -12.527 -7.476  1.00 24.04 ? 481 TYR A OH  1 
ATOM   570  N N   . ASN A 1 74  ? 17.105  -7.996  -11.771 1.00 17.66 ? 482 ASN A N   1 
ATOM   571  C CA  . ASN A 1 74  ? 18.000  -7.276  -10.890 1.00 15.95 ? 482 ASN A CA  1 
ATOM   572  C C   . ASN A 1 74  ? 17.715  -5.763  -10.916 1.00 16.12 ? 482 ASN A C   1 
ATOM   573  O O   . ASN A 1 74  ? 17.843  -5.118  -9.851  1.00 18.48 ? 482 ASN A O   1 
ATOM   574  C CB  . ASN A 1 74  ? 19.442  -7.560  -11.263 1.00 18.03 ? 482 ASN A CB  1 
ATOM   575  C CG  . ASN A 1 74  ? 19.865  -8.964  -10.847 1.00 17.31 ? 482 ASN A CG  1 
ATOM   576  O OD1 . ASN A 1 74  ? 19.355  -9.506  -9.866  1.00 18.03 ? 482 ASN A OD1 1 
ATOM   577  N ND2 . ASN A 1 74  ? 20.779  -9.561  -11.584 1.00 18.31 ? 482 ASN A ND2 1 
ATOM   578  N N   . ARG A 1 75  ? 17.329  -5.217  -12.077 1.00 17.81 ? 483 ARG A N   1 
ATOM   579  C CA  . ARG A 1 75  ? 16.986  -3.771  -12.137 1.00 18.93 ? 483 ARG A CA  1 
ATOM   580  C C   . ARG A 1 75  ? 15.801  -3.493  -11.206 1.00 19.67 ? 483 ARG A C   1 
ATOM   581  O O   . ARG A 1 75  ? 15.777  -2.475  -10.462 1.00 19.67 ? 483 ARG A O   1 
ATOM   582  C CB  . ARG A 1 75  ? 16.582  -3.331  -13.555 1.00 21.82 ? 483 ARG A CB  1 
ATOM   583  C CG  . ARG A 1 75  ? 17.754  -3.129  -14.534 1.00 22.81 ? 483 ARG A CG  1 
ATOM   584  C CD  . ARG A 1 75  ? 17.272  -2.783  -15.989 1.00 22.98 ? 483 ARG A CD  1 
ATOM   585  N NE  . ARG A 1 75  ? 18.341  -3.223  -16.888 1.00 26.53 ? 483 ARG A NE  1 
ATOM   586  C CZ  . ARG A 1 75  ? 18.173  -4.034  -17.916 1.00 24.08 ? 483 ARG A CZ  1 
ATOM   587  N NH1 . ARG A 1 75  ? 16.963  -4.526  -18.231 1.00 22.38 ? 483 ARG A NH1 1 
ATOM   588  N NH2 . ARG A 1 75  ? 19.233  -4.335  -18.642 1.00 29.55 ? 483 ARG A NH2 1 
ATOM   589  N N   . LEU A 1 76  ? 14.815  -4.372  -11.247 1.00 19.19 ? 484 LEU A N   1 
ATOM   590  C CA  . LEU A 1 76  ? 13.625  -4.134  -10.411 1.00 19.61 ? 484 LEU A CA  1 
ATOM   591  C C   . LEU A 1 76  ? 13.916  -4.355  -8.936  1.00 19.00 ? 484 LEU A C   1 
ATOM   592  O O   . LEU A 1 76  ? 13.359  -3.629  -8.081  1.00 19.15 ? 484 LEU A O   1 
ATOM   593  C CB  . LEU A 1 76  ? 12.442  -4.987  -10.909 1.00 21.49 ? 484 LEU A CB  1 
ATOM   594  C CG  . LEU A 1 76  ? 11.905  -4.801  -12.342 1.00 23.39 ? 484 LEU A CG  1 
ATOM   595  C CD1 . LEU A 1 76  ? 10.748  -5.701  -12.565 1.00 25.71 ? 484 LEU A CD1 1 
ATOM   596  C CD2 . LEU A 1 76  ? 11.492  -3.355  -12.603 1.00 25.64 ? 484 LEU A CD2 1 
ATOM   597  N N   . LYS A 1 77  ? 14.763  -5.344  -8.598  1.00 18.89 ? 485 LYS A N   1 
ATOM   598  C CA  . LYS A 1 77  ? 15.119  -5.528  -7.196  1.00 21.43 ? 485 LYS A CA  1 
ATOM   599  C C   . LYS A 1 77  ? 15.828  -4.296  -6.678  1.00 20.98 ? 485 LYS A C   1 
ATOM   600  O O   . LYS A 1 77  ? 15.670  -3.937  -5.521  1.00 21.62 ? 485 LYS A O   1 
ATOM   601  C CB  . LYS A 1 77  ? 16.047  -6.731  -7.002  1.00 22.84 ? 485 LYS A CB  1 
ATOM   602  C CG  . LYS A 1 77  ? 15.439  -8.108  -7.354  1.00 27.63 ? 485 LYS A CG  1 
ATOM   603  C CD  . LYS A 1 77  ? 14.935  -8.869  -6.139  1.00 29.42 ? 485 LYS A CD  1 
ATOM   604  C CE  . LYS A 1 77  ? 16.034  -9.203  -5.092  1.00 28.49 ? 485 LYS A CE  1 
ATOM   605  N NZ  . LYS A 1 77  ? 16.815  -10.475 -5.339  1.00 26.00 ? 485 LYS A NZ  1 
ATOM   606  N N   . GLN A 1 78  ? 16.644  -3.671  -7.525  1.00 21.23 ? 486 GLN A N   1 
ATOM   607  C CA  . GLN A 1 78  ? 17.353  -2.465  -7.116  1.00 23.00 ? 486 GLN A CA  1 
ATOM   608  C C   . GLN A 1 78  ? 16.340  -1.374  -6.826  1.00 20.82 ? 486 GLN A C   1 
ATOM   609  O O   . GLN A 1 78  ? 16.480  -0.679  -5.836  1.00 22.87 ? 486 GLN A O   1 
ATOM   610  C CB  . GLN A 1 78  ? 18.311  -1.974  -8.211  1.00 25.65 ? 486 GLN A CB  1 
ATOM   611  C CG  . GLN A 1 78  ? 19.614  -2.757  -8.308  1.00 31.46 ? 486 GLN A CG  1 
ATOM   612  C CD  . GLN A 1 78  ? 20.473  -2.655  -7.048  1.00 35.35 ? 486 GLN A CD  1 
ATOM   613  O OE1 . GLN A 1 78  ? 20.454  -3.549  -6.206  1.00 38.16 ? 486 GLN A OE1 1 
ATOM   614  N NE2 . GLN A 1 78  ? 21.227  -1.559  -6.919  1.00 37.57 ? 486 GLN A NE2 1 
ATOM   615  N N   . VAL A 1 79  ? 15.330  -1.234  -7.671  1.00 20.02 ? 487 VAL A N   1 
ATOM   616  C CA  . VAL A 1 79  ? 14.307  -0.185  -7.442  1.00 21.71 ? 487 VAL A CA  1 
ATOM   617  C C   . VAL A 1 79  ? 13.559  -0.503  -6.139  1.00 21.45 ? 487 VAL A C   1 
ATOM   618  O O   . VAL A 1 79  ? 13.308  0.410   -5.305  1.00 21.11 ? 487 VAL A O   1 
ATOM   619  C CB  . VAL A 1 79  ? 13.286  -0.118  -8.605  1.00 21.40 ? 487 VAL A CB  1 
ATOM   620  C CG1 . VAL A 1 79  ? 12.092  0.761   -8.223  1.00 24.26 ? 487 VAL A CG1 1 
ATOM   621  C CG2 . VAL A 1 79  ? 13.945  0.488   -9.871  1.00 24.06 ? 487 VAL A CG2 1 
ATOM   622  N N   . LYS A 1 80  ? 13.238  -1.776  -5.932  1.00 21.98 ? 488 LYS A N   1 
ATOM   623  C CA  . LYS A 1 80  ? 12.470  -2.170  -4.737  1.00 23.71 ? 488 LYS A CA  1 
ATOM   624  C C   . LYS A 1 80  ? 13.243  -1.853  -3.475  1.00 23.81 ? 488 LYS A C   1 
ATOM   625  O O   . LYS A 1 80  ? 12.662  -1.519  -2.447  1.00 25.56 ? 488 LYS A O   1 
ATOM   626  C CB  . LYS A 1 80  ? 12.108  -3.654  -4.819  1.00 23.99 ? 488 LYS A CB  1 
ATOM   627  C CG  . LYS A 1 80  ? 11.076  -4.084  -3.791  1.00 27.52 ? 488 LYS A CG  1 
ATOM   628  C CD  . LYS A 1 80  ? 10.588  -5.468  -4.069  1.00 28.63 ? 488 LYS A CD  1 
ATOM   629  C CE  . LYS A 1 80  ? 9.789   -5.970  -2.893  1.00 29.89 ? 488 LYS A CE  1 
ATOM   630  N NZ  . LYS A 1 80  ? 9.411   -7.355  -3.149  1.00 30.60 ? 488 LYS A NZ  1 
ATOM   631  N N   . GLY A 1 81  ? 14.561  -1.934  -3.546  1.00 23.78 ? 489 GLY A N   1 
ATOM   632  C CA  . GLY A 1 81  ? 15.355  -1.638  -2.369  1.00 26.42 ? 489 GLY A CA  1 
ATOM   633  C C   . GLY A 1 81  ? 15.748  -0.172  -2.223  1.00 27.11 ? 489 GLY A C   1 
ATOM   634  O O   . GLY A 1 81  ? 16.429  0.176   -1.256  1.00 30.46 ? 489 GLY A O   1 
ATOM   635  N N   . SER A 1 82  ? 15.322  0.672   -3.164  1.00 26.24 ? 490 SER A N   1 
ATOM   636  C CA  . SER A 1 82  ? 15.625  2.115   -3.207  1.00 24.82 ? 490 SER A CA  1 
ATOM   637  C C   . SER A 1 82  ? 14.949  2.898   -2.087  1.00 23.53 ? 490 SER A C   1 
ATOM   638  O O   . SER A 1 82  ? 13.930  2.448   -1.531  1.00 21.35 ? 490 SER A O   1 
ATOM   639  C CB  . SER A 1 82  ? 15.188  2.739   -4.572  1.00 25.64 ? 490 SER A CB  1 
ATOM   640  O OG  . SER A 1 82  ? 13.745  2.901   -4.787  1.00 29.08 ? 490 SER A OG  1 
ATOM   641  N N   . ALA A 1 83  ? 15.489  4.079   -1.803  1.00 20.65 ? 491 ALA A N   1 
ATOM   642  C CA  . ALA A 1 83  ? 14.895  4.961   -0.789  1.00 21.45 ? 491 ALA A CA  1 
ATOM   643  C C   . ALA A 1 83  ? 13.456  5.340   -1.171  1.00 22.59 ? 491 ALA A C   1 
ATOM   644  O O   . ALA A 1 83  ? 12.578  5.421   -0.285  1.00 24.18 ? 491 ALA A O   1 
ATOM   645  C CB  . ALA A 1 83  ? 15.726  6.222   -0.629  1.00 23.00 ? 491 ALA A CB  1 
ATOM   646  N N   . ASP A 1 84  ? 13.200  5.586   -2.460  1.00 22.78 ? 492 ASP A N   1 
ATOM   647  C CA  . ASP A 1 84  ? 11.839  5.953   -2.887  1.00 22.93 ? 492 ASP A CA  1 
ATOM   648  C C   . ASP A 1 84  ? 10.834  4.846   -2.615  1.00 22.52 ? 492 ASP A C   1 
ATOM   649  O O   . ASP A 1 84  ? 9.794   5.075   -1.991  1.00 21.96 ? 492 ASP A O   1 
ATOM   650  C CB  . ASP A 1 84  ? 11.769  6.300   -4.374  1.00 27.26 ? 492 ASP A CB  1 
ATOM   651  C CG  . ASP A 1 84  ? 10.396  6.790   -4.755  1.00 31.68 ? 492 ASP A CG  1 
ATOM   652  O OD1 . ASP A 1 84  ? 10.018  7.891   -4.287  1.00 35.56 ? 492 ASP A OD1 1 
ATOM   653  O OD2 . ASP A 1 84  ? 9.681   6.070   -5.473  1.00 34.90 ? 492 ASP A OD2 1 
ATOM   654  N N   . TYR A 1 85  ? 11.113  3.637   -3.099  1.00 21.24 ? 493 TYR A N   1 
ATOM   655  C CA  . TYR A 1 85  ? 10.188  2.532   -2.868  1.00 20.03 ? 493 TYR A CA  1 
ATOM   656  C C   . TYR A 1 85  ? 9.988   2.228   -1.380  1.00 19.96 ? 493 TYR A C   1 
ATOM   657  O O   . TYR A 1 85  ? 8.853   2.049   -0.911  1.00 20.32 ? 493 TYR A O   1 
ATOM   658  C CB  . TYR A 1 85  ? 10.712  1.262   -3.571  1.00 21.89 ? 493 TYR A CB  1 
ATOM   659  C CG  . TYR A 1 85  ? 9.768   0.078   -3.546  1.00 23.82 ? 493 TYR A CG  1 
ATOM   660  C CD1 . TYR A 1 85  ? 8.958   -0.194  -4.656  1.00 25.55 ? 493 TYR A CD1 1 
ATOM   661  C CD2 . TYR A 1 85  ? 9.672   -0.768  -2.434  1.00 25.18 ? 493 TYR A CD2 1 
ATOM   662  C CE1 . TYR A 1 85  ? 8.088   -1.262  -4.667  1.00 27.31 ? 493 TYR A CE1 1 
ATOM   663  C CE2 . TYR A 1 85  ? 8.786   -1.872  -2.443  1.00 26.68 ? 493 TYR A CE2 1 
ATOM   664  C CZ  . TYR A 1 85  ? 7.998   -2.089  -3.577  1.00 27.59 ? 493 TYR A CZ  1 
ATOM   665  O OH  . TYR A 1 85  ? 7.087   -3.115  -3.612  1.00 31.50 ? 493 TYR A OH  1 
ATOM   666  N N   . LYS A 1 86  ? 11.082  2.185   -0.622  1.00 20.46 ? 494 LYS A N   1 
ATOM   667  C CA  . LYS A 1 86  ? 10.969  1.832   0.787   1.00 20.67 ? 494 LYS A CA  1 
ATOM   668  C C   . LYS A 1 86  ? 10.231  2.892   1.581   1.00 20.60 ? 494 LYS A C   1 
ATOM   669  O O   . LYS A 1 86  ? 9.479   2.540   2.492   1.00 20.45 ? 494 LYS A O   1 
ATOM   670  C CB  . LYS A 1 86  ? 12.361  1.565   1.386   1.00 22.34 ? 494 LYS A CB  1 
ATOM   671  C CG  . LYS A 1 86  ? 12.925  0.163   0.998   1.00 25.71 ? 494 LYS A CG  1 
ATOM   672  C CD  . LYS A 1 86  ? 14.291  -0.071  1.632   1.00 28.71 ? 494 LYS A CD  1 
ATOM   673  C CE  . LYS A 1 86  ? 14.651  -1.556  1.573   1.00 32.56 ? 494 LYS A CE  1 
ATOM   674  N NZ  . LYS A 1 86  ? 15.931  -1.803  2.299   1.00 35.32 ? 494 LYS A NZ  1 
ATOM   675  N N   . SER A 1 87  ? 10.432  4.156   1.235   1.00 20.15 ? 495 SER A N   1 
ATOM   676  C CA  . SER A 1 87  ? 9.725   5.222   1.967   1.00 20.34 ? 495 SER A CA  1 
ATOM   677  C C   . SER A 1 87  ? 8.239   5.156   1.588   1.00 21.70 ? 495 SER A C   1 
ATOM   678  O O   . SER A 1 87  ? 7.375   5.358   2.446   1.00 21.74 ? 495 SER A O   1 
ATOM   679  C CB  . SER A 1 87  ? 10.317  6.616   1.695   1.00 20.54 ? 495 SER A CB  1 
ATOM   680  O OG  . SER A 1 87  ? 10.268  7.043   0.331   1.00 27.15 ? 495 SER A OG  1 
ATOM   681  N N   . LYS A 1 88  ? 7.924   4.840   0.330   1.00 22.07 ? 496 LYS A N   1 
ATOM   682  C CA  . LYS A 1 88  ? 6.493   4.712   -0.032  1.00 23.09 ? 496 LYS A CA  1 
ATOM   683  C C   . LYS A 1 88  ? 5.882   3.530   0.734   1.00 22.21 ? 496 LYS A C   1 
ATOM   684  O O   . LYS A 1 88  ? 4.729   3.580   1.155   1.00 22.48 ? 496 LYS A O   1 
ATOM   685  C CB  . LYS A 1 88  ? 6.311   4.476   -1.549  1.00 25.13 ? 496 LYS A CB  1 
ATOM   686  C CG  . LYS A 1 88  ? 6.560   5.698   -2.420  1.00 28.78 ? 496 LYS A CG  1 
ATOM   687  C CD  . LYS A 1 88  ? 6.062   5.485   -3.874  1.00 31.49 ? 496 LYS A CD  1 
ATOM   688  C CE  . LYS A 1 88  ? 6.604   6.555   -4.828  1.00 33.66 ? 496 LYS A CE  1 
ATOM   689  N NZ  . LYS A 1 88  ? 6.726   7.908   -4.218  1.00 36.28 ? 496 LYS A NZ  1 
ATOM   690  N N   . LYS A 1 89  ? 6.627   2.437   0.893   1.00 21.34 ? 497 LYS A N   1 
ATOM   691  C CA  . LYS A 1 89  ? 6.130   1.296   1.614   1.00 22.18 ? 497 LYS A CA  1 
ATOM   692  C C   . LYS A 1 89  ? 5.863   1.742   3.055   1.00 22.92 ? 497 LYS A C   1 
ATOM   693  O O   . LYS A 1 89  ? 4.827   1.434   3.628   1.00 23.22 ? 497 LYS A O   1 
ATOM   694  C CB  . LYS A 1 89  ? 7.150   0.149   1.572   1.00 24.09 ? 497 LYS A CB  1 
ATOM   695  C CG  . LYS A 1 89  ? 6.744   -1.093  2.297   1.00 27.81 ? 497 LYS A CG  1 
ATOM   696  C CD  . LYS A 1 89  ? 7.778   -2.209  2.070   1.00 31.74 ? 497 LYS A CD  1 
ATOM   697  C CE  . LYS A 1 89  ? 7.302   -3.547  2.682   1.00 33.95 ? 497 LYS A CE  1 
ATOM   698  N NZ  . LYS A 1 89  ? 8.465   -4.479  2.986   1.00 37.72 ? 497 LYS A NZ  1 
ATOM   699  N N   . ASN A 1 90  ? 6.786   2.507   3.630   1.00 22.99 ? 498 ASN A N   1 
ATOM   700  C CA  . ASN A 1 90  ? 6.545   2.955   4.997   1.00 23.82 ? 498 ASN A CA  1 
ATOM   701  C C   . ASN A 1 90  ? 5.328   3.871   5.093   1.00 23.81 ? 498 ASN A C   1 
ATOM   702  O O   . ASN A 1 90  ? 4.553   3.789   6.071   1.00 25.06 ? 498 ASN A O   1 
ATOM   703  C CB  . ASN A 1 90  ? 7.745   3.698   5.554   1.00 25.87 ? 498 ASN A CB  1 
ATOM   704  C CG  . ASN A 1 90  ? 7.462   4.236   6.949   1.00 29.72 ? 498 ASN A CG  1 
ATOM   705  O OD1 . ASN A 1 90  ? 7.018   5.373   7.107   1.00 33.49 ? 498 ASN A OD1 1 
ATOM   706  N ND2 . ASN A 1 90  ? 7.660   3.405   7.958   1.00 34.07 ? 498 ASN A ND2 1 
ATOM   707  N N   . HIS A 1 91  ? 5.160   4.746   4.111   1.00 22.94 ? 499 HIS A N   1 
ATOM   708  C CA  . HIS A 1 91  ? 4.014   5.674   4.085   1.00 22.82 ? 499 HIS A CA  1 
ATOM   709  C C   . HIS A 1 91  ? 2.719   4.857   4.024   1.00 23.62 ? 499 HIS A C   1 
ATOM   710  O O   . HIS A 1 91  ? 1.729   5.195   4.671   1.00 22.04 ? 499 HIS A O   1 
ATOM   711  C CB  . HIS A 1 91  ? 4.100   6.578   2.859   1.00 25.03 ? 499 HIS A CB  1 
ATOM   712  C CG  . HIS A 1 91  ? 3.053   7.643   2.815   1.00 26.91 ? 499 HIS A CG  1 
ATOM   713  N ND1 . HIS A 1 91  ? 2.710   8.288   1.648   1.00 29.10 ? 499 HIS A ND1 1 
ATOM   714  C CD2 . HIS A 1 91  ? 2.243   8.145   3.773   1.00 29.44 ? 499 HIS A CD2 1 
ATOM   715  C CE1 . HIS A 1 91  ? 1.721   9.131   1.889   1.00 29.22 ? 499 HIS A CE1 1 
ATOM   716  N NE2 . HIS A 1 91  ? 1.416   9.063   3.169   1.00 28.15 ? 499 HIS A NE2 1 
ATOM   717  N N   . CYS A 1 92  ? 2.725   3.752   3.271   1.00 21.97 ? 500 CYS A N   1 
ATOM   718  C CA  . CYS A 1 92  ? 1.515   2.941   3.207   1.00 23.21 ? 500 CYS A CA  1 
ATOM   719  C C   . CYS A 1 92  ? 1.184   2.317   4.551   1.00 24.02 ? 500 CYS A C   1 
ATOM   720  O O   . CYS A 1 92  ? 0.021   2.257   4.933   1.00 24.63 ? 500 CYS A O   1 
ATOM   721  C CB  . CYS A 1 92  ? 1.634   1.817   2.161   1.00 24.38 ? 500 CYS A CB  1 
ATOM   722  S SG  . CYS A 1 92  ? 1.406   2.426   0.491   1.00 29.78 ? 500 CYS A SG  1 
ATOM   723  N N   . LYS A 1 93  ? 2.188   1.836   5.276   1.00 24.16 ? 501 LYS A N   1 
ATOM   724  C CA  . LYS A 1 93  ? 1.942   1.225   6.577   1.00 25.79 ? 501 LYS A CA  1 
ATOM   725  C C   . LYS A 1 93  ? 1.345   2.260   7.538   1.00 25.20 ? 501 LYS A C   1 
ATOM   726  O O   . LYS A 1 93  ? 0.463   1.922   8.321   1.00 26.13 ? 501 LYS A O   1 
ATOM   727  C CB  . LYS A 1 93  ? 3.239   0.686   7.180   1.00 28.15 ? 501 LYS A CB  1 
ATOM   728  C CG  . LYS A 1 93  ? 3.812   -0.537  6.497   1.00 33.87 ? 501 LYS A CG  1 
ATOM   729  C CD  . LYS A 1 93  ? 4.996   -1.058  7.320   1.00 36.30 ? 501 LYS A CD  1 
ATOM   730  C CE  . LYS A 1 93  ? 5.704   -2.209  6.638   1.00 38.60 ? 501 LYS A CE  1 
ATOM   731  N NZ  . LYS A 1 93  ? 6.410   -1.763  5.413   1.00 41.01 ? 501 LYS A NZ  1 
ATOM   732  N N   . GLN A 1 94  ? 1.822   3.498   7.457   1.00 25.03 ? 502 GLN A N   1 
ATOM   733  C CA  . GLN A 1 94  ? 1.321   4.577   8.329   1.00 25.19 ? 502 GLN A CA  1 
ATOM   734  C C   . GLN A 1 94  ? -0.130  4.860   7.997   1.00 25.06 ? 502 GLN A C   1 
ATOM   735  O O   . GLN A 1 94  ? -0.956  4.971   8.908   1.00 23.80 ? 502 GLN A O   1 
ATOM   736  C CB  . GLN A 1 94  ? 2.121   5.857   8.128   1.00 29.12 ? 502 GLN A CB  1 
ATOM   737  C CG  . GLN A 1 94  ? 3.564   5.725   8.578   1.00 35.19 ? 502 GLN A CG  1 
ATOM   738  C CD  . GLN A 1 94  ? 3.652   5.404   10.043  1.00 40.11 ? 502 GLN A CD  1 
ATOM   739  O OE1 . GLN A 1 94  ? 3.811   4.244   10.433  1.00 42.87 ? 502 GLN A OE1 1 
ATOM   740  N NE2 . GLN A 1 94  ? 3.522   6.434   10.881  1.00 42.45 ? 502 GLN A NE2 1 
ATOM   741  N N   . LEU A 1 95  ? -0.444  4.964   6.703   1.00 22.78 ? 503 LEU A N   1 
ATOM   742  C CA  . LEU A 1 95  ? -1.825  5.215   6.280   1.00 23.14 ? 503 LEU A CA  1 
ATOM   743  C C   . LEU A 1 95  ? -2.734  4.094   6.707   1.00 22.46 ? 503 LEU A C   1 
ATOM   744  O O   . LEU A 1 95  ? -3.837  4.323   7.218   1.00 20.29 ? 503 LEU A O   1 
ATOM   745  C CB  . LEU A 1 95  ? -1.925  5.366   4.769   1.00 24.24 ? 503 LEU A CB  1 
ATOM   746  C CG  . LEU A 1 95  ? -1.431  6.688   4.203   1.00 24.87 ? 503 LEU A CG  1 
ATOM   747  C CD1 . LEU A 1 95  ? -1.387  6.644   2.672   1.00 27.17 ? 503 LEU A CD1 1 
ATOM   748  C CD2 . LEU A 1 95  ? -2.396  7.794   4.664   1.00 27.34 ? 503 LEU A CD2 1 
ATOM   749  N N   . LYS A 1 96  ? -2.311  2.853   6.475   1.00 22.36 ? 504 LYS A N   1 
ATOM   750  C CA  . LYS A 1 96  ? -3.136  1.714   6.861   1.00 22.75 ? 504 LYS A CA  1 
ATOM   751  C C   . LYS A 1 96  ? -3.479  1.797   8.366   1.00 23.39 ? 504 LYS A C   1 
ATOM   752  O O   . LYS A 1 96  ? -4.635  1.565   8.762   1.00 22.12 ? 504 LYS A O   1 
ATOM   753  C CB  . LYS A 1 96  ? -2.396  0.399   6.546   1.00 25.13 ? 504 LYS A CB  1 
ATOM   754  C CG  . LYS A 1 96  ? -3.150  -0.843  6.958   1.00 29.05 ? 504 LYS A CG  1 
ATOM   755  C CD  . LYS A 1 96  ? -2.313  -2.102  6.720   1.00 32.59 ? 504 LYS A CD  1 
ATOM   756  C CE  . LYS A 1 96  ? -3.127  -3.359  6.977   1.00 35.36 ? 504 LYS A CE  1 
ATOM   757  N NZ  . LYS A 1 96  ? -4.323  -3.369  6.075   1.00 38.44 ? 504 LYS A NZ  1 
ATOM   758  N N   . SER A 1 97  ? -2.483  2.159   9.181   1.00 23.42 ? 505 SER A N   1 
ATOM   759  C CA  . SER A 1 97  ? -2.667  2.267   10.639  1.00 24.25 ? 505 SER A CA  1 
ATOM   760  C C   . SER A 1 97  ? -3.674  3.346   10.998  1.00 22.52 ? 505 SER A C   1 
ATOM   761  O O   . SER A 1 97  ? -4.584  3.136   11.829  1.00 22.43 ? 505 SER A O   1 
ATOM   762  C CB  . SER A 1 97  ? -1.343  2.614   11.323  1.00 25.05 ? 505 SER A CB  1 
ATOM   763  O OG  . SER A 1 97  ? -0.425  1.545   11.170  1.00 33.89 ? 505 SER A OG  1 
ATOM   764  N N   . LYS A 1 98  ? -3.497  4.496   10.366  1.00 22.08 ? 506 LYS A N   1 
ATOM   765  C CA  . LYS A 1 98  ? -4.398  5.636   10.591  1.00 20.78 ? 506 LYS A CA  1 
ATOM   766  C C   . LYS A 1 98  ? -5.819  5.295   10.156  1.00 20.56 ? 506 LYS A C   1 
ATOM   767  O O   . LYS A 1 98  ? -6.793  5.600   10.865  1.00 18.11 ? 506 LYS A O   1 
ATOM   768  C CB  . LYS A 1 98  ? -3.941  6.861   9.810   1.00 22.23 ? 506 LYS A CB  1 
ATOM   769  C CG  . LYS A 1 98  ? -4.882  8.069   10.024  1.00 25.56 ? 506 LYS A CG  1 
ATOM   770  C CD  . LYS A 1 98  ? -4.306  9.347   9.395   1.00 28.95 ? 506 LYS A CD  1 
ATOM   771  C CE  . LYS A 1 98  ? -4.436  9.275   7.926   1.00 30.55 ? 506 LYS A CE  1 
ATOM   772  N NZ  . LYS A 1 98  ? -3.963  10.530  7.281   1.00 35.64 ? 506 LYS A NZ  1 
ATOM   773  N N   . LEU A 1 99  ? -5.957  4.656   8.994   1.00 18.84 ? 507 LEU A N   1 
ATOM   774  C CA  . LEU A 1 99  ? -7.290  4.314   8.494   1.00 19.42 ? 507 LEU A CA  1 
ATOM   775  C C   . LEU A 1 99  ? -7.954  3.319   9.425   1.00 19.72 ? 507 LEU A C   1 
ATOM   776  O O   . LEU A 1 99  ? -9.144  3.440   9.716   1.00 19.58 ? 507 LEU A O   1 
ATOM   777  C CB  . LEU A 1 99  ? -7.201  3.736   7.068   1.00 20.11 ? 507 LEU A CB  1 
ATOM   778  C CG  . LEU A 1 99  ? -6.711  4.766   6.043   1.00 18.70 ? 507 LEU A CG  1 
ATOM   779  C CD1 . LEU A 1 99  ? -6.536  4.087   4.675   1.00 21.88 ? 507 LEU A CD1 1 
ATOM   780  C CD2 . LEU A 1 99  ? -7.720  5.921   5.938   1.00 23.21 ? 507 LEU A CD2 1 
ATOM   781  N N   . SER A 1 100 ? -7.193  2.342   9.929   1.00 20.44 ? 508 SER A N   1 
ATOM   782  C CA  . SER A 1 100 ? -7.789  1.398   10.856  1.00 20.54 ? 508 SER A CA  1 
ATOM   783  C C   . SER A 1 100 ? -8.314  2.101   12.108  1.00 19.78 ? 508 SER A C   1 
ATOM   784  O O   . SER A 1 100 ? -9.360  1.727   12.638  1.00 19.70 ? 508 SER A O   1 
ATOM   785  C CB  . SER A 1 100 ? -6.781  0.323   11.267  1.00 22.23 ? 508 SER A CB  1 
ATOM   786  O OG  . SER A 1 100 ? -7.390  -0.590  12.182  1.00 30.67 ? 508 SER A OG  1 
ATOM   787  N N   . HIS A 1 101 ? -7.554  3.083   12.582  1.00 18.74 ? 509 HIS A N   1 
ATOM   788  C CA  . HIS A 1 101 ? -7.964  3.837   13.768  1.00 18.91 ? 509 HIS A CA  1 
ATOM   789  C C   . HIS A 1 101 ? -9.220  4.646   13.530  1.00 18.37 ? 509 HIS A C   1 
ATOM   790  O O   . HIS A 1 101 ? -10.133 4.658   14.370  1.00 18.58 ? 509 HIS A O   1 
ATOM   791  C CB  . HIS A 1 101 ? -6.872  4.786   14.193  1.00 18.00 ? 509 HIS A CB  1 
ATOM   792  C CG  . HIS A 1 101 ? -7.273  5.628   15.365  1.00 18.18 ? 509 HIS A CG  1 
ATOM   793  N ND1 . HIS A 1 101 ? -7.702  6.938   15.251  1.00 21.43 ? 509 HIS A ND1 1 
ATOM   794  C CD2 . HIS A 1 101 ? -7.424  5.290   16.663  1.00 20.58 ? 509 HIS A CD2 1 
ATOM   795  C CE1 . HIS A 1 101 ? -8.096  7.367   16.438  1.00 18.00 ? 509 HIS A CE1 1 
ATOM   796  N NE2 . HIS A 1 101 ? -7.934  6.388   17.313  1.00 24.04 ? 509 HIS A NE2 1 
ATOM   797  N N   . ILE A 1 102 ? -9.255  5.349   12.397  1.00 18.34 ? 510 ILE A N   1 
ATOM   798  C CA  . ILE A 1 102 ? -10.444 6.156   12.099  1.00 18.30 ? 510 ILE A CA  1 
ATOM   799  C C   . ILE A 1 102 ? -11.684 5.267   11.948  1.00 18.44 ? 510 ILE A C   1 
ATOM   800  O O   . ILE A 1 102 ? -12.763 5.610   12.447  1.00 17.62 ? 510 ILE A O   1 
ATOM   801  C CB  . ILE A 1 102 ? -10.239 7.003   10.834  1.00 17.62 ? 510 ILE A CB  1 
ATOM   802  C CG1 . ILE A 1 102 ? -9.135  8.021   11.089  1.00 19.32 ? 510 ILE A CG1 1 
ATOM   803  C CG2 . ILE A 1 102 ? -11.571 7.706   10.467  1.00 18.59 ? 510 ILE A CG2 1 
ATOM   804  C CD1 . ILE A 1 102 ? -8.693  8.856   9.853   1.00 20.63 ? 510 ILE A CD1 1 
ATOM   805  N N   . LYS A 1 103 ? -11.551 4.128   11.259  1.00 18.12 ? 511 LYS A N   1 
ATOM   806  C CA  . LYS A 1 103 ? -12.683 3.225   11.092  1.00 19.69 ? 511 LYS A CA  1 
ATOM   807  C C   . LYS A 1 103 ? -13.182 2.759   12.463  1.00 19.51 ? 511 LYS A C   1 
ATOM   808  O O   . LYS A 1 103 ? -14.395 2.659   12.685  1.00 20.85 ? 511 LYS A O   1 
ATOM   809  C CB  . LYS A 1 103 ? -12.253 2.007   10.235  1.00 19.61 ? 511 LYS A CB  1 
ATOM   810  C CG  . LYS A 1 103 ? -13.333 0.950   10.056  1.00 25.62 ? 511 LYS A CG  1 
ATOM   811  C CD  . LYS A 1 103 ? -12.802 -0.127  9.084   1.00 28.71 ? 511 LYS A CD  1 
ATOM   812  C CE  . LYS A 1 103 ? -13.896 -1.133  8.730   1.00 32.19 ? 511 LYS A CE  1 
ATOM   813  N NZ  . LYS A 1 103 ? -14.323 -1.946  9.890   1.00 34.41 ? 511 LYS A NZ  1 
ATOM   814  N N   . LYS A 1 104 ? -12.267 2.489   13.388  1.00 19.23 ? 512 LYS A N   1 
ATOM   815  C CA  . LYS A 1 104 ? -12.670 2.033   14.722  1.00 19.51 ? 512 LYS A CA  1 
ATOM   816  C C   . LYS A 1 104 ? -13.427 3.143   15.446  1.00 19.88 ? 512 LYS A C   1 
ATOM   817  O O   . LYS A 1 104 ? -14.432 2.886   16.132  1.00 19.63 ? 512 LYS A O   1 
ATOM   818  C CB  . LYS A 1 104 ? -11.464 1.642   15.573  1.00 23.14 ? 512 LYS A CB  1 
ATOM   819  C CG  . LYS A 1 104 ? -11.899 1.033   16.903  1.00 25.23 ? 512 LYS A CG  1 
ATOM   820  C CD  . LYS A 1 104 ? -10.715 0.688   17.794  1.00 28.83 ? 512 LYS A CD  1 
ATOM   821  C CE  . LYS A 1 104 ? -11.222 0.082   19.116  1.00 31.85 ? 512 LYS A CE  1 
ATOM   822  N NZ  . LYS A 1 104 ? -12.049 1.065   19.898  1.00 32.85 ? 512 LYS A NZ  1 
ATOM   823  N N   . MET A 1 105 ? -12.921 4.371   15.351  1.00 18.69 ? 513 MET A N   1 
ATOM   824  C CA  . MET A 1 105 ? -13.633 5.486   16.015  1.00 18.04 ? 513 MET A CA  1 
ATOM   825  C C   . MET A 1 105 ? -15.057 5.615   15.471  1.00 18.72 ? 513 MET A C   1 
ATOM   826  O O   . MET A 1 105 ? -15.999 5.837   16.230  1.00 17.30 ? 513 MET A O   1 
ATOM   827  C CB  . MET A 1 105 ? -12.905 6.823   15.798  1.00 18.14 ? 513 MET A CB  1 
ATOM   828  C CG  . MET A 1 105 ? -11.520 6.900   16.484  1.00 20.13 ? 513 MET A CG  1 
ATOM   829  S SD  . MET A 1 105 ? -11.525 6.599   18.255  1.00 20.88 ? 513 MET A SD  1 
ATOM   830  C CE  . MET A 1 105 ? -11.195 4.861   18.263  1.00 22.15 ? 513 MET A CE  1 
ATOM   831  N N   . VAL A 1 106 ? -15.202 5.530   14.148  1.00 18.18 ? 514 VAL A N   1 
ATOM   832  C CA  . VAL A 1 106 ? -16.522 5.655   13.506  1.00 18.69 ? 514 VAL A CA  1 
ATOM   833  C C   . VAL A 1 106 ? -17.438 4.489   13.926  1.00 19.46 ? 514 VAL A C   1 
ATOM   834  O O   . VAL A 1 106 ? -18.586 4.689   14.307  1.00 17.70 ? 514 VAL A O   1 
ATOM   835  C CB  . VAL A 1 106 ? -16.394 5.682   11.950  1.00 19.03 ? 514 VAL A CB  1 
ATOM   836  C CG1 . VAL A 1 106 ? -17.782 5.610   11.301  1.00 18.93 ? 514 VAL A CG1 1 
ATOM   837  C CG2 . VAL A 1 106 ? -15.702 6.966   11.505  1.00 19.19 ? 514 VAL A CG2 1 
ATOM   838  N N   . GLY A 1 107 ? -16.920 3.261   13.851  1.00 18.88 ? 515 GLY A N   1 
ATOM   839  C CA  . GLY A 1 107 ? -17.720 2.135   14.285  1.00 17.66 ? 515 GLY A CA  1 
ATOM   840  C C   . GLY A 1 107 ? -18.160 2.242   15.733  1.00 17.76 ? 515 GLY A C   1 
ATOM   841  O O   . GLY A 1 107 ? -19.285 1.867   16.052  1.00 18.68 ? 515 GLY A O   1 
ATOM   842  N N   . ASP A 1 108 ? -17.276 2.725   16.626  1.00 18.89 ? 516 ASP A N   1 
ATOM   843  C CA  . ASP A 1 108 ? -17.654 2.841   18.046  1.00 19.53 ? 516 ASP A CA  1 
ATOM   844  C C   . ASP A 1 108 ? -18.780 3.845   18.235  1.00 20.45 ? 516 ASP A C   1 
ATOM   845  O O   . ASP A 1 108 ? -19.663 3.641   19.044  1.00 19.70 ? 516 ASP A O   1 
ATOM   846  C CB  . ASP A 1 108 ? -16.483 3.309   18.899  1.00 21.21 ? 516 ASP A CB  1 
ATOM   847  C CG  . ASP A 1 108 ? -15.398 2.272   19.042  1.00 22.61 ? 516 ASP A CG  1 
ATOM   848  O OD1 . ASP A 1 108 ? -15.616 1.079   18.705  1.00 24.75 ? 516 ASP A OD1 1 
ATOM   849  O OD2 . ASP A 1 108 ? -14.310 2.684   19.527  1.00 24.90 ? 516 ASP A OD2 1 
ATOM   850  N N   . TYR A 1 109 ? -18.712 4.958   17.512  1.00 18.22 ? 517 TYR A N   1 
ATOM   851  C CA  . TYR A 1 109 ? -19.745 5.992   17.637  1.00 18.98 ? 517 TYR A CA  1 
ATOM   852  C C   . TYR A 1 109 ? -21.059 5.495   17.083  1.00 19.52 ? 517 TYR A C   1 
ATOM   853  O O   . TYR A 1 109 ? -22.103 5.712   17.677  1.00 21.98 ? 517 TYR A O   1 
ATOM   854  C CB  . TYR A 1 109 ? -19.324 7.255   16.871  1.00 18.13 ? 517 TYR A CB  1 
ATOM   855  C CG  . TYR A 1 109 ? -20.295 8.404   16.995  1.00 18.42 ? 517 TYR A CG  1 
ATOM   856  C CD1 . TYR A 1 109 ? -20.382 9.126   18.174  1.00 18.13 ? 517 TYR A CD1 1 
ATOM   857  C CD2 . TYR A 1 109 ? -21.109 8.761   15.942  1.00 20.39 ? 517 TYR A CD2 1 
ATOM   858  C CE1 . TYR A 1 109 ? -21.244 10.179  18.306  1.00 18.50 ? 517 TYR A CE1 1 
ATOM   859  C CE2 . TYR A 1 109 ? -21.995 9.825   16.063  1.00 19.84 ? 517 TYR A CE2 1 
ATOM   860  C CZ  . TYR A 1 109 ? -22.048 10.514  17.249  1.00 17.53 ? 517 TYR A CZ  1 
ATOM   861  O OH  . TYR A 1 109 ? -22.927 11.546  17.430  1.00 20.45 ? 517 TYR A OH  1 
ATOM   862  N N   . ASP A 1 110 ? -21.031 4.815   15.950  1.00 20.41 ? 518 ASP A N   1 
ATOM   863  C CA  . ASP A 1 110 ? -22.273 4.295   15.365  1.00 21.00 ? 518 ASP A CA  1 
ATOM   864  C C   . ASP A 1 110 ? -22.867 3.243   16.286  1.00 22.42 ? 518 ASP A C   1 
ATOM   865  O O   . ASP A 1 110 ? -24.087 3.131   16.401  1.00 23.70 ? 518 ASP A O   1 
ATOM   866  C CB  . ASP A 1 110 ? -22.000 3.627   14.003  1.00 21.77 ? 518 ASP A CB  1 
ATOM   867  C CG  . ASP A 1 110 ? -21.684 4.615   12.900  1.00 25.40 ? 518 ASP A CG  1 
ATOM   868  O OD1 . ASP A 1 110 ? -21.906 5.805   13.096  1.00 28.12 ? 518 ASP A OD1 1 
ATOM   869  O OD2 . ASP A 1 110 ? -21.207 4.184   11.828  1.00 27.56 ? 518 ASP A OD2 1 
ATOM   870  N N   . ARG A 1 111 ? -22.009 2.481   16.964  1.00 22.00 ? 519 ARG A N   1 
ATOM   871  C CA  . ARG A 1 111 ? -22.509 1.392   17.806  1.00 22.82 ? 519 ARG A CA  1 
ATOM   872  C C   . ARG A 1 111 ? -23.354 1.893   18.948  1.00 24.24 ? 519 ARG A C   1 
ATOM   873  O O   . ARG A 1 111 ? -24.319 1.245   19.347  1.00 23.51 ? 519 ARG A O   1 
ATOM   874  C CB  . ARG A 1 111 ? -21.356 0.534   18.341  1.00 22.00 ? 519 ARG A CB  1 
ATOM   875  C CG  . ARG A 1 111 ? -21.837 -0.828  18.890  1.00 24.81 ? 519 ARG A CG  1 
ATOM   876  C CD  . ARG A 1 111 ? -20.649 -1.741  19.266  1.00 24.71 ? 519 ARG A CD  1 
ATOM   877  N NE  . ARG A 1 111 ? -19.698 -1.879  18.151  1.00 25.72 ? 519 ARG A NE  1 
ATOM   878  C CZ  . ARG A 1 111 ? -18.514 -1.260  18.084  1.00 27.18 ? 519 ARG A CZ  1 
ATOM   879  N NH1 . ARG A 1 111 ? -18.111 -0.466  19.058  1.00 28.90 ? 519 ARG A NH1 1 
ATOM   880  N NH2 . ARG A 1 111 ? -17.729 -1.406  17.020  1.00 28.22 ? 519 ARG A NH2 1 
ATOM   881  N N   . GLN A 1 112 ? -23.010 3.055   19.484  1.00 26.78 ? 520 GLN A N   1 
ATOM   882  C CA  . GLN A 1 112 ? -23.771 3.574   20.595  1.00 30.78 ? 520 GLN A CA  1 
ATOM   883  C C   . GLN A 1 112 ? -25.016 4.366   20.193  1.00 33.24 ? 520 GLN A C   1 
ATOM   884  O O   . GLN A 1 112 ? -25.872 4.632   21.029  1.00 32.35 ? 520 GLN A O   1 
ATOM   885  C CB  . GLN A 1 112 ? -22.855 4.387   21.503  1.00 32.88 ? 520 GLN A CB  1 
ATOM   886  C CG  . GLN A 1 112 ? -22.142 5.492   20.808  1.00 38.25 ? 520 GLN A CG  1 
ATOM   887  C CD  . GLN A 1 112 ? -20.704 5.668   21.277  1.00 42.77 ? 520 GLN A CD  1 
ATOM   888  O OE1 . GLN A 1 112 ? -20.027 4.709   21.695  1.00 44.76 ? 520 GLN A OE1 1 
ATOM   889  N NE2 . GLN A 1 112 ? -20.213 6.904   21.173  1.00 43.83 ? 520 GLN A NE2 1 
ATOM   890  N N   . LYS A 1 113 ? -25.133 4.716   18.918  1.00 36.18 ? 521 LYS A N   1 
ATOM   891  C CA  . LYS A 1 113 ? -26.314 5.445   18.446  1.00 40.43 ? 521 LYS A CA  1 
ATOM   892  C C   . LYS A 1 113 ? -27.419 4.412   18.271  1.00 42.11 ? 521 LYS A C   1 
ATOM   893  O O   . LYS A 1 113 ? -28.613 4.721   18.327  1.00 43.06 ? 521 LYS A O   1 
ATOM   894  C CB  . LYS A 1 113 ? -25.995 6.156   17.127  1.00 40.65 ? 521 LYS A CB  1 
ATOM   895  C CG  . LYS A 1 113 ? -25.658 7.613   17.303  1.00 43.91 ? 521 LYS A CG  1 
ATOM   896  C CD  . LYS A 1 113 ? -25.101 8.269   16.043  1.00 45.20 ? 521 LYS A CD  1 
ATOM   897  C CE  . LYS A 1 113 ? -25.814 7.829   14.773  1.00 46.91 ? 521 LYS A CE  1 
ATOM   898  N NZ  . LYS A 1 113 ? -25.344 6.476   14.328  1.00 47.64 ? 521 LYS A NZ  1 
ATOM   899  N N   . THR A 1 114 ? -26.984 3.173   18.059  1.00 44.61 ? 522 THR A N   1 
ATOM   900  C CA  . THR A 1 114 ? -27.854 2.033   17.918  1.00 45.49 ? 522 THR A CA  1 
ATOM   901  C C   . THR A 1 114 ? -28.639 2.003   16.615  1.00 47.75 ? 522 THR A C   1 
ATOM   902  O O   . THR A 1 114 ? -28.735 0.899   16.033  1.00 48.76 ? 522 THR A O   1 
ATOM   903  C CB  . THR A 1 114 ? -28.826 1.962   19.111  1.00 46.17 ? 522 THR A CB  1 
ATOM   904  O OG1 . THR A 1 114 ? -28.886 0.610   19.591  1.00 46.91 ? 522 THR A OG1 1 
ATOM   905  C CG2 . THR A 1 114 ? -30.218 2.449   18.705  1.00 45.93 ? 522 THR A CG2 1 
ATOM   906  O OXT . THR A 1 114 ? -29.171 3.068   16.208  1.00 50.01 ? 522 THR A OXT 1 
HETATM 907  O O   . HOH B 2 .   ? -2.430  11.326  16.603  1.00 39.71 ? 1   HOH A O   1 
HETATM 908  O O   . HOH B 2 .   ? -29.857 7.261   18.707  1.00 50.75 ? 2   HOH A O   1 
HETATM 909  O O   . HOH B 2 .   ? -31.137 2.250   15.386  1.00 48.81 ? 3   HOH A O   1 
HETATM 910  O O   . HOH B 2 .   ? 0.067   16.533  21.013  1.00 43.99 ? 4   HOH A O   1 
HETATM 911  O O   . HOH B 2 .   ? -20.754 5.886   9.701   1.00 33.43 ? 5   HOH A O   1 
HETATM 912  O O   . HOH B 2 .   ? -11.355 9.643   -2.604  1.00 44.28 ? 6   HOH A O   1 
HETATM 913  O O   . HOH B 2 .   ? -4.465  -1.996  -1.773  1.00 45.37 ? 7   HOH A O   1 
HETATM 914  O O   . HOH B 2 .   ? 3.159   -13.894 -12.797 1.00 34.53 ? 8   HOH A O   1 
HETATM 915  O O   . HOH B 2 .   ? 5.965   -14.370 -17.435 1.00 35.49 ? 9   HOH A O   1 
HETATM 916  O O   . HOH B 2 .   ? 20.018  -17.327 -27.069 1.00 35.49 ? 10  HOH A O   1 
HETATM 917  O O   . HOH B 2 .   ? -19.633 17.687  20.059  1.00 28.08 ? 11  HOH A O   1 
HETATM 918  O O   . HOH B 2 .   ? 17.921  -21.096 -13.308 1.00 23.57 ? 12  HOH A O   1 
HETATM 919  O O   . HOH B 2 .   ? -19.612 6.913   23.435  1.00 27.06 ? 13  HOH A O   1 
HETATM 920  O O   . HOH B 2 .   ? 11.974  -24.841 -18.346 1.00 36.55 ? 14  HOH A O   1 
HETATM 921  O O   . HOH B 2 .   ? -15.535 7.155   18.678  1.00 16.58 ? 15  HOH A O   1 
HETATM 922  O O   . HOH B 2 .   ? -19.080 17.360  8.984   1.00 21.51 ? 16  HOH A O   1 
HETATM 923  O O   . HOH B 2 .   ? -14.139 5.287   20.557  1.00 22.63 ? 17  HOH A O   1 
HETATM 924  O O   . HOH B 2 .   ? 20.683  -5.525  -14.236 1.00 25.04 ? 18  HOH A O   1 
HETATM 925  O O   . HOH B 2 .   ? -14.142 14.265  20.273  1.00 21.75 ? 19  HOH A O   1 
HETATM 926  O O   . HOH B 2 .   ? 18.920  -8.913  -7.150  1.00 22.33 ? 20  HOH A O   1 
HETATM 927  O O   . HOH B 2 .   ? 15.250  -22.245 -16.445 1.00 24.72 ? 21  HOH A O   1 
HETATM 928  O O   . HOH B 2 .   ? 17.160  -0.288  -11.459 1.00 24.58 ? 22  HOH A O   1 
HETATM 929  O O   . HOH B 2 .   ? 17.037  -6.870  -19.948 1.00 19.84 ? 23  HOH A O   1 
HETATM 930  O O   . HOH B 2 .   ? -18.134 16.860  17.944  1.00 22.21 ? 24  HOH A O   1 
HETATM 931  O O   . HOH B 2 .   ? -24.796 14.704  16.840  1.00 23.50 ? 25  HOH A O   1 
HETATM 932  O O   . HOH B 2 .   ? 17.608  -25.346 -15.021 1.00 26.91 ? 26  HOH A O   1 
HETATM 933  O O   . HOH B 2 .   ? 15.349  6.306   -4.537  1.00 26.30 ? 27  HOH A O   1 
HETATM 934  O O   . HOH B 2 .   ? 10.166  3.596   -6.613  1.00 34.68 ? 28  HOH A O   1 
HETATM 935  O O   . HOH B 2 .   ? 13.812  -12.299 -21.593 1.00 27.44 ? 29  HOH A O   1 
HETATM 936  O O   . HOH B 2 .   ? 14.480  -12.834 -27.128 1.00 35.32 ? 30  HOH A O   1 
HETATM 937  O O   . HOH B 2 .   ? 15.107  -21.029 -23.928 1.00 33.84 ? 31  HOH A O   1 
HETATM 938  O O   . HOH B 2 .   ? -13.890 -1.128  19.004  1.00 38.34 ? 32  HOH A O   1 
HETATM 939  O O   . HOH B 2 .   ? 15.231  -22.470 -13.487 1.00 40.19 ? 33  HOH A O   1 
HETATM 940  O O   . HOH B 2 .   ? -6.144  11.460  -1.702  1.00 40.88 ? 34  HOH A O   1 
HETATM 941  O O   . HOH B 2 .   ? -17.634 7.840   20.274  1.00 25.88 ? 35  HOH A O   1 
HETATM 942  O O   . HOH B 2 .   ? 21.945  -16.581 -20.064 1.00 31.39 ? 36  HOH A O   1 
HETATM 943  O O   . HOH B 2 .   ? 14.927  -12.573 -5.148  1.00 30.67 ? 37  HOH A O   1 
HETATM 944  O O   . HOH B 2 .   ? -4.391  1.551   13.951  1.00 31.45 ? 38  HOH A O   1 
HETATM 945  O O   . HOH B 2 .   ? 2.580   -11.294 -12.013 1.00 36.02 ? 39  HOH A O   1 
HETATM 946  O O   . HOH B 2 .   ? -4.652  -0.884  -4.764  1.00 34.98 ? 40  HOH A O   1 
HETATM 947  O O   . HOH B 2 .   ? 20.920  -3.834  -12.066 1.00 29.66 ? 41  HOH A O   1 
HETATM 948  O O   . HOH B 2 .   ? -13.376 12.865  1.094   1.00 34.22 ? 42  HOH A O   1 
HETATM 949  O O   . HOH B 2 .   ? 8.090   -15.393 -22.053 1.00 41.77 ? 43  HOH A O   1 
HETATM 950  O O   . HOH B 2 .   ? -20.742 -0.126  14.324  1.00 28.40 ? 44  HOH A O   1 
HETATM 951  O O   . HOH B 2 .   ? -7.325  2.524   17.370  1.00 34.94 ? 45  HOH A O   1 
HETATM 952  O O   . HOH B 2 .   ? -15.901 11.613  0.975   1.00 37.35 ? 46  HOH A O   1 
HETATM 953  O O   . HOH B 2 .   ? 6.321   -16.641 -10.034 1.00 31.65 ? 47  HOH A O   1 
HETATM 954  O O   . HOH B 2 .   ? 3.609   8.859   6.430   1.00 38.90 ? 48  HOH A O   1 
HETATM 955  O O   . HOH B 2 .   ? -23.987 7.322   21.918  1.00 37.44 ? 49  HOH A O   1 
HETATM 956  O O   . HOH B 2 .   ? -6.909  0.718   15.293  1.00 38.06 ? 50  HOH A O   1 
HETATM 957  O O   . HOH B 2 .   ? 22.452  -10.764 -14.940 1.00 46.85 ? 51  HOH A O   1 
HETATM 958  O O   . HOH B 2 .   ? 0.115   -0.617  9.323   1.00 28.62 ? 52  HOH A O   1 
HETATM 959  O O   . HOH B 2 .   ? 6.144   7.680   6.368   1.00 32.18 ? 53  HOH A O   1 
HETATM 960  O O   . HOH B 2 .   ? -4.718  8.919   -6.156  1.00 38.32 ? 54  HOH A O   1 
HETATM 961  O O   . HOH B 2 .   ? 15.644  -5.418  -3.299  1.00 41.71 ? 55  HOH A O   1 
HETATM 962  O O   . HOH B 2 .   ? -29.066 3.564   25.289  1.00 46.58 ? 56  HOH A O   1 
HETATM 963  O O   . HOH B 2 .   ? -15.497 -0.258  16.128  1.00 29.67 ? 57  HOH A O   1 
HETATM 964  O O   . HOH B 2 .   ? -23.420 7.485   19.259  1.00 46.60 ? 58  HOH A O   1 
HETATM 965  O O   . HOH B 2 .   ? -15.619 16.597  20.587  1.00 35.56 ? 59  HOH A O   1 
HETATM 966  O O   . HOH B 2 .   ? -21.453 16.237  6.190   1.00 39.21 ? 60  HOH A O   1 
HETATM 967  O O   . HOH B 2 .   ? 8.314   -23.666 -19.142 1.00 41.32 ? 61  HOH A O   1 
HETATM 968  O O   . HOH B 2 .   ? 4.962   8.118   -0.303  1.00 38.83 ? 62  HOH A O   1 
HETATM 969  O O   . HOH B 2 .   ? -9.680  -2.248  9.584   1.00 39.49 ? 63  HOH A O   1 
HETATM 970  O O   . HOH B 2 .   ? 7.855   8.906   -0.164  1.00 40.09 ? 64  HOH A O   1 
HETATM 971  O O   . HOH B 2 .   ? -10.518 -0.833  12.337  1.00 27.87 ? 65  HOH A O   1 
HETATM 972  O O   . HOH B 2 .   ? -0.933  9.275   22.297  1.00 48.25 ? 66  HOH A O   1 
HETATM 973  O O   . HOH B 2 .   ? -13.229 -1.959  12.800  1.00 40.64 ? 67  HOH A O   1 
HETATM 974  O O   . HOH B 2 .   ? 7.078   -10.667 -6.428  1.00 35.74 ? 68  HOH A O   1 
HETATM 975  O O   . HOH B 2 .   ? 12.601  -18.551 -10.827 1.00 42.20 ? 69  HOH A O   1 
HETATM 976  O O   . HOH B 2 .   ? 0.651   -1.482  4.242   1.00 40.31 ? 70  HOH A O   1 
HETATM 977  O O   . HOH B 2 .   ? -9.370  0.089   7.457   1.00 40.92 ? 71  HOH A O   1 
HETATM 978  O O   . HOH B 2 .   ? 9.902   0.095   3.997   1.00 37.18 ? 72  HOH A O   1 
HETATM 979  O O   . HOH B 2 .   ? 2.917   -10.583 -7.092  1.00 38.74 ? 73  HOH A O   1 
HETATM 980  O O   . HOH B 2 .   ? 11.616  -3.226  -0.302  1.00 33.70 ? 74  HOH A O   1 
HETATM 981  O O   . HOH B 2 .   ? 7.342   1.874   -9.743  1.00 40.48 ? 75  HOH A O   1 
HETATM 982  O O   . HOH B 2 .   ? 19.747  -6.066  -7.818  1.00 40.24 ? 76  HOH A O   1 
HETATM 983  O O   . HOH B 2 .   ? 1.662   -7.951  -6.060  1.00 52.26 ? 77  HOH A O   1 
HETATM 984  O O   . HOH B 2 .   ? -0.989  8.505   -3.450  1.00 42.30 ? 78  HOH A O   1 
HETATM 985  O O   . HOH B 2 .   ? 12.032  -9.258  -3.955  1.00 48.32 ? 79  HOH A O   1 
HETATM 986  O O   . HOH B 2 .   ? -19.466 1.741   11.240  1.00 42.02 ? 80  HOH A O   1 
HETATM 987  O O   . HOH B 2 .   ? -16.444 1.977   10.805  1.00 36.18 ? 81  HOH A O   1 
HETATM 988  O O   . HOH B 2 .   ? -6.575  -0.015  7.274   1.00 39.85 ? 82  HOH A O   1 
HETATM 989  O O   . HOH B 2 .   ? 3.472   -1.230  3.478   1.00 42.62 ? 83  HOH A O   1 
HETATM 990  O O   . HOH B 2 .   ? -15.722 -0.579  13.118  1.00 42.70 ? 84  HOH A O   1 
HETATM 991  O O   . HOH B 2 .   ? 15.203  -11.586 -29.974 1.00 49.53 ? 85  HOH A O   1 
HETATM 992  O O   . HOH B 2 .   ? -4.343  -2.466  10.389  1.00 51.07 ? 86  HOH A O   1 
HETATM 993  O O   . HOH B 2 .   ? -8.691  -1.682  14.927  1.00 49.41 ? 87  HOH A O   1 
HETATM 994  O O   . HOH B 2 .   ? -3.225  -2.694  -8.289  1.00 50.41 ? 88  HOH A O   1 
HETATM 995  O O   . HOH B 2 .   ? -21.577 8.895   5.298   1.00 46.76 ? 89  HOH A O   1 
HETATM 996  O O   . HOH B 2 .   ? -11.415 13.118  -1.427  1.00 46.55 ? 90  HOH A O   1 
HETATM 997  O O   . HOH B 2 .   ? -21.069 5.112   6.129   1.00 41.57 ? 91  HOH A O   1 
HETATM 998  O O   . HOH B 2 .   ? -11.429 5.246   21.606  1.00 42.40 ? 92  HOH A O   1 
HETATM 999  O O   . HOH B 2 .   ? -10.842 14.740  3.407   1.00 30.47 ? 93  HOH A O   1 
HETATM 1000 O O   . HOH B 2 .   ? -7.020  12.111  4.768   1.00 38.87 ? 94  HOH A O   1 
HETATM 1001 O O   . HOH B 2 .   ? 8.426   -10.096 -18.237 1.00 31.19 ? 95  HOH A O   1 
HETATM 1002 O O   . HOH B 2 .   ? -3.617  10.301  -3.673  1.00 46.47 ? 96  HOH A O   1 
HETATM 1003 O O   . HOH B 2 .   ? -0.591  -3.250  -9.649  1.00 43.28 ? 97  HOH A O   1 
HETATM 1004 O O   . HOH B 2 .   ? -3.066  11.373  4.959   1.00 45.25 ? 98  HOH A O   1 
HETATM 1005 O O   . HOH B 2 .   ? -3.483  6.421   19.052  1.00 39.18 ? 99  HOH A O   1 
HETATM 1006 O O   . HOH B 2 .   ? -18.371 7.749   2.815   1.00 49.56 ? 100 HOH A O   1 
HETATM 1007 O O   . HOH B 2 .   ? -26.498 3.909   23.446  1.00 33.29 ? 101 HOH A O   1 
HETATM 1008 O O   . HOH B 2 .   ? 7.760   -8.618  -15.796 1.00 32.18 ? 102 HOH A O   1 
HETATM 1009 O O   . HOH B 2 .   ? 19.820  -6.617  -20.475 1.00 30.58 ? 103 HOH A O   1 
HETATM 1010 O O   . HOH B 2 .   ? 5.174   -7.767  -16.808 1.00 31.33 ? 104 HOH A O   1 
HETATM 1011 O O   . HOH B 2 .   ? 18.303  4.554   -1.875  1.00 40.33 ? 105 HOH A O   1 
HETATM 1012 O O   . HOH B 2 .   ? 4.182   -10.231 -3.720  1.00 48.80 ? 106 HOH A O   1 
# 
